data_3EU8
#
_entry.id   3EU8
#
_cell.length_a   58.180
_cell.length_b   71.760
_cell.length_c   221.790
_cell.angle_alpha   90.000
_cell.angle_beta   92.300
_cell.angle_gamma   90.000
#
_symmetry.space_group_name_H-M   'P 1 21 1'
#
loop_
_entity.id
_entity.type
_entity.pdbx_description
1 polymer 'putative glucoamylase'
2 non-polymer 'POTASSIUM ION'
3 non-polymer 1,2-ETHANEDIOL
4 non-polymer 'CHLORIDE ION'
5 water water
#
_entity_poly.entity_id   1
_entity_poly.type   'polypeptide(L)'
_entity_poly.pdbx_seq_one_letter_code
;GVACKPKEKPSSATSLTDDAL(MSE)DTVQRRTFNYFWDAAEPNSGLARERYH(MSE)DGEYPAGGPEIVTSGGSGFGI
(MSE)AILAGIDRGYVSREEGLRR(MSE)EKIVGFLEKADRFKGAYPHWWNGETGHVQPFGQKDNGGDLVETAFL(MSE)
QGLLAVHQYYAEGSAEEKKLAGRIDKLWREVDWNWYRHGGQNVLYWHWSPEYGWE(MSE)NFPVHGYNECLI(MSE)YIL
AAASPTHGVPAAVYHEGWAQNGAIVSPHKVEGIELHLRYQGGEAGPLFWAQYSFLGLDPVGLKDEYCPSYFNE(MSE)RN
LTLVNREYCIRNPKHYKGYGPDCWGLTASYSVDGYAAHGPLERDDRGVISPTAALSSIVYTPDQSLQV(MSE)HHLYE
(MSE)GDKVFGPYGFYDAFSETADWYPKRYLAIDQGPIAV(MSE)IENYRTGLLWKLF(MSE)SHPDVQNGLKKLGFNVK
K
;
_entity_poly.pdbx_strand_id   A,B,C,D
#
# COMPACT_ATOMS: atom_id res chain seq x y z
N LYS A 9 7.94 10.18 -3.42
CA LYS A 9 8.53 8.82 -3.67
C LYS A 9 7.88 8.15 -4.92
N PRO A 10 8.70 7.57 -5.80
CA PRO A 10 8.09 6.92 -6.97
C PRO A 10 7.48 5.54 -6.60
N SER A 11 6.34 5.23 -7.22
CA SER A 11 5.60 4.00 -6.86
C SER A 11 4.68 3.64 -8.00
N SER A 12 4.29 2.37 -8.07
CA SER A 12 3.30 1.90 -9.03
C SER A 12 1.92 2.49 -8.71
N ALA A 13 1.65 2.84 -7.46
CA ALA A 13 0.36 3.41 -7.04
C ALA A 13 0.27 4.95 -7.19
N THR A 14 1.37 5.62 -7.52
CA THR A 14 1.41 7.08 -7.76
C THR A 14 0.96 7.33 -9.22
N SER A 15 0.20 8.40 -9.44
CA SER A 15 -0.28 8.79 -10.78
C SER A 15 0.82 9.15 -11.77
N LEU A 16 0.54 8.95 -13.06
CA LEU A 16 1.36 9.50 -14.14
C LEU A 16 1.54 10.98 -13.93
N THR A 17 2.72 11.49 -14.22
CA THR A 17 2.88 12.94 -14.35
C THR A 17 1.95 13.43 -15.49
N ASP A 18 1.68 14.73 -15.51
CA ASP A 18 0.89 15.32 -16.57
C ASP A 18 1.55 15.08 -17.93
N ASP A 19 2.88 15.22 -17.98
CA ASP A 19 3.62 15.13 -19.22
C ASP A 19 3.55 13.69 -19.76
N ALA A 20 3.66 12.70 -18.88
CA ALA A 20 3.64 11.26 -19.30
C ALA A 20 2.25 10.88 -19.69
N LEU A 21 1.26 11.37 -18.95
CA LEU A 21 -0.15 11.19 -19.32
C LEU A 21 -0.43 11.80 -20.71
N ASP A 23 1.70 12.54 -23.16
CA ASP A 23 2.50 11.72 -24.09
C ASP A 23 1.72 10.48 -24.47
N THR A 24 1.24 9.77 -23.46
CA THR A 24 0.53 8.50 -23.68
C THR A 24 -0.76 8.70 -24.49
N VAL A 25 -1.54 9.72 -24.12
CA VAL A 25 -2.75 10.09 -24.82
C VAL A 25 -2.46 10.50 -26.27
N GLN A 26 -1.42 11.29 -26.47
CA GLN A 26 -1.02 11.71 -27.79
C GLN A 26 -0.55 10.57 -28.68
N ARG A 27 0.25 9.64 -28.13
CA ARG A 27 0.74 8.53 -28.91
C ARG A 27 -0.40 7.69 -29.42
N ARG A 28 -1.30 7.32 -28.52
CA ARG A 28 -2.46 6.51 -28.89
C ARG A 28 -3.42 7.20 -29.85
N THR A 29 -3.66 8.50 -29.63
CA THR A 29 -4.58 9.25 -30.47
C THR A 29 -3.98 9.54 -31.86
N PHE A 30 -2.68 9.78 -31.91
CA PHE A 30 -1.94 9.77 -33.16
C PHE A 30 -2.11 8.43 -33.89
N ASN A 31 -2.06 7.33 -33.16
CA ASN A 31 -2.15 6.01 -33.80
C ASN A 31 -3.54 5.78 -34.47
N TYR A 32 -4.56 6.49 -34.01
CA TYR A 32 -5.87 6.46 -34.66
C TYR A 32 -5.71 6.87 -36.13
N PHE A 33 -5.00 7.95 -36.37
CA PHE A 33 -4.82 8.47 -37.73
C PHE A 33 -3.71 7.78 -38.47
N TRP A 34 -2.74 7.20 -37.75
CA TRP A 34 -1.59 6.56 -38.38
C TRP A 34 -1.85 5.08 -38.69
N ASP A 35 -2.22 4.29 -37.69
CA ASP A 35 -2.41 2.88 -37.86
C ASP A 35 -3.82 2.59 -38.40
N ALA A 36 -4.82 3.38 -38.00
CA ALA A 36 -6.22 3.11 -38.36
C ALA A 36 -6.77 4.03 -39.50
N ALA A 37 -5.89 4.66 -40.26
CA ALA A 37 -6.21 5.32 -41.53
C ALA A 37 -6.84 4.33 -42.51
N GLU A 38 -7.83 4.79 -43.28
CA GLU A 38 -8.39 3.95 -44.33
C GLU A 38 -7.24 3.61 -45.31
N PRO A 39 -6.98 2.31 -45.58
CA PRO A 39 -5.78 1.97 -46.34
C PRO A 39 -5.69 2.44 -47.79
N ASN A 40 -6.80 2.62 -48.51
CA ASN A 40 -6.74 2.98 -49.93
C ASN A 40 -6.40 4.43 -50.16
N SER A 41 -7.08 5.29 -49.42
CA SER A 41 -6.94 6.73 -49.50
C SER A 41 -5.84 7.29 -48.59
N GLY A 42 -5.57 6.64 -47.45
CA GLY A 42 -4.73 7.18 -46.44
C GLY A 42 -5.41 8.19 -45.54
N LEU A 43 -6.73 8.43 -45.73
CA LEU A 43 -7.40 9.51 -44.98
C LEU A 43 -8.03 8.99 -43.71
N ALA A 44 -8.53 9.92 -42.91
CA ALA A 44 -9.17 9.59 -41.62
C ALA A 44 -10.55 8.96 -41.84
N ARG A 45 -10.77 7.80 -41.20
CA ARG A 45 -12.07 7.17 -41.19
C ARG A 45 -13.05 8.00 -40.38
N GLU A 46 -14.26 8.18 -40.90
CA GLU A 46 -15.31 8.92 -40.18
C GLU A 46 -15.51 8.26 -38.82
N ARG A 47 -15.58 6.92 -38.81
CA ARG A 47 -15.88 6.12 -37.61
C ARG A 47 -15.08 4.81 -37.63
N TYR A 48 -14.77 4.31 -36.43
CA TYR A 48 -14.05 3.06 -36.28
C TYR A 48 -14.49 2.36 -34.98
N HIS A 49 -15.05 1.16 -35.14
CA HIS A 49 -15.75 0.45 -34.06
C HIS A 49 -15.02 -0.83 -33.69
N ASP A 51 -15.86 -3.12 -31.82
CA ASP A 51 -16.83 -4.23 -31.86
C ASP A 51 -17.22 -4.75 -33.26
N GLY A 52 -16.87 -4.02 -34.31
CA GLY A 52 -17.06 -4.43 -35.68
C GLY A 52 -18.43 -4.24 -36.29
N GLU A 53 -19.36 -3.74 -35.50
CA GLU A 53 -20.74 -3.52 -35.94
C GLU A 53 -20.94 -2.08 -36.39
N TYR A 54 -21.45 -1.92 -37.61
CA TYR A 54 -21.63 -0.62 -38.24
C TYR A 54 -23.07 -0.51 -38.76
N PRO A 55 -24.00 -0.03 -37.91
CA PRO A 55 -25.42 0.08 -38.27
C PRO A 55 -25.76 1.30 -39.16
N ALA A 56 -24.87 2.28 -39.24
CA ALA A 56 -25.19 3.52 -39.90
C ALA A 56 -24.05 4.03 -40.74
N GLY A 57 -23.47 3.14 -41.55
CA GLY A 57 -22.31 3.50 -42.35
C GLY A 57 -21.00 2.87 -41.88
N GLY A 58 -20.16 2.47 -42.82
CA GLY A 58 -18.96 1.70 -42.52
C GLY A 58 -17.70 2.51 -42.28
N PRO A 59 -16.65 1.82 -41.86
CA PRO A 59 -15.36 2.40 -41.59
C PRO A 59 -14.57 2.77 -42.87
N GLU A 60 -15.03 2.37 -44.05
CA GLU A 60 -14.34 2.71 -45.30
C GLU A 60 -14.63 4.17 -45.76
N ILE A 61 -15.65 4.79 -45.17
CA ILE A 61 -15.99 6.21 -45.42
C ILE A 61 -14.96 7.15 -44.75
N VAL A 62 -14.42 8.09 -45.54
CA VAL A 62 -13.40 8.97 -45.05
C VAL A 62 -13.99 10.38 -45.05
N THR A 63 -13.57 11.17 -44.09
CA THR A 63 -14.11 12.50 -43.86
C THR A 63 -13.08 13.53 -44.21
N SER A 64 -13.50 14.54 -44.97
CA SER A 64 -12.60 15.64 -45.33
C SER A 64 -12.12 16.49 -44.12
N GLY A 65 -13.05 17.01 -43.32
CA GLY A 65 -12.70 17.80 -42.15
C GLY A 65 -11.88 17.04 -41.10
N GLY A 66 -12.36 15.83 -40.79
CA GLY A 66 -11.68 14.94 -39.90
C GLY A 66 -10.30 14.60 -40.39
N SER A 67 -10.11 14.54 -41.71
CA SER A 67 -8.77 14.26 -42.26
C SER A 67 -7.85 15.46 -42.09
N GLY A 68 -8.40 16.67 -42.16
CA GLY A 68 -7.69 17.90 -41.83
C GLY A 68 -7.16 17.93 -40.40
N PHE A 69 -8.00 17.58 -39.42
CA PHE A 69 -7.54 17.42 -38.04
C PHE A 69 -6.47 16.34 -37.95
N GLY A 70 -6.71 15.21 -38.61
CA GLY A 70 -5.79 14.11 -38.59
C GLY A 70 -4.42 14.41 -39.14
N ILE A 71 -4.34 15.15 -40.26
CA ILE A 71 -3.03 15.47 -40.84
C ILE A 71 -2.27 16.39 -39.93
N ALA A 73 -2.66 16.13 -36.50
CA ALA A 73 -2.17 15.16 -35.51
C ALA A 73 -0.94 14.45 -36.02
N ILE A 74 -0.91 14.13 -37.31
CA ILE A 74 0.25 13.43 -37.92
C ILE A 74 1.48 14.35 -37.94
N LEU A 75 1.30 15.61 -38.28
CA LEU A 75 2.39 16.64 -38.15
C LEU A 75 3.02 16.64 -36.78
N ALA A 76 2.16 16.70 -35.75
CA ALA A 76 2.64 16.59 -34.35
C ALA A 76 3.52 15.36 -34.15
N GLY A 77 3.10 14.22 -34.70
CA GLY A 77 3.82 12.96 -34.59
C GLY A 77 5.17 12.94 -35.28
N ILE A 78 5.24 13.49 -36.48
CA ILE A 78 6.51 13.66 -37.21
C ILE A 78 7.45 14.51 -36.36
N ASP A 79 6.92 15.63 -35.83
CA ASP A 79 7.73 16.63 -35.10
C ASP A 79 8.35 16.04 -33.79
N ARG A 80 7.65 15.07 -33.19
CA ARG A 80 8.09 14.37 -31.98
C ARG A 80 8.87 13.04 -32.30
N GLY A 81 8.98 12.67 -33.56
CA GLY A 81 9.65 11.44 -33.92
C GLY A 81 8.84 10.17 -33.65
N TYR A 82 7.52 10.28 -33.59
CA TYR A 82 6.62 9.11 -33.51
C TYR A 82 6.82 8.19 -34.70
N VAL A 83 6.98 8.84 -35.86
CA VAL A 83 7.37 8.21 -37.13
C VAL A 83 8.49 9.04 -37.78
N SER A 84 9.19 8.44 -38.73
CA SER A 84 10.32 9.12 -39.36
C SER A 84 9.82 10.19 -40.32
N ARG A 85 10.69 11.14 -40.66
CA ARG A 85 10.36 12.14 -41.69
C ARG A 85 9.93 11.47 -42.97
N GLU A 86 10.68 10.44 -43.33
CA GLU A 86 10.48 9.77 -44.59
C GLU A 86 9.11 9.10 -44.61
N GLU A 87 8.79 8.36 -43.54
CA GLU A 87 7.50 7.74 -43.37
C GLU A 87 6.39 8.81 -43.39
N GLY A 88 6.59 9.88 -42.63
CA GLY A 88 5.66 11.02 -42.58
C GLY A 88 5.41 11.58 -43.96
N LEU A 89 6.47 11.81 -44.75
CA LEU A 89 6.29 12.35 -46.11
C LEU A 89 5.53 11.40 -47.04
N ARG A 90 5.80 10.11 -46.93
CA ARG A 90 5.10 9.12 -47.76
C ARG A 90 3.62 9.11 -47.48
N ARG A 91 3.24 9.30 -46.21
CA ARG A 91 1.81 9.43 -45.86
C ARG A 91 1.16 10.68 -46.44
N GLU A 93 2.11 12.38 -49.03
CA GLU A 93 2.05 12.11 -50.49
C GLU A 93 0.83 11.26 -50.86
N LYS A 94 0.55 10.23 -50.08
CA LYS A 94 -0.66 9.40 -50.28
C LYS A 94 -1.94 10.18 -50.13
N ILE A 95 -2.05 10.96 -49.06
CA ILE A 95 -3.22 11.78 -48.76
C ILE A 95 -3.46 12.84 -49.86
N VAL A 96 -2.40 13.56 -50.20
CA VAL A 96 -2.49 14.54 -51.28
C VAL A 96 -2.83 13.89 -52.64
N GLY A 97 -2.22 12.75 -52.96
CA GLY A 97 -2.60 11.97 -54.13
C GLY A 97 -4.08 11.66 -54.23
N PHE A 98 -4.68 11.21 -53.11
CA PHE A 98 -6.12 10.99 -53.08
C PHE A 98 -6.89 12.26 -53.32
N LEU A 99 -6.48 13.34 -52.68
CA LEU A 99 -7.21 14.62 -52.82
C LEU A 99 -7.19 15.12 -54.27
N GLU A 100 -6.09 14.83 -54.97
CA GLU A 100 -5.90 15.26 -56.37
C GLU A 100 -6.76 14.49 -57.36
N LYS A 101 -7.27 13.32 -56.96
CA LYS A 101 -8.10 12.44 -57.81
C LYS A 101 -9.54 12.28 -57.33
N ALA A 102 -9.82 12.46 -56.03
CA ALA A 102 -11.18 12.26 -55.45
C ALA A 102 -12.15 13.38 -55.93
N ASP A 103 -13.45 13.12 -55.82
CA ASP A 103 -14.51 14.06 -56.22
C ASP A 103 -14.33 15.41 -55.57
N ARG A 104 -14.37 16.46 -56.38
CA ARG A 104 -14.39 17.85 -55.91
C ARG A 104 -15.48 18.63 -56.59
N PHE A 105 -15.90 19.72 -55.95
CA PHE A 105 -17.03 20.51 -56.41
C PHE A 105 -16.70 22.00 -56.30
N LYS A 106 -16.37 22.61 -57.45
CA LYS A 106 -15.83 23.97 -57.53
C LYS A 106 -14.60 24.15 -56.64
N GLY A 107 -13.75 23.11 -56.65
CA GLY A 107 -12.51 23.05 -55.86
C GLY A 107 -12.70 22.83 -54.36
N ALA A 108 -13.96 22.75 -53.89
CA ALA A 108 -14.25 22.37 -52.52
C ALA A 108 -14.39 20.86 -52.47
N TYR A 109 -14.35 20.30 -51.28
CA TYR A 109 -14.43 18.86 -51.07
C TYR A 109 -15.79 18.53 -50.46
N PRO A 110 -16.27 17.32 -50.72
CA PRO A 110 -17.45 16.84 -50.02
C PRO A 110 -17.15 16.53 -48.56
N HIS A 111 -18.19 16.40 -47.74
CA HIS A 111 -18.00 15.94 -46.36
C HIS A 111 -17.36 14.55 -46.34
N TRP A 112 -17.92 13.62 -47.11
CA TRP A 112 -17.46 12.24 -47.14
C TRP A 112 -17.17 11.73 -48.53
N TRP A 113 -16.19 10.83 -48.60
CA TRP A 113 -15.99 9.93 -49.75
C TRP A 113 -15.93 8.51 -49.21
N ASN A 114 -16.20 7.56 -50.09
CA ASN A 114 -15.76 6.21 -49.93
C ASN A 114 -14.28 6.19 -50.27
N GLY A 115 -13.47 5.85 -49.26
CA GLY A 115 -12.02 5.85 -49.41
C GLY A 115 -11.52 4.90 -50.48
N GLU A 116 -12.29 3.85 -50.74
CA GLU A 116 -11.93 2.81 -51.72
C GLU A 116 -12.23 3.21 -53.18
N THR A 117 -13.06 4.23 -53.39
CA THR A 117 -13.44 4.65 -54.74
C THR A 117 -13.08 6.10 -55.10
N GLY A 118 -12.93 6.98 -54.10
CA GLY A 118 -12.74 8.44 -54.34
C GLY A 118 -14.01 9.16 -54.71
N HIS A 119 -15.15 8.47 -54.63
CA HIS A 119 -16.43 9.09 -54.95
C HIS A 119 -17.14 9.58 -53.70
N VAL A 120 -17.87 10.68 -53.86
CA VAL A 120 -18.64 11.29 -52.81
C VAL A 120 -19.58 10.27 -52.17
N GLN A 121 -19.64 10.31 -50.84
CA GLN A 121 -20.62 9.54 -50.11
C GLN A 121 -21.63 10.55 -49.56
N PRO A 122 -22.86 10.56 -50.10
CA PRO A 122 -23.78 11.60 -49.66
C PRO A 122 -24.21 11.41 -48.22
N PHE A 123 -24.46 12.51 -47.50
CA PHE A 123 -25.39 12.40 -46.37
C PHE A 123 -26.75 12.89 -46.78
N GLY A 124 -27.67 11.95 -46.94
CA GLY A 124 -29.00 12.31 -47.35
C GLY A 124 -29.00 12.86 -48.75
N GLN A 125 -30.17 12.84 -49.35
CA GLN A 125 -30.33 12.92 -50.79
C GLN A 125 -29.60 14.09 -51.43
N LYS A 126 -29.74 15.29 -50.87
CA LYS A 126 -29.31 16.52 -51.53
C LYS A 126 -27.88 17.00 -51.18
N ASP A 127 -27.29 16.41 -50.14
CA ASP A 127 -25.94 16.77 -49.72
C ASP A 127 -24.96 15.79 -50.35
N ASN A 128 -24.77 15.95 -51.67
CA ASN A 128 -23.92 15.08 -52.46
C ASN A 128 -22.86 15.85 -53.22
N GLY A 129 -22.59 17.10 -52.82
CA GLY A 129 -21.58 17.90 -53.48
C GLY A 129 -20.57 18.48 -52.50
N GLY A 130 -20.20 19.74 -52.74
CA GLY A 130 -19.23 20.43 -51.90
C GLY A 130 -19.80 20.74 -50.54
N ASP A 131 -18.94 20.66 -49.53
CA ASP A 131 -19.24 21.14 -48.19
C ASP A 131 -18.09 22.07 -47.87
N LEU A 132 -18.36 23.37 -47.81
CA LEU A 132 -17.30 24.40 -47.62
C LEU A 132 -16.79 24.52 -46.16
N VAL A 133 -17.60 24.09 -45.19
CA VAL A 133 -17.20 24.05 -43.78
C VAL A 133 -16.14 22.95 -43.62
N GLU A 134 -16.43 21.77 -44.12
CA GLU A 134 -15.49 20.68 -44.09
C GLU A 134 -14.23 21.00 -44.84
N THR A 135 -14.37 21.66 -46.00
CA THR A 135 -13.23 22.11 -46.86
C THR A 135 -12.30 22.98 -46.11
N ALA A 136 -12.91 23.93 -45.38
CA ALA A 136 -12.19 24.81 -44.47
C ALA A 136 -11.44 24.06 -43.39
N PHE A 137 -12.02 23.01 -42.78
CA PHE A 137 -11.26 22.20 -41.78
C PHE A 137 -10.13 21.42 -42.42
N LEU A 138 -10.36 20.89 -43.62
CA LEU A 138 -9.28 20.23 -44.36
C LEU A 138 -8.13 21.18 -44.66
N GLN A 140 -7.34 24.11 -43.28
CA GLN A 140 -6.63 24.56 -42.08
C GLN A 140 -5.46 23.58 -41.76
N GLY A 141 -5.71 22.28 -41.94
CA GLY A 141 -4.70 21.25 -41.73
C GLY A 141 -3.65 21.31 -42.78
N LEU A 142 -4.09 21.33 -44.04
CA LEU A 142 -3.19 21.30 -45.21
C LEU A 142 -2.26 22.50 -45.29
N LEU A 143 -2.76 23.68 -44.93
CA LEU A 143 -1.88 24.88 -44.90
C LEU A 143 -0.79 24.81 -43.79
N ALA A 144 -1.06 24.11 -42.69
CA ALA A 144 -0.06 23.87 -41.64
C ALA A 144 1.07 22.94 -42.16
N VAL A 145 0.70 21.89 -42.87
CA VAL A 145 1.66 20.97 -43.50
C VAL A 145 2.48 21.69 -44.52
N HIS A 146 1.85 22.53 -45.35
CA HIS A 146 2.60 23.39 -46.29
C HIS A 146 3.72 24.19 -45.58
N GLN A 147 3.36 24.89 -44.52
CA GLN A 147 4.35 25.67 -43.76
C GLN A 147 5.42 24.78 -43.09
N TYR A 148 5.05 23.63 -42.56
CA TYR A 148 6.04 22.68 -41.97
C TYR A 148 7.10 22.24 -43.01
N TYR A 149 6.66 22.07 -44.24
CA TYR A 149 7.47 21.59 -45.36
C TYR A 149 8.03 22.68 -46.30
N ALA A 150 7.61 23.93 -46.14
CA ALA A 150 8.08 25.01 -47.01
C ALA A 150 9.61 25.14 -47.09
N GLU A 151 10.32 24.83 -46.01
CA GLU A 151 11.79 24.92 -46.02
C GLU A 151 12.42 23.58 -45.76
N GLY A 152 11.75 22.52 -46.20
CA GLY A 152 12.17 21.18 -45.95
C GLY A 152 13.02 20.66 -47.09
N SER A 153 12.99 19.35 -47.24
CA SER A 153 13.72 18.69 -48.32
C SER A 153 13.11 19.06 -49.67
N ALA A 154 13.83 18.76 -50.73
CA ALA A 154 13.32 18.92 -52.09
C ALA A 154 12.00 18.14 -52.24
N GLU A 155 11.95 16.92 -51.71
CA GLU A 155 10.74 16.10 -51.78
C GLU A 155 9.56 16.67 -50.96
N GLU A 156 9.85 17.20 -49.77
CA GLU A 156 8.84 17.82 -48.90
C GLU A 156 8.31 19.10 -49.54
N LYS A 157 9.22 19.88 -50.10
CA LYS A 157 8.86 21.11 -50.82
C LYS A 157 8.01 20.83 -52.06
N LYS A 158 8.28 19.72 -52.74
CA LYS A 158 7.45 19.29 -53.87
C LYS A 158 6.01 19.02 -53.41
N LEU A 159 5.87 18.33 -52.28
CA LEU A 159 4.58 18.02 -51.70
C LEU A 159 3.84 19.29 -51.29
N ALA A 160 4.57 20.21 -50.65
CA ALA A 160 4.03 21.52 -50.29
C ALA A 160 3.49 22.25 -51.53
N GLY A 161 4.18 22.16 -52.66
CA GLY A 161 3.67 22.78 -53.90
C GLY A 161 2.34 22.18 -54.37
N ARG A 162 2.18 20.89 -54.23
CA ARG A 162 0.96 20.25 -54.62
C ARG A 162 -0.21 20.70 -53.73
N ILE A 163 0.06 20.82 -52.43
CA ILE A 163 -0.89 21.42 -51.48
C ILE A 163 -1.26 22.86 -51.84
N ASP A 164 -0.27 23.66 -52.22
CA ASP A 164 -0.57 25.04 -52.60
C ASP A 164 -1.50 25.12 -53.83
N LYS A 165 -1.31 24.20 -54.78
CA LYS A 165 -2.21 24.10 -55.94
C LYS A 165 -3.64 23.71 -55.53
N LEU A 166 -3.79 22.70 -54.66
CA LEU A 166 -5.14 22.38 -54.09
C LEU A 166 -5.79 23.57 -53.42
N TRP A 167 -5.03 24.26 -52.58
CA TRP A 167 -5.46 25.51 -51.95
C TRP A 167 -5.91 26.55 -52.96
N ARG A 168 -5.12 26.77 -53.99
CA ARG A 168 -5.48 27.74 -55.03
C ARG A 168 -6.76 27.42 -55.78
N GLU A 169 -7.06 26.14 -55.94
CA GLU A 169 -8.23 25.67 -56.68
C GLU A 169 -9.54 25.81 -55.97
N VAL A 170 -9.54 26.02 -54.66
CA VAL A 170 -10.79 26.13 -53.95
C VAL A 170 -11.48 27.44 -54.34
N ASP A 171 -12.70 27.35 -54.88
CA ASP A 171 -13.42 28.55 -55.35
C ASP A 171 -14.40 29.05 -54.30
N TRP A 172 -13.88 29.70 -53.27
CA TRP A 172 -14.69 30.17 -52.13
C TRP A 172 -15.77 31.14 -52.62
N ASN A 173 -15.37 31.98 -53.55
CA ASN A 173 -16.29 32.96 -54.13
C ASN A 173 -17.51 32.33 -54.84
N TRP A 174 -17.33 31.18 -55.50
CA TRP A 174 -18.48 30.40 -56.01
C TRP A 174 -19.60 30.21 -54.99
N TYR A 175 -19.20 29.91 -53.74
CA TYR A 175 -20.14 29.58 -52.65
C TYR A 175 -20.85 30.78 -52.06
N ARG A 176 -20.66 31.96 -52.67
CA ARG A 176 -21.47 33.13 -52.35
C ARG A 176 -22.84 33.15 -53.04
N HIS A 177 -23.10 32.17 -53.89
CA HIS A 177 -24.40 31.96 -54.52
C HIS A 177 -24.83 33.23 -55.29
N GLY A 178 -24.01 33.59 -56.27
CA GLY A 178 -24.22 34.79 -57.08
C GLY A 178 -23.76 36.07 -56.42
N GLY A 179 -22.64 36.03 -55.73
CA GLY A 179 -22.01 37.24 -55.22
C GLY A 179 -22.66 37.88 -54.02
N GLN A 180 -23.41 37.11 -53.24
CA GLN A 180 -24.03 37.60 -52.06
C GLN A 180 -22.96 37.80 -50.98
N ASN A 181 -23.21 38.64 -49.99
CA ASN A 181 -22.29 38.86 -48.88
C ASN A 181 -22.47 37.89 -47.71
N VAL A 182 -22.29 36.62 -48.05
CA VAL A 182 -22.41 35.49 -47.12
C VAL A 182 -21.85 34.27 -47.84
N LEU A 183 -21.46 33.25 -47.06
CA LEU A 183 -21.08 31.94 -47.60
C LEU A 183 -22.17 30.90 -47.30
N TYR A 184 -22.49 30.11 -48.32
CA TYR A 184 -23.34 28.93 -48.21
C TYR A 184 -22.50 27.68 -47.92
N TRP A 185 -23.02 26.83 -47.07
CA TRP A 185 -22.35 25.63 -46.57
C TRP A 185 -22.13 24.61 -47.71
N HIS A 186 -23.14 24.45 -48.56
CA HIS A 186 -23.19 23.38 -49.54
C HIS A 186 -23.46 23.90 -50.96
N TRP A 187 -22.99 23.13 -51.95
CA TRP A 187 -23.41 23.24 -53.34
C TRP A 187 -23.35 21.86 -53.99
N SER A 188 -24.39 21.53 -54.74
CA SER A 188 -24.47 20.27 -55.51
C SER A 188 -24.59 20.49 -57.04
N PRO A 189 -23.83 19.72 -57.84
CA PRO A 189 -24.04 19.76 -59.31
C PRO A 189 -25.46 19.40 -59.71
N GLU A 190 -26.04 18.45 -58.98
CA GLU A 190 -27.41 17.97 -59.22
C GLU A 190 -28.48 18.85 -58.59
N TYR A 191 -28.31 19.21 -57.32
CA TYR A 191 -29.34 19.94 -56.59
C TYR A 191 -29.05 21.40 -56.39
N GLY A 192 -27.93 21.90 -56.92
CA GLY A 192 -27.60 23.32 -56.79
C GLY A 192 -27.53 23.87 -55.35
N TRP A 193 -28.34 24.88 -55.08
CA TRP A 193 -28.31 25.57 -53.78
C TRP A 193 -29.46 25.13 -52.85
N GLU A 194 -30.10 24.00 -53.16
CA GLU A 194 -31.32 23.59 -52.48
C GLU A 194 -31.13 23.31 -50.98
N ASN A 196 -29.46 25.22 -49.12
CA ASN A 196 -29.81 26.56 -48.71
C ASN A 196 -29.44 26.92 -47.26
N PHE A 197 -28.17 26.84 -46.94
CA PHE A 197 -27.74 27.08 -45.57
C PHE A 197 -26.70 28.20 -45.56
N PRO A 198 -27.15 29.48 -45.58
CA PRO A 198 -26.14 30.53 -45.38
C PRO A 198 -25.61 30.47 -43.95
N VAL A 199 -24.32 30.73 -43.77
CA VAL A 199 -23.68 30.49 -42.51
C VAL A 199 -23.45 31.80 -41.75
N HIS A 200 -24.18 31.93 -40.64
CA HIS A 200 -24.11 33.08 -39.74
C HIS A 200 -23.54 32.60 -38.41
N GLY A 201 -22.76 33.46 -37.73
CA GLY A 201 -22.15 33.10 -36.44
C GLY A 201 -23.01 33.49 -35.25
N TYR A 202 -22.60 33.13 -34.03
CA TYR A 202 -21.40 32.32 -33.79
C TYR A 202 -21.71 30.82 -33.80
N ASN A 203 -20.83 30.04 -34.44
CA ASN A 203 -20.83 28.59 -34.36
C ASN A 203 -19.40 28.10 -34.70
N GLU A 204 -19.24 26.84 -35.07
CA GLU A 204 -17.89 26.27 -35.28
C GLU A 204 -17.19 26.69 -36.58
N CYS A 205 -17.84 27.54 -37.39
CA CYS A 205 -17.41 27.79 -38.78
C CYS A 205 -16.55 28.99 -39.08
N LEU A 206 -15.98 29.67 -38.05
CA LEU A 206 -15.22 30.90 -38.27
C LEU A 206 -14.09 30.73 -39.30
N ILE A 207 -13.37 29.61 -39.18
CA ILE A 207 -12.18 29.39 -40.00
C ILE A 207 -12.55 29.40 -41.48
N TYR A 209 -14.75 31.44 -43.02
CA TYR A 209 -14.73 32.85 -43.41
C TYR A 209 -13.33 33.39 -43.51
N ILE A 210 -12.49 33.06 -42.53
CA ILE A 210 -11.08 33.45 -42.53
C ILE A 210 -10.28 32.93 -43.75
N LEU A 211 -10.49 31.66 -44.11
CA LEU A 211 -9.81 31.07 -45.24
C LEU A 211 -10.39 31.63 -46.53
N ALA A 212 -11.70 31.86 -46.58
CA ALA A 212 -12.29 32.51 -47.77
C ALA A 212 -11.69 33.90 -48.04
N ALA A 213 -11.46 34.68 -46.97
CA ALA A 213 -10.83 35.99 -47.09
C ALA A 213 -9.38 35.87 -47.47
N ALA A 214 -8.71 34.82 -46.97
CA ALA A 214 -7.30 34.52 -47.22
C ALA A 214 -6.94 34.06 -48.63
N SER A 215 -7.89 33.45 -49.35
CA SER A 215 -7.57 32.87 -50.65
C SER A 215 -6.90 33.92 -51.59
N PRO A 216 -5.71 33.61 -52.11
CA PRO A 216 -5.09 34.50 -53.11
C PRO A 216 -5.60 34.29 -54.55
N THR A 217 -6.60 33.43 -54.74
CA THR A 217 -7.11 33.13 -56.07
C THR A 217 -8.59 33.39 -56.21
N HIS A 218 -9.40 32.92 -55.25
CA HIS A 218 -10.86 33.03 -55.33
C HIS A 218 -11.44 33.51 -53.98
N GLY A 219 -10.74 34.51 -53.40
CA GLY A 219 -11.07 35.10 -52.11
C GLY A 219 -12.26 36.03 -52.22
N VAL A 220 -12.85 36.34 -51.07
CA VAL A 220 -14.09 37.12 -50.97
C VAL A 220 -13.79 38.46 -50.32
N PRO A 221 -14.65 39.47 -50.57
CA PRO A 221 -14.47 40.73 -49.89
C PRO A 221 -14.81 40.64 -48.41
N ALA A 222 -14.25 41.57 -47.64
CA ALA A 222 -14.48 41.67 -46.21
C ALA A 222 -16.00 41.70 -45.89
N ALA A 223 -16.81 42.30 -46.77
CA ALA A 223 -18.27 42.39 -46.60
C ALA A 223 -18.93 41.03 -46.38
N VAL A 224 -18.36 39.98 -46.97
CA VAL A 224 -18.89 38.62 -46.83
C VAL A 224 -18.84 38.21 -45.32
N TYR A 225 -17.76 38.59 -44.64
CA TYR A 225 -17.60 38.33 -43.20
C TYR A 225 -18.49 39.25 -42.34
N HIS A 226 -18.41 40.55 -42.62
CA HIS A 226 -19.10 41.54 -41.78
C HIS A 226 -20.63 41.47 -41.82
N GLU A 227 -21.16 41.26 -43.02
CA GLU A 227 -22.58 41.10 -43.25
C GLU A 227 -23.05 39.65 -43.07
N GLY A 228 -22.31 38.67 -43.58
CA GLY A 228 -22.76 37.27 -43.57
C GLY A 228 -22.54 36.56 -42.25
N TRP A 229 -21.29 36.45 -41.83
CA TRP A 229 -20.92 35.80 -40.55
C TRP A 229 -21.42 36.61 -39.34
N ALA A 230 -21.08 37.90 -39.30
CA ALA A 230 -21.26 38.76 -38.13
C ALA A 230 -22.60 39.51 -38.14
N GLN A 231 -23.32 39.47 -39.27
CA GLN A 231 -24.58 40.16 -39.48
C GLN A 231 -24.59 41.58 -38.92
N ASN A 232 -23.62 42.35 -39.40
CA ASN A 232 -23.47 43.75 -39.09
C ASN A 232 -23.38 44.07 -37.60
N GLY A 233 -22.75 43.17 -36.84
CA GLY A 233 -22.64 43.30 -35.39
C GLY A 233 -23.67 42.55 -34.55
N ALA A 234 -24.67 41.95 -35.18
CA ALA A 234 -25.64 41.10 -34.46
C ALA A 234 -24.94 39.93 -33.74
N ILE A 235 -23.77 39.53 -34.24
CA ILE A 235 -23.01 38.47 -33.60
C ILE A 235 -22.53 38.86 -32.17
N VAL A 236 -22.54 40.15 -31.84
CA VAL A 236 -22.19 40.62 -30.50
C VAL A 236 -23.47 40.69 -29.66
N SER A 237 -23.50 39.94 -28.56
CA SER A 237 -24.68 39.87 -27.68
C SER A 237 -24.32 39.39 -26.28
N PRO A 238 -23.72 40.26 -25.47
CA PRO A 238 -23.22 39.84 -24.17
C PRO A 238 -24.33 39.33 -23.20
N HIS A 239 -24.10 38.17 -22.59
CA HIS A 239 -25.11 37.54 -21.73
C HIS A 239 -24.41 36.53 -20.80
N LYS A 240 -25.09 36.10 -19.74
CA LYS A 240 -24.51 35.07 -18.85
C LYS A 240 -25.22 33.72 -18.99
N VAL A 241 -24.42 32.66 -18.94
CA VAL A 241 -24.89 31.30 -18.87
C VAL A 241 -24.09 30.66 -17.75
N GLU A 242 -24.81 29.95 -16.84
CA GLU A 242 -24.23 29.35 -15.63
C GLU A 242 -23.41 30.39 -14.86
N GLY A 243 -23.88 31.64 -14.87
CA GLY A 243 -23.20 32.73 -14.17
C GLY A 243 -21.92 33.25 -14.83
N ILE A 244 -21.65 32.80 -16.05
CA ILE A 244 -20.40 33.12 -16.74
C ILE A 244 -20.71 33.96 -18.00
N GLU A 245 -19.97 35.05 -18.17
CA GLU A 245 -20.16 35.94 -19.32
C GLU A 245 -19.73 35.30 -20.63
N LEU A 246 -20.63 35.37 -21.62
CA LEU A 246 -20.30 35.12 -23.03
C LEU A 246 -20.59 36.41 -23.78
N HIS A 247 -19.67 36.80 -24.65
CA HIS A 247 -19.76 38.04 -25.44
C HIS A 247 -20.58 37.83 -26.71
N LEU A 248 -20.55 36.63 -27.28
CA LEU A 248 -21.10 36.42 -28.62
C LEU A 248 -22.54 35.91 -28.64
N ARG A 249 -23.23 36.13 -29.75
CA ARG A 249 -24.54 35.54 -29.97
C ARG A 249 -24.32 34.14 -30.53
N TYR A 250 -24.78 33.10 -29.83
CA TYR A 250 -24.58 31.74 -30.27
C TYR A 250 -25.76 31.33 -31.14
N GLN A 251 -25.48 30.62 -32.23
CA GLN A 251 -26.55 30.18 -33.13
C GLN A 251 -27.42 29.15 -32.40
N GLY A 252 -28.72 29.36 -32.46
CA GLY A 252 -29.70 28.45 -31.90
C GLY A 252 -29.91 28.50 -30.39
N GLY A 253 -29.27 29.43 -29.69
CA GLY A 253 -29.39 29.50 -28.22
C GLY A 253 -28.38 30.38 -27.50
N GLU A 254 -28.21 30.13 -26.20
CA GLU A 254 -27.38 30.96 -25.32
C GLU A 254 -25.93 30.50 -25.28
N ALA A 255 -25.69 29.27 -25.74
CA ALA A 255 -24.35 28.74 -25.80
C ALA A 255 -24.38 27.65 -26.85
N GLY A 256 -23.46 26.69 -26.77
CA GLY A 256 -23.45 25.62 -27.75
C GLY A 256 -22.61 24.49 -27.27
N PRO A 257 -22.52 23.41 -28.06
CA PRO A 257 -21.63 22.31 -27.72
C PRO A 257 -20.16 22.72 -27.70
N LEU A 258 -19.33 22.04 -26.91
CA LEU A 258 -18.00 22.61 -26.62
C LEU A 258 -17.10 22.62 -27.86
N PHE A 259 -17.35 21.77 -28.85
CA PHE A 259 -16.47 21.74 -30.05
C PHE A 259 -16.46 23.06 -30.81
N TRP A 260 -17.47 23.90 -30.60
CA TRP A 260 -17.48 25.24 -31.18
C TRP A 260 -16.34 26.12 -30.68
N ALA A 261 -15.83 25.83 -29.49
CA ALA A 261 -14.64 26.52 -28.93
C ALA A 261 -13.32 26.01 -29.55
N GLN A 262 -13.39 24.98 -30.39
CA GLN A 262 -12.21 24.17 -30.69
C GLN A 262 -11.84 24.04 -32.19
N TYR A 263 -12.78 23.68 -33.05
CA TYR A 263 -12.44 23.32 -34.45
C TYR A 263 -11.76 24.44 -35.25
N SER A 264 -12.24 25.67 -35.08
CA SER A 264 -11.74 26.83 -35.81
C SER A 264 -10.48 27.40 -35.16
N PHE A 265 -10.04 26.78 -34.04
CA PHE A 265 -8.89 27.24 -33.27
C PHE A 265 -7.75 26.20 -33.16
N LEU A 266 -7.80 25.20 -34.03
CA LEU A 266 -6.72 24.21 -34.13
C LEU A 266 -5.43 24.82 -34.76
N GLY A 267 -5.65 25.63 -35.82
CA GLY A 267 -4.59 26.38 -36.49
C GLY A 267 -4.67 27.87 -36.22
N LEU A 268 -5.86 28.44 -36.33
CA LEU A 268 -6.05 29.84 -35.88
C LEU A 268 -5.78 29.90 -34.38
N ASP A 269 -4.81 30.74 -33.99
CA ASP A 269 -4.39 30.89 -32.62
C ASP A 269 -5.32 31.91 -31.96
N PRO A 270 -6.10 31.47 -30.93
CA PRO A 270 -6.96 32.39 -30.17
C PRO A 270 -6.26 33.32 -29.19
N VAL A 271 -5.03 32.99 -28.82
CA VAL A 271 -4.30 33.74 -27.78
C VAL A 271 -3.88 35.10 -28.33
N GLY A 272 -4.40 36.15 -27.72
CA GLY A 272 -4.18 37.51 -28.18
C GLY A 272 -4.96 37.87 -29.43
N LEU A 273 -5.88 37.01 -29.88
CA LEU A 273 -6.70 37.27 -31.07
C LEU A 273 -7.92 38.12 -30.75
N LYS A 274 -8.10 39.20 -31.52
CA LYS A 274 -9.26 40.07 -31.41
C LYS A 274 -9.69 40.59 -32.80
N ASP A 275 -10.91 41.11 -32.86
CA ASP A 275 -11.40 41.81 -34.05
C ASP A 275 -12.54 42.73 -33.60
N GLU A 276 -13.28 43.28 -34.56
CA GLU A 276 -14.40 44.20 -34.23
C GLU A 276 -15.45 43.56 -33.29
N TYR A 277 -15.64 42.25 -33.37
CA TYR A 277 -16.77 41.60 -32.69
C TYR A 277 -16.42 40.92 -31.37
N CYS A 278 -15.12 40.92 -31.04
CA CYS A 278 -14.64 40.20 -29.87
C CYS A 278 -13.24 40.68 -29.43
N PRO A 279 -13.09 41.21 -28.19
CA PRO A 279 -11.77 41.68 -27.71
C PRO A 279 -10.76 40.61 -27.34
N SER A 280 -11.22 39.36 -27.24
CA SER A 280 -10.38 38.19 -27.04
C SER A 280 -11.14 36.90 -27.35
N TYR A 281 -10.80 36.28 -28.47
CA TYR A 281 -11.35 34.95 -28.77
C TYR A 281 -10.97 33.92 -27.71
N PHE A 282 -9.76 34.08 -27.16
CA PHE A 282 -9.27 33.18 -26.12
C PHE A 282 -10.20 33.24 -24.91
N ASN A 283 -10.51 34.46 -24.45
CA ASN A 283 -11.31 34.61 -23.26
C ASN A 283 -12.72 34.07 -23.48
N GLU A 284 -13.26 34.31 -24.69
CA GLU A 284 -14.61 33.85 -25.04
C GLU A 284 -14.68 32.35 -25.04
N ARG A 286 -12.55 30.19 -23.60
CA ARG A 286 -12.28 29.74 -22.23
C ARG A 286 -13.55 29.77 -21.40
N ASN A 287 -14.32 30.86 -21.53
CA ASN A 287 -15.58 31.02 -20.81
C ASN A 287 -16.63 30.04 -21.30
N LEU A 288 -16.68 29.81 -22.61
CA LEU A 288 -17.55 28.72 -23.16
C LEU A 288 -17.26 27.34 -22.52
N THR A 289 -15.97 27.05 -22.35
CA THR A 289 -15.48 25.82 -21.73
C THR A 289 -15.91 25.82 -20.26
N LEU A 290 -15.78 26.96 -19.60
CA LEU A 290 -16.15 27.06 -18.18
C LEU A 290 -17.67 26.96 -17.92
N VAL A 291 -18.49 27.47 -18.85
CA VAL A 291 -19.96 27.30 -18.82
C VAL A 291 -20.34 25.80 -18.88
N ASN A 292 -19.63 25.08 -19.75
CA ASN A 292 -19.81 23.66 -19.93
C ASN A 292 -19.45 22.94 -18.62
N ARG A 293 -18.27 23.23 -18.09
CA ARG A 293 -17.81 22.66 -16.84
C ARG A 293 -18.79 22.95 -15.70
N GLU A 294 -19.26 24.20 -15.64
CA GLU A 294 -20.14 24.60 -14.58
C GLU A 294 -21.47 23.85 -14.64
N TYR A 295 -22.05 23.71 -15.82
CA TYR A 295 -23.31 22.97 -15.95
C TYR A 295 -23.17 21.54 -15.43
N CYS A 296 -22.04 20.90 -15.75
CA CYS A 296 -21.77 19.51 -15.35
C CYS A 296 -21.55 19.37 -13.83
N ILE A 297 -20.90 20.35 -13.22
CA ILE A 297 -20.72 20.37 -11.78
C ILE A 297 -22.08 20.58 -11.04
N ARG A 298 -22.92 21.45 -11.61
CA ARG A 298 -24.23 21.68 -11.05
C ARG A 298 -25.08 20.39 -11.22
N ASN A 299 -25.02 19.74 -12.38
CA ASN A 299 -25.62 18.43 -12.58
C ASN A 299 -27.11 18.37 -12.22
N PRO A 300 -27.92 19.28 -12.79
CA PRO A 300 -29.33 19.32 -12.44
C PRO A 300 -30.17 18.09 -12.82
N LYS A 301 -29.65 17.23 -13.70
CA LYS A 301 -30.38 16.00 -14.06
C LYS A 301 -29.88 14.78 -13.24
N HIS A 302 -28.92 15.01 -12.36
CA HIS A 302 -28.46 14.03 -11.40
C HIS A 302 -27.94 12.80 -12.14
N TYR A 303 -27.12 13.06 -13.15
CA TYR A 303 -26.42 12.00 -13.82
C TYR A 303 -25.21 11.54 -12.98
N LYS A 304 -24.99 10.23 -13.02
CA LYS A 304 -23.91 9.63 -12.29
C LYS A 304 -22.53 10.13 -12.81
N GLY A 305 -21.65 10.51 -11.90
CA GLY A 305 -20.25 10.74 -12.23
C GLY A 305 -19.89 12.12 -12.70
N TYR A 306 -20.87 12.98 -12.98
CA TYR A 306 -20.61 14.38 -13.35
C TYR A 306 -19.98 15.09 -12.18
N GLY A 307 -19.02 15.97 -12.43
CA GLY A 307 -18.38 16.74 -11.35
C GLY A 307 -17.13 17.43 -11.85
N PRO A 308 -16.33 17.99 -10.94
CA PRO A 308 -15.12 18.73 -11.32
C PRO A 308 -14.10 17.90 -12.10
N ASP A 309 -14.07 16.60 -11.86
CA ASP A 309 -13.12 15.71 -12.50
C ASP A 309 -13.71 15.00 -13.69
N CYS A 310 -14.98 15.29 -14.01
CA CYS A 310 -15.67 14.60 -15.09
C CYS A 310 -16.77 15.48 -15.66
N TRP A 311 -16.43 16.19 -16.74
CA TRP A 311 -17.31 17.12 -17.40
C TRP A 311 -16.92 17.15 -18.87
N GLY A 312 -17.78 17.75 -19.67
CA GLY A 312 -17.49 17.97 -21.08
C GLY A 312 -18.60 17.43 -21.95
N LEU A 313 -19.49 18.33 -22.35
CA LEU A 313 -20.61 18.00 -23.21
C LEU A 313 -20.45 18.61 -24.61
N THR A 314 -20.53 17.75 -25.61
CA THR A 314 -20.42 18.14 -27.00
C THR A 314 -21.13 17.12 -27.92
N ALA A 315 -21.19 17.43 -29.21
CA ALA A 315 -21.74 16.50 -30.20
C ALA A 315 -20.84 15.23 -30.25
N SER A 316 -21.48 14.05 -30.22
CA SER A 316 -20.80 12.77 -30.25
C SER A 316 -21.87 11.69 -30.38
N TYR A 317 -21.40 10.46 -30.44
CA TYR A 317 -22.27 9.31 -30.23
C TYR A 317 -22.92 9.45 -28.88
N SER A 318 -24.13 8.92 -28.79
CA SER A 318 -24.95 9.03 -27.61
C SER A 318 -25.64 7.69 -27.35
N VAL A 319 -26.16 7.49 -26.16
CA VAL A 319 -26.80 6.21 -25.83
C VAL A 319 -27.81 5.81 -26.91
N ASP A 320 -28.62 6.76 -27.37
CA ASP A 320 -29.67 6.48 -28.34
C ASP A 320 -29.28 6.72 -29.80
N GLY A 321 -27.98 6.85 -30.09
CA GLY A 321 -27.47 7.08 -31.45
C GLY A 321 -26.33 8.08 -31.50
N TYR A 322 -26.65 9.31 -31.92
CA TYR A 322 -25.71 10.42 -32.04
C TYR A 322 -26.49 11.69 -31.68
N ALA A 323 -25.92 12.57 -30.84
CA ALA A 323 -26.66 13.77 -30.38
C ALA A 323 -25.71 14.93 -30.16
N ALA A 324 -26.21 16.15 -30.41
CA ALA A 324 -25.48 17.39 -30.10
C ALA A 324 -25.59 17.75 -28.62
N HIS A 325 -24.90 17.01 -27.76
CA HIS A 325 -24.96 17.32 -26.34
C HIS A 325 -24.40 18.72 -26.05
N GLY A 326 -24.96 19.38 -25.04
CA GLY A 326 -24.52 20.74 -24.66
C GLY A 326 -24.96 21.08 -23.27
N PRO A 327 -24.40 22.17 -22.70
CA PRO A 327 -24.67 22.51 -21.28
C PRO A 327 -26.04 23.22 -21.09
N LEU A 328 -27.10 22.46 -21.38
CA LEU A 328 -28.48 22.87 -21.21
C LEU A 328 -29.26 21.57 -20.96
N GLU A 329 -30.17 21.56 -19.98
CA GLU A 329 -30.87 20.32 -19.60
C GLU A 329 -31.45 19.53 -20.80
N ARG A 330 -32.12 20.28 -21.68
CA ARG A 330 -32.64 19.80 -22.95
C ARG A 330 -31.66 18.95 -23.74
N ASP A 331 -30.39 19.33 -23.71
CA ASP A 331 -29.38 18.75 -24.56
C ASP A 331 -28.47 17.74 -23.87
N ASP A 332 -28.77 17.48 -22.61
CA ASP A 332 -27.95 16.69 -21.76
C ASP A 332 -28.59 15.32 -21.70
N ARG A 333 -27.95 14.32 -22.28
CA ARG A 333 -28.47 12.94 -22.29
C ARG A 333 -27.71 12.00 -21.35
N GLY A 334 -26.91 12.56 -20.43
CA GLY A 334 -26.14 11.74 -19.45
C GLY A 334 -24.85 11.19 -20.02
N VAL A 335 -24.42 11.77 -21.15
CA VAL A 335 -23.26 11.33 -21.94
C VAL A 335 -22.15 12.38 -21.85
N ILE A 336 -20.96 11.92 -21.40
CA ILE A 336 -19.71 12.71 -21.40
C ILE A 336 -18.87 12.26 -22.60
N SER A 337 -18.29 13.24 -23.31
CA SER A 337 -17.46 12.98 -24.46
C SER A 337 -16.05 13.50 -24.14
N PRO A 338 -15.07 12.59 -24.01
CA PRO A 338 -13.69 13.00 -23.64
C PRO A 338 -13.13 14.18 -24.45
N THR A 339 -13.44 14.27 -25.74
CA THR A 339 -12.90 15.33 -26.60
C THR A 339 -13.26 16.75 -26.09
N ALA A 340 -14.40 16.88 -25.38
CA ALA A 340 -14.90 18.17 -24.95
C ALA A 340 -13.93 18.89 -23.99
N ALA A 341 -13.71 18.30 -22.81
CA ALA A 341 -12.77 18.83 -21.82
C ALA A 341 -11.32 18.81 -22.29
N LEU A 342 -10.92 17.69 -22.92
CA LEU A 342 -9.53 17.47 -23.29
C LEU A 342 -9.07 18.41 -24.41
N SER A 343 -9.92 18.64 -25.39
CA SER A 343 -9.56 19.55 -26.47
C SER A 343 -9.57 21.03 -26.00
N SER A 344 -10.08 21.26 -24.80
CA SER A 344 -10.07 22.60 -24.21
C SER A 344 -8.87 22.81 -23.25
N ILE A 345 -7.91 21.89 -23.29
CA ILE A 345 -6.70 21.96 -22.44
C ILE A 345 -5.99 23.29 -22.64
N VAL A 346 -6.04 23.87 -23.85
CA VAL A 346 -5.42 25.16 -24.15
C VAL A 346 -6.07 26.34 -23.35
N TYR A 347 -7.36 26.24 -23.08
CA TYR A 347 -8.12 27.28 -22.40
C TYR A 347 -8.14 27.08 -20.88
N THR A 348 -8.34 25.84 -20.42
CA THR A 348 -8.50 25.50 -19.03
C THR A 348 -7.57 24.32 -18.68
N PRO A 349 -6.24 24.51 -18.75
CA PRO A 349 -5.30 23.36 -18.58
C PRO A 349 -5.44 22.52 -17.32
N ASP A 350 -5.46 23.17 -16.15
CA ASP A 350 -5.63 22.45 -14.88
C ASP A 350 -6.87 21.57 -14.88
N GLN A 351 -7.99 22.18 -15.28
CA GLN A 351 -9.29 21.51 -15.28
C GLN A 351 -9.40 20.38 -16.33
N SER A 352 -8.84 20.60 -17.50
CA SER A 352 -8.82 19.58 -18.53
C SER A 352 -7.90 18.44 -18.16
N LEU A 353 -6.76 18.75 -17.55
CA LEU A 353 -5.85 17.71 -17.03
C LEU A 353 -6.50 16.87 -15.89
N GLN A 354 -7.27 17.49 -15.00
CA GLN A 354 -8.01 16.75 -13.99
C GLN A 354 -8.93 15.72 -14.65
N VAL A 355 -9.68 16.14 -15.66
CA VAL A 355 -10.57 15.22 -16.38
C VAL A 355 -9.75 14.11 -17.03
N HIS A 357 -6.75 12.75 -16.31
CA HIS A 357 -6.32 11.77 -15.30
C HIS A 357 -7.49 10.87 -14.85
N HIS A 358 -8.64 11.48 -14.56
CA HIS A 358 -9.81 10.77 -14.07
C HIS A 358 -10.38 9.78 -15.12
N LEU A 359 -10.41 10.19 -16.36
CA LEU A 359 -10.83 9.33 -17.43
C LEU A 359 -9.84 8.17 -17.63
N TYR A 360 -8.54 8.47 -17.63
CA TYR A 360 -7.50 7.42 -17.73
C TYR A 360 -7.65 6.35 -16.58
N GLU A 361 -7.98 6.81 -15.38
CA GLU A 361 -8.17 5.94 -14.25
C GLU A 361 -9.43 5.07 -14.33
N GLY A 363 -9.91 3.25 -16.82
CA GLY A 363 -9.37 2.06 -17.48
C GLY A 363 -9.87 1.79 -18.90
N ASP A 364 -9.68 0.56 -19.31
CA ASP A 364 -10.04 0.01 -20.62
C ASP A 364 -11.44 0.38 -21.14
N LYS A 365 -12.39 0.58 -20.24
CA LYS A 365 -13.75 0.81 -20.66
C LYS A 365 -13.86 2.14 -21.37
N VAL A 366 -12.91 3.04 -21.08
CA VAL A 366 -12.86 4.40 -21.63
C VAL A 366 -11.62 4.74 -22.45
N PHE A 367 -10.47 4.16 -22.09
CA PHE A 367 -9.20 4.43 -22.72
C PHE A 367 -8.76 3.21 -23.50
N GLY A 368 -8.96 3.26 -24.82
CA GLY A 368 -8.68 2.15 -25.68
C GLY A 368 -7.36 2.26 -26.41
N PRO A 369 -7.15 1.37 -27.38
CA PRO A 369 -5.88 1.29 -28.12
C PRO A 369 -5.53 2.52 -28.93
N TYR A 370 -6.53 3.27 -29.41
CA TYR A 370 -6.30 4.52 -30.13
C TYR A 370 -6.77 5.71 -29.33
N GLY A 371 -6.71 5.61 -28.02
CA GLY A 371 -7.00 6.72 -27.13
C GLY A 371 -8.39 6.59 -26.54
N PHE A 372 -8.92 7.70 -26.04
CA PHE A 372 -10.20 7.69 -25.40
C PHE A 372 -11.28 7.39 -26.42
N TYR A 373 -12.22 6.54 -26.05
CA TYR A 373 -13.35 6.26 -26.91
C TYR A 373 -14.25 7.49 -26.93
N ASP A 374 -15.19 7.49 -27.86
CA ASP A 374 -15.94 8.67 -28.24
C ASP A 374 -16.75 9.32 -27.13
N ALA A 375 -17.47 8.49 -26.36
CA ALA A 375 -18.43 9.00 -25.38
C ALA A 375 -18.76 7.87 -24.44
N PHE A 376 -19.28 8.21 -23.28
CA PHE A 376 -19.80 7.22 -22.34
C PHE A 376 -20.90 7.80 -21.45
N SER A 377 -21.78 6.92 -20.96
CA SER A 377 -22.74 7.26 -19.89
C SER A 377 -22.63 6.32 -18.71
N GLU A 378 -22.11 6.82 -17.61
CA GLU A 378 -22.06 6.02 -16.40
C GLU A 378 -23.46 5.65 -15.95
N THR A 379 -24.40 6.58 -16.11
CA THR A 379 -25.78 6.34 -15.70
C THR A 379 -26.37 5.18 -16.48
N ALA A 380 -26.15 5.16 -17.78
CA ALA A 380 -26.71 4.12 -18.63
C ALA A 380 -25.84 2.85 -18.72
N ASP A 381 -24.70 2.83 -18.00
CA ASP A 381 -23.72 1.76 -18.14
C ASP A 381 -23.34 1.56 -19.62
N TRP A 382 -23.09 2.68 -20.31
CA TRP A 382 -22.91 2.71 -21.76
C TRP A 382 -21.49 3.12 -22.08
N TYR A 383 -20.68 2.18 -22.58
CA TYR A 383 -19.24 2.39 -22.79
C TYR A 383 -18.84 1.82 -24.16
N PRO A 384 -19.23 2.47 -25.26
CA PRO A 384 -18.88 1.99 -26.58
C PRO A 384 -17.37 2.05 -26.83
N LYS A 385 -16.86 0.99 -27.45
CA LYS A 385 -15.48 0.93 -27.83
C LYS A 385 -15.39 1.42 -29.29
N ARG A 386 -15.67 2.72 -29.47
CA ARG A 386 -15.86 3.30 -30.78
C ARG A 386 -15.23 4.70 -30.81
N TYR A 387 -14.77 5.06 -32.00
CA TYR A 387 -14.04 6.30 -32.25
C TYR A 387 -14.66 7.04 -33.43
N LEU A 388 -14.51 8.38 -33.41
CA LEU A 388 -14.83 9.24 -34.57
C LEU A 388 -13.64 10.16 -34.80
N ALA A 389 -13.24 10.30 -36.07
CA ALA A 389 -12.12 11.20 -36.49
C ALA A 389 -12.25 12.58 -35.92
N ILE A 390 -13.47 13.13 -35.96
CA ILE A 390 -13.68 14.53 -35.59
C ILE A 390 -13.62 14.79 -34.11
N ASP A 391 -13.78 13.73 -33.32
CA ASP A 391 -13.61 13.82 -31.87
C ASP A 391 -12.17 13.47 -31.45
N GLN A 392 -11.54 12.56 -32.18
CA GLN A 392 -10.15 12.20 -31.92
C GLN A 392 -9.12 13.27 -32.29
N GLY A 393 -9.30 13.91 -33.45
CA GLY A 393 -8.30 14.82 -33.96
C GLY A 393 -7.97 16.00 -33.05
N PRO A 394 -8.98 16.69 -32.58
CA PRO A 394 -8.80 17.80 -31.68
C PRO A 394 -8.11 17.49 -30.33
N ILE A 395 -8.23 16.26 -29.84
CA ILE A 395 -7.51 15.89 -28.66
C ILE A 395 -6.01 15.93 -28.93
N ALA A 396 -5.58 15.31 -30.02
CA ALA A 396 -4.14 15.23 -30.33
C ALA A 396 -3.58 16.63 -30.66
N VAL A 397 -4.34 17.41 -31.41
CA VAL A 397 -3.87 18.68 -31.90
C VAL A 397 -3.83 19.74 -30.79
N ILE A 399 -3.65 19.15 -27.45
CA ILE A 399 -2.59 18.77 -26.51
C ILE A 399 -1.25 19.27 -27.02
N GLU A 400 -0.99 19.10 -28.32
CA GLU A 400 0.21 19.65 -28.91
C GLU A 400 0.30 21.17 -28.85
N ASN A 401 -0.80 21.85 -29.15
CA ASN A 401 -0.83 23.32 -29.12
C ASN A 401 -0.51 23.87 -27.71
N TYR A 402 -1.07 23.22 -26.69
CA TYR A 402 -0.75 23.51 -25.30
C TYR A 402 0.71 23.27 -24.96
N ARG A 403 1.24 22.15 -25.40
CA ARG A 403 2.64 21.80 -25.11
C ARG A 403 3.70 22.62 -25.87
N THR A 404 3.50 22.84 -27.16
CA THR A 404 4.52 23.54 -27.99
C THR A 404 4.02 24.69 -28.89
N GLY A 405 2.71 24.80 -29.04
CA GLY A 405 2.10 25.75 -29.96
C GLY A 405 2.29 25.40 -31.44
N LEU A 406 2.66 24.14 -31.75
CA LEU A 406 3.10 23.73 -33.10
C LEU A 406 2.14 24.17 -34.23
N LEU A 407 0.88 23.75 -34.12
CA LEU A 407 -0.08 23.96 -35.22
C LEU A 407 -0.40 25.43 -35.37
N TRP A 408 -0.56 26.13 -34.26
CA TRP A 408 -0.71 27.59 -34.28
C TRP A 408 0.45 28.28 -34.99
N LYS A 409 1.67 27.95 -34.60
CA LYS A 409 2.83 28.59 -35.21
C LYS A 409 2.87 28.36 -36.72
N LEU A 410 2.56 27.15 -37.14
CA LEU A 410 2.56 26.79 -38.58
C LEU A 410 1.46 27.52 -39.36
N PHE A 411 0.21 27.39 -38.90
CA PHE A 411 -0.91 28.04 -39.55
C PHE A 411 -0.77 29.56 -39.62
N SER A 413 1.85 31.34 -39.56
CA SER A 413 2.96 31.76 -40.42
C SER A 413 2.60 31.83 -41.91
N HIS A 414 1.44 31.29 -42.31
CA HIS A 414 1.08 31.25 -43.72
C HIS A 414 0.76 32.68 -44.20
N PRO A 415 1.48 33.14 -45.26
CA PRO A 415 1.26 34.52 -45.69
C PRO A 415 -0.13 34.81 -46.18
N ASP A 416 -0.82 33.84 -46.80
CA ASP A 416 -2.23 34.08 -47.20
C ASP A 416 -3.12 34.20 -45.98
N VAL A 417 -2.92 33.33 -45.00
CA VAL A 417 -3.67 33.40 -43.76
C VAL A 417 -3.50 34.77 -43.14
N GLN A 418 -2.28 35.28 -43.07
CA GLN A 418 -2.04 36.63 -42.52
C GLN A 418 -2.80 37.70 -43.27
N ASN A 419 -2.80 37.63 -44.60
CA ASN A 419 -3.46 38.63 -45.42
C ASN A 419 -4.99 38.56 -45.21
N GLY A 420 -5.53 37.37 -45.11
CA GLY A 420 -6.94 37.19 -44.83
C GLY A 420 -7.33 37.79 -43.48
N LEU A 421 -6.50 37.56 -42.46
CA LEU A 421 -6.80 38.10 -41.13
C LEU A 421 -6.79 39.62 -41.14
N LYS A 422 -5.78 40.21 -41.79
CA LYS A 422 -5.69 41.67 -41.95
C LYS A 422 -6.92 42.23 -42.66
N LYS A 423 -7.32 41.60 -43.76
CA LYS A 423 -8.47 42.04 -44.55
C LYS A 423 -9.78 42.10 -43.72
N LEU A 424 -9.97 41.14 -42.83
CA LEU A 424 -11.19 41.05 -41.98
C LEU A 424 -11.14 41.91 -40.70
N GLY A 425 -9.98 42.49 -40.41
CA GLY A 425 -9.83 43.38 -39.26
C GLY A 425 -9.36 42.71 -37.98
N PHE A 426 -8.80 41.50 -38.10
CA PHE A 426 -8.20 40.84 -36.93
C PHE A 426 -6.86 41.41 -36.56
N ASN A 427 -6.56 41.35 -35.27
CA ASN A 427 -5.28 41.78 -34.77
C ASN A 427 -4.86 40.78 -33.73
N VAL A 428 -3.55 40.66 -33.55
CA VAL A 428 -2.98 39.81 -32.51
C VAL A 428 -2.16 40.71 -31.58
N LYS A 429 -2.52 40.77 -30.29
CA LYS A 429 -1.70 41.39 -29.24
C LYS A 429 -1.59 40.42 -28.07
N LYS A 430 -0.50 39.67 -28.04
CA LYS A 430 -0.26 38.74 -26.94
C LYS A 430 0.38 39.42 -25.71
N LYS B 9 10.86 28.94 -35.61
CA LYS B 9 9.82 28.47 -36.59
C LYS B 9 9.87 26.93 -36.73
N PRO B 10 8.71 26.25 -36.60
CA PRO B 10 8.70 24.79 -36.71
C PRO B 10 8.86 24.35 -38.15
N SER B 11 9.51 23.22 -38.37
CA SER B 11 9.89 22.80 -39.71
C SER B 11 10.29 21.33 -39.72
N SER B 12 9.97 20.61 -40.80
CA SER B 12 10.42 19.23 -41.00
C SER B 12 11.95 19.15 -40.91
N ALA B 13 12.60 20.26 -41.32
CA ALA B 13 14.08 20.35 -41.38
C ALA B 13 14.75 20.64 -40.01
N THR B 14 13.99 21.10 -39.01
CA THR B 14 14.54 21.39 -37.70
C THR B 14 14.76 20.06 -36.93
N SER B 15 15.78 20.04 -36.08
CA SER B 15 16.02 18.91 -35.21
C SER B 15 14.90 18.66 -34.22
N LEU B 16 14.74 17.40 -33.82
CA LEU B 16 13.93 17.03 -32.65
C LEU B 16 14.38 17.79 -31.44
N THR B 17 13.46 18.12 -30.55
CA THR B 17 13.92 18.65 -29.25
C THR B 17 14.67 17.54 -28.51
N ASP B 18 15.40 17.90 -27.46
CA ASP B 18 16.09 16.89 -26.64
C ASP B 18 15.10 15.94 -25.99
N ASP B 19 13.99 16.48 -25.51
CA ASP B 19 12.97 15.66 -24.86
C ASP B 19 12.32 14.69 -25.85
N ALA B 20 11.99 15.16 -27.05
CA ALA B 20 11.35 14.30 -28.04
C ALA B 20 12.34 13.21 -28.49
N LEU B 21 13.59 13.60 -28.68
CA LEU B 21 14.62 12.65 -29.05
C LEU B 21 14.81 11.58 -27.94
N ASP B 23 12.62 10.70 -25.58
CA ASP B 23 11.46 9.80 -25.53
CA ASP B 23 11.36 9.93 -25.62
C ASP B 23 11.48 8.79 -26.67
N THR B 24 11.87 9.19 -27.88
CA THR B 24 11.93 8.29 -29.04
C THR B 24 12.96 7.18 -28.78
N VAL B 25 14.18 7.54 -28.32
CA VAL B 25 15.22 6.56 -28.02
C VAL B 25 14.75 5.62 -26.88
N GLN B 26 14.18 6.18 -25.83
CA GLN B 26 13.64 5.40 -24.72
C GLN B 26 12.53 4.41 -25.10
N ARG B 27 11.59 4.84 -25.94
CA ARG B 27 10.46 3.97 -26.38
C ARG B 27 11.01 2.76 -27.13
N ARG B 28 11.90 3.05 -28.08
CA ARG B 28 12.48 2.00 -28.91
C ARG B 28 13.38 1.06 -28.11
N THR B 29 14.24 1.61 -27.24
CA THR B 29 15.13 0.78 -26.41
C THR B 29 14.32 -0.05 -25.36
N PHE B 30 13.25 0.53 -24.81
CA PHE B 30 12.27 -0.21 -23.97
C PHE B 30 11.68 -1.39 -24.75
N ASN B 31 11.36 -1.17 -26.02
CA ASN B 31 10.77 -2.21 -26.87
C ASN B 31 11.72 -3.36 -27.07
N TYR B 32 13.04 -3.14 -26.96
CA TYR B 32 14.01 -4.23 -27.03
C TYR B 32 13.66 -5.25 -25.97
N PHE B 33 13.42 -4.77 -24.76
CA PHE B 33 13.17 -5.65 -23.62
C PHE B 33 11.74 -6.07 -23.51
N TRP B 34 10.83 -5.32 -24.10
CA TRP B 34 9.41 -5.67 -24.07
C TRP B 34 9.07 -6.59 -25.22
N ASP B 35 9.25 -6.13 -26.45
CA ASP B 35 8.78 -6.91 -27.61
C ASP B 35 9.76 -8.03 -27.99
N ALA B 36 11.04 -7.88 -27.63
CA ALA B 36 12.09 -8.82 -28.00
C ALA B 36 12.64 -9.65 -26.83
N ALA B 37 11.92 -9.72 -25.73
CA ALA B 37 12.25 -10.65 -24.67
C ALA B 37 12.16 -12.08 -25.16
N GLU B 38 12.98 -12.96 -24.59
CA GLU B 38 12.86 -14.38 -24.92
C GLU B 38 11.48 -14.85 -24.43
N PRO B 39 10.68 -15.54 -25.29
CA PRO B 39 9.26 -15.75 -24.97
C PRO B 39 8.96 -16.74 -23.82
N ASN B 40 9.74 -17.80 -23.63
CA ASN B 40 9.47 -18.73 -22.53
C ASN B 40 9.77 -18.16 -21.13
N SER B 41 10.95 -17.55 -20.99
CA SER B 41 11.40 -17.01 -19.69
C SER B 41 10.89 -15.62 -19.42
N GLY B 42 10.73 -14.83 -20.48
CA GLY B 42 10.42 -13.41 -20.30
C GLY B 42 11.65 -12.55 -20.10
N LEU B 43 12.84 -13.16 -20.11
CA LEU B 43 14.09 -12.45 -19.74
C LEU B 43 14.76 -11.79 -20.96
N ALA B 44 15.77 -10.97 -20.70
CA ALA B 44 16.51 -10.30 -21.78
C ALA B 44 17.44 -11.27 -22.52
N ARG B 45 17.35 -11.21 -23.84
CA ARG B 45 18.22 -12.00 -24.69
C ARG B 45 19.62 -11.39 -24.61
N GLU B 46 20.61 -12.24 -24.44
CA GLU B 46 22.00 -11.85 -24.58
C GLU B 46 22.24 -11.00 -25.85
N ARG B 47 21.73 -11.51 -26.97
CA ARG B 47 21.90 -10.90 -28.28
C ARG B 47 20.63 -11.06 -29.14
N TYR B 48 20.44 -10.14 -30.08
CA TYR B 48 19.37 -10.22 -31.04
C TYR B 48 19.85 -9.62 -32.35
N HIS B 49 19.82 -10.44 -33.40
CA HIS B 49 20.36 -10.07 -34.71
C HIS B 49 19.27 -9.93 -35.76
N ASP B 51 19.51 -9.50 -38.86
CA ASP B 51 19.88 -10.36 -40.01
C ASP B 51 19.58 -11.87 -39.84
N GLY B 52 19.34 -12.33 -38.63
CA GLY B 52 18.99 -13.71 -38.37
C GLY B 52 20.14 -14.70 -38.29
N GLU B 53 21.38 -14.23 -38.45
CA GLU B 53 22.57 -15.12 -38.44
C GLU B 53 23.22 -15.01 -37.06
N TYR B 54 23.56 -16.16 -36.48
CA TYR B 54 24.08 -16.25 -35.12
C TYR B 54 25.28 -17.20 -35.12
N PRO B 55 26.48 -16.65 -35.35
CA PRO B 55 27.71 -17.46 -35.43
C PRO B 55 28.28 -17.92 -34.10
N ALA B 56 27.87 -17.30 -32.99
CA ALA B 56 28.50 -17.55 -31.71
C ALA B 56 27.48 -17.62 -30.59
N GLY B 57 26.44 -18.41 -30.79
CA GLY B 57 25.39 -18.54 -29.80
C GLY B 57 24.13 -17.85 -30.24
N GLY B 58 22.99 -18.43 -29.91
CA GLY B 58 21.71 -18.02 -30.46
C GLY B 58 20.93 -17.05 -29.59
N PRO B 59 19.73 -16.65 -30.05
CA PRO B 59 18.92 -15.64 -29.38
C PRO B 59 18.07 -16.20 -28.26
N GLU B 60 18.08 -17.52 -28.06
CA GLU B 60 17.34 -18.14 -26.95
C GLU B 60 18.05 -18.06 -25.60
N ILE B 61 19.33 -17.71 -25.62
CA ILE B 61 20.14 -17.51 -24.42
C ILE B 61 19.78 -16.18 -23.76
N VAL B 62 19.47 -16.26 -22.45
CA VAL B 62 19.11 -15.10 -21.68
C VAL B 62 20.24 -14.81 -20.66
N THR B 63 20.42 -13.53 -20.34
CA THR B 63 21.50 -13.08 -19.45
C THR B 63 20.90 -12.51 -18.18
N SER B 64 21.53 -12.88 -17.06
CA SER B 64 21.09 -12.46 -15.74
C SER B 64 21.32 -10.97 -15.49
N GLY B 65 22.55 -10.51 -15.69
CA GLY B 65 22.88 -9.07 -15.50
C GLY B 65 22.13 -8.20 -16.47
N GLY B 66 22.09 -8.62 -17.73
CA GLY B 66 21.35 -7.92 -18.76
C GLY B 66 19.86 -7.89 -18.50
N SER B 67 19.35 -8.93 -17.87
CA SER B 67 17.94 -8.96 -17.50
C SER B 67 17.65 -8.01 -16.37
N GLY B 68 18.63 -7.81 -15.48
CA GLY B 68 18.57 -6.76 -14.43
C GLY B 68 18.48 -5.34 -14.95
N PHE B 69 19.27 -5.03 -15.98
CA PHE B 69 19.15 -3.75 -16.69
C PHE B 69 17.76 -3.67 -17.33
N GLY B 70 17.31 -4.77 -17.90
CA GLY B 70 16.04 -4.80 -18.64
C GLY B 70 14.81 -4.52 -17.81
N ILE B 71 14.77 -5.07 -16.60
CA ILE B 71 13.63 -4.89 -15.73
C ILE B 71 13.60 -3.46 -15.18
N ALA B 73 14.67 -0.96 -17.19
CA ALA B 73 14.08 -0.33 -18.41
C ALA B 73 12.53 -0.47 -18.44
N ILE B 74 12.04 -1.64 -18.06
CA ILE B 74 10.60 -1.94 -18.04
C ILE B 74 9.87 -1.17 -16.94
N LEU B 75 10.49 -1.05 -15.76
CA LEU B 75 10.03 -0.13 -14.68
C LEU B 75 9.78 1.28 -15.19
N ALA B 76 10.76 1.80 -15.92
CA ALA B 76 10.65 3.14 -16.48
C ALA B 76 9.45 3.22 -17.42
N GLY B 77 9.27 2.23 -18.28
CA GLY B 77 8.14 2.18 -19.22
C GLY B 77 6.79 2.08 -18.54
N ILE B 78 6.71 1.31 -17.45
CA ILE B 78 5.50 1.29 -16.61
C ILE B 78 5.22 2.66 -15.98
N ASP B 79 6.25 3.30 -15.43
CA ASP B 79 6.12 4.63 -14.80
C ASP B 79 5.62 5.71 -15.77
N ARG B 80 6.00 5.54 -17.05
CA ARG B 80 5.64 6.46 -18.14
C ARG B 80 4.37 6.08 -18.90
N GLY B 81 3.78 4.92 -18.59
CA GLY B 81 2.60 4.48 -19.28
C GLY B 81 2.85 3.94 -20.67
N TYR B 82 4.08 3.51 -20.93
CA TYR B 82 4.38 2.79 -22.18
C TYR B 82 3.56 1.50 -22.28
N VAL B 83 3.43 0.81 -21.15
CA VAL B 83 2.50 -0.33 -20.97
C VAL B 83 1.71 -0.11 -19.66
N SER B 84 0.63 -0.88 -19.48
CA SER B 84 -0.23 -0.74 -18.32
C SER B 84 0.45 -1.33 -17.09
N ARG B 85 -0.06 -0.98 -15.91
CA ARG B 85 0.41 -1.58 -14.67
C ARG B 85 0.11 -3.07 -14.72
N GLU B 86 -1.07 -3.43 -15.24
CA GLU B 86 -1.46 -4.84 -15.29
C GLU B 86 -0.49 -5.65 -16.15
N GLU B 87 -0.21 -5.14 -17.35
CA GLU B 87 0.72 -5.78 -18.28
CA GLU B 87 0.72 -5.79 -18.28
C GLU B 87 2.12 -5.83 -17.71
N GLY B 88 2.52 -4.72 -17.07
CA GLY B 88 3.81 -4.65 -16.44
C GLY B 88 3.99 -5.70 -15.36
N LEU B 89 3.00 -5.83 -14.47
CA LEU B 89 3.02 -6.81 -13.40
C LEU B 89 3.10 -8.22 -13.98
N ARG B 90 2.33 -8.49 -15.04
CA ARG B 90 2.34 -9.82 -15.66
C ARG B 90 3.74 -10.22 -16.14
N ARG B 91 4.45 -9.26 -16.72
CA ARG B 91 5.82 -9.52 -17.16
C ARG B 91 6.76 -9.80 -15.96
N GLU B 93 6.00 -10.97 -13.06
CA GLU B 93 5.57 -12.30 -12.58
C GLU B 93 6.19 -13.44 -13.37
N LYS B 94 6.24 -13.26 -14.68
CA LYS B 94 6.86 -14.22 -15.59
C LYS B 94 8.37 -14.32 -15.34
N ILE B 95 9.02 -13.18 -15.18
CA ILE B 95 10.47 -13.12 -14.97
C ILE B 95 10.83 -13.75 -13.62
N VAL B 96 10.11 -13.31 -12.58
CA VAL B 96 10.32 -13.83 -11.23
C VAL B 96 10.04 -15.33 -11.20
N GLY B 97 8.94 -15.77 -11.79
CA GLY B 97 8.67 -17.22 -11.93
C GLY B 97 9.79 -18.01 -12.58
N PHE B 98 10.44 -17.46 -13.62
CA PHE B 98 11.59 -18.14 -14.24
C PHE B 98 12.78 -18.25 -13.26
N LEU B 99 13.03 -17.17 -12.52
CA LEU B 99 14.18 -17.09 -11.60
C LEU B 99 14.02 -18.02 -10.42
N GLU B 100 12.77 -18.32 -10.09
CA GLU B 100 12.41 -19.29 -9.05
C GLU B 100 12.68 -20.73 -9.48
N LYS B 101 12.65 -21.01 -10.78
CA LYS B 101 12.86 -22.36 -11.30
C LYS B 101 14.24 -22.60 -11.98
N ALA B 102 14.89 -21.55 -12.48
CA ALA B 102 16.17 -21.71 -13.21
C ALA B 102 17.37 -22.08 -12.30
N ASP B 103 18.42 -22.62 -12.91
CA ASP B 103 19.64 -23.00 -12.19
C ASP B 103 20.21 -21.87 -11.31
N ARG B 104 20.43 -22.20 -10.04
CA ARG B 104 21.13 -21.28 -9.15
C ARG B 104 22.23 -21.99 -8.43
N PHE B 105 23.17 -21.21 -7.91
CA PHE B 105 24.39 -21.74 -7.33
C PHE B 105 24.72 -20.96 -6.07
N LYS B 106 24.40 -21.56 -4.93
CA LYS B 106 24.42 -20.92 -3.60
C LYS B 106 23.68 -19.59 -3.56
N GLY B 107 22.51 -19.58 -4.21
CA GLY B 107 21.69 -18.38 -4.28
C GLY B 107 22.04 -17.39 -5.36
N ALA B 108 23.21 -17.55 -5.98
CA ALA B 108 23.68 -16.73 -7.08
C ALA B 108 23.18 -17.30 -8.41
N TYR B 109 23.13 -16.48 -9.43
CA TYR B 109 22.67 -16.93 -10.73
C TYR B 109 23.90 -17.05 -11.64
N PRO B 110 23.79 -17.90 -12.67
CA PRO B 110 24.83 -17.91 -13.67
C PRO B 110 24.71 -16.68 -14.58
N HIS B 111 25.75 -16.46 -15.37
CA HIS B 111 25.74 -15.41 -16.41
C HIS B 111 24.60 -15.69 -17.39
N TRP B 112 24.56 -16.92 -17.91
CA TRP B 112 23.60 -17.29 -18.94
C TRP B 112 22.81 -18.55 -18.66
N TRP B 113 21.54 -18.53 -19.05
CA TRP B 113 20.75 -19.72 -19.18
C TRP B 113 20.18 -19.81 -20.58
N ASN B 114 19.75 -21.02 -20.96
CA ASN B 114 18.86 -21.19 -22.09
C ASN B 114 17.47 -20.81 -21.59
N GLY B 115 16.93 -19.74 -22.17
CA GLY B 115 15.64 -19.23 -21.76
C GLY B 115 14.53 -20.26 -21.85
N GLU B 116 14.71 -21.24 -22.74
CA GLU B 116 13.67 -22.25 -22.96
C GLU B 116 13.69 -23.41 -21.94
N THR B 117 14.85 -23.69 -21.34
CA THR B 117 15.00 -24.81 -20.40
C THR B 117 15.20 -24.39 -18.95
N GLY B 118 15.72 -23.20 -18.72
CA GLY B 118 16.14 -22.80 -17.36
C GLY B 118 17.48 -23.36 -16.91
N HIS B 119 18.17 -24.09 -17.80
CA HIS B 119 19.51 -24.62 -17.51
C HIS B 119 20.62 -23.63 -17.84
N VAL B 120 21.66 -23.62 -17.01
CA VAL B 120 22.84 -22.80 -17.23
C VAL B 120 23.39 -23.08 -18.63
N GLN B 121 23.83 -22.00 -19.29
CA GLN B 121 24.57 -22.07 -20.53
C GLN B 121 25.98 -21.63 -20.17
N PRO B 122 26.93 -22.57 -20.16
CA PRO B 122 28.29 -22.17 -19.81
C PRO B 122 28.93 -21.16 -20.79
N PHE B 123 29.78 -20.26 -20.28
CA PHE B 123 30.84 -19.73 -21.13
C PHE B 123 32.13 -20.47 -20.90
N GLY B 124 32.54 -21.27 -21.87
CA GLY B 124 33.77 -22.01 -21.73
C GLY B 124 33.61 -23.00 -20.61
N GLN B 125 34.50 -23.98 -20.60
CA GLN B 125 34.30 -25.21 -19.86
C GLN B 125 34.00 -25.02 -18.37
N LYS B 126 34.76 -24.16 -17.69
CA LYS B 126 34.74 -24.10 -16.23
C LYS B 126 33.77 -23.08 -15.62
N ASP B 127 33.28 -22.15 -16.46
CA ASP B 127 32.33 -21.12 -16.00
C ASP B 127 30.90 -21.60 -16.27
N ASN B 128 30.47 -22.56 -15.45
CA ASN B 128 29.15 -23.19 -15.57
C ASN B 128 28.41 -23.21 -14.23
N GLY B 129 28.74 -22.27 -13.35
CA GLY B 129 28.04 -22.09 -12.10
C GLY B 129 27.62 -20.64 -11.84
N GLY B 130 27.80 -20.21 -10.60
CA GLY B 130 27.42 -18.90 -10.19
C GLY B 130 28.32 -17.84 -10.77
N ASP B 131 27.74 -16.69 -11.07
CA ASP B 131 28.50 -15.50 -11.46
C ASP B 131 27.98 -14.38 -10.57
N LEU B 132 28.77 -13.97 -9.58
CA LEU B 132 28.31 -13.05 -8.52
C LEU B 132 28.23 -11.60 -8.97
N VAL B 133 28.99 -11.28 -10.01
CA VAL B 133 28.93 -9.96 -10.63
C VAL B 133 27.60 -9.82 -11.38
N GLU B 134 27.25 -10.80 -12.18
CA GLU B 134 25.96 -10.81 -12.89
C GLU B 134 24.77 -10.86 -11.92
N THR B 135 24.94 -11.64 -10.84
CA THR B 135 23.99 -11.71 -9.72
C THR B 135 23.74 -10.31 -9.12
N ALA B 136 24.81 -9.54 -8.92
CA ALA B 136 24.71 -8.18 -8.40
C ALA B 136 23.93 -7.26 -9.33
N PHE B 137 24.20 -7.33 -10.64
CA PHE B 137 23.45 -6.53 -11.63
C PHE B 137 21.97 -6.91 -11.72
N LEU B 138 21.69 -8.21 -11.64
CA LEU B 138 20.32 -8.67 -11.56
C LEU B 138 19.62 -8.15 -10.31
N GLN B 140 20.46 -5.57 -8.43
CA GLN B 140 20.34 -4.09 -8.47
C GLN B 140 18.99 -3.71 -9.13
N GLY B 141 18.62 -4.44 -10.20
CA GLY B 141 17.30 -4.28 -10.83
C GLY B 141 16.11 -4.77 -10.02
N LEU B 142 16.22 -5.98 -9.46
CA LEU B 142 15.16 -6.61 -8.68
C LEU B 142 14.79 -5.81 -7.45
N LEU B 143 15.81 -5.25 -6.80
CA LEU B 143 15.57 -4.42 -5.65
C LEU B 143 14.86 -3.12 -5.99
N ALA B 144 15.12 -2.55 -7.15
CA ALA B 144 14.36 -1.38 -7.59
C ALA B 144 12.87 -1.69 -7.83
N VAL B 145 12.61 -2.83 -8.48
CA VAL B 145 11.24 -3.32 -8.67
C VAL B 145 10.52 -3.57 -7.35
N HIS B 146 11.24 -4.16 -6.38
CA HIS B 146 10.72 -4.34 -5.03
C HIS B 146 10.24 -3.03 -4.44
N GLN B 147 11.07 -1.99 -4.49
CA GLN B 147 10.67 -0.67 -3.94
C GLN B 147 9.53 -0.02 -4.74
N TYR B 148 9.51 -0.19 -6.07
CA TYR B 148 8.40 0.31 -6.89
C TYR B 148 7.04 -0.27 -6.47
N TYR B 149 7.06 -1.56 -6.14
CA TYR B 149 5.85 -2.30 -5.82
C TYR B 149 5.55 -2.42 -4.30
N ALA B 150 6.45 -1.98 -3.45
CA ALA B 150 6.33 -2.14 -1.98
C ALA B 150 5.04 -1.56 -1.39
N GLU B 151 4.52 -0.48 -1.96
CA GLU B 151 3.28 0.13 -1.52
C GLU B 151 2.24 0.10 -2.64
N GLY B 152 2.32 -0.91 -3.49
CA GLY B 152 1.44 -1.03 -4.64
C GLY B 152 0.19 -1.84 -4.31
N SER B 153 -0.40 -2.47 -5.35
CA SER B 153 -1.58 -3.30 -5.19
C SER B 153 -1.22 -4.53 -4.41
N ALA B 154 -2.24 -5.25 -3.95
CA ALA B 154 -2.03 -6.53 -3.30
C ALA B 154 -1.16 -7.45 -4.18
N GLU B 155 -1.48 -7.50 -5.47
CA GLU B 155 -0.78 -8.38 -6.43
C GLU B 155 0.66 -7.95 -6.69
N GLU B 156 0.89 -6.63 -6.74
CA GLU B 156 2.23 -6.04 -6.85
C GLU B 156 3.07 -6.35 -5.63
N LYS B 157 2.49 -6.17 -4.43
CA LYS B 157 3.12 -6.50 -3.16
C LYS B 157 3.46 -8.00 -3.03
N LYS B 158 2.65 -8.87 -3.60
CA LYS B 158 2.95 -10.31 -3.62
C LYS B 158 4.19 -10.56 -4.45
N LEU B 159 4.24 -9.95 -5.63
CA LEU B 159 5.42 -10.08 -6.46
C LEU B 159 6.66 -9.53 -5.75
N ALA B 160 6.51 -8.37 -5.08
CA ALA B 160 7.59 -7.79 -4.26
C ALA B 160 8.09 -8.79 -3.20
N GLY B 161 7.17 -9.51 -2.54
CA GLY B 161 7.55 -10.58 -1.57
C GLY B 161 8.42 -11.67 -2.16
N ARG B 162 8.04 -12.14 -3.36
CA ARG B 162 8.81 -13.17 -4.04
C ARG B 162 10.23 -12.72 -4.37
N ILE B 163 10.36 -11.47 -4.82
CA ILE B 163 11.67 -10.86 -5.08
C ILE B 163 12.48 -10.77 -3.77
N ASP B 164 11.84 -10.36 -2.68
CA ASP B 164 12.54 -10.28 -1.41
C ASP B 164 13.07 -11.65 -0.97
N LYS B 165 12.32 -12.71 -1.22
CA LYS B 165 12.83 -14.09 -0.98
C LYS B 165 14.06 -14.44 -1.85
N LEU B 166 14.02 -14.11 -3.14
CA LEU B 166 15.20 -14.29 -4.02
C LEU B 166 16.38 -13.54 -3.48
N TRP B 167 16.16 -12.27 -3.09
CA TRP B 167 17.20 -11.46 -2.45
C TRP B 167 17.82 -12.14 -1.23
N ARG B 168 16.97 -12.65 -0.36
CA ARG B 168 17.45 -13.29 0.88
C ARG B 168 18.27 -14.56 0.65
N GLU B 169 17.97 -15.25 -0.44
CA GLU B 169 18.62 -16.51 -0.77
C GLU B 169 20.04 -16.42 -1.31
N VAL B 170 20.47 -15.23 -1.76
CA VAL B 170 21.84 -15.09 -2.30
C VAL B 170 22.82 -15.18 -1.14
N ASP B 171 23.72 -16.17 -1.19
CA ASP B 171 24.74 -16.35 -0.17
C ASP B 171 26.06 -15.68 -0.58
N TRP B 172 26.12 -14.38 -0.37
CA TRP B 172 27.28 -13.57 -0.75
C TRP B 172 28.53 -14.03 -0.03
N ASN B 173 28.30 -14.37 1.22
CA ASN B 173 29.31 -14.90 2.10
C ASN B 173 30.01 -16.17 1.61
N TRP B 174 29.25 -17.09 1.01
CA TRP B 174 29.82 -18.26 0.33
C TRP B 174 30.96 -17.89 -0.62
N TYR B 175 30.77 -16.79 -1.35
CA TYR B 175 31.76 -16.36 -2.37
C TYR B 175 33.07 -15.73 -1.85
N ARG B 176 33.25 -15.75 -0.53
CA ARG B 176 34.51 -15.35 0.07
C ARG B 176 35.52 -16.51 0.12
N HIS B 177 35.14 -17.69 -0.42
CA HIS B 177 36.08 -18.79 -0.60
C HIS B 177 36.70 -19.15 0.75
N GLY B 178 35.84 -19.54 1.69
CA GLY B 178 36.28 -19.91 3.03
C GLY B 178 36.71 -18.73 3.90
N GLY B 179 35.95 -17.65 3.86
CA GLY B 179 36.10 -16.57 4.82
C GLY B 179 37.16 -15.55 4.49
N GLN B 180 37.61 -15.49 3.25
CA GLN B 180 38.63 -14.49 2.88
C GLN B 180 38.01 -13.09 2.82
N ASN B 181 38.84 -12.07 2.94
CA ASN B 181 38.36 -10.68 2.89
C ASN B 181 38.37 -10.10 1.47
N VAL B 182 37.63 -10.81 0.61
CA VAL B 182 37.48 -10.50 -0.81
C VAL B 182 36.33 -11.37 -1.35
N LEU B 183 35.74 -10.95 -2.47
CA LEU B 183 34.72 -11.73 -3.18
C LEU B 183 35.33 -12.34 -4.44
N TYR B 184 34.97 -13.59 -4.70
CA TYR B 184 35.29 -14.28 -5.94
C TYR B 184 34.11 -14.18 -6.93
N TRP B 185 34.48 -13.97 -8.19
CA TRP B 185 33.53 -13.72 -9.26
C TRP B 185 32.65 -14.95 -9.49
N HIS B 186 33.26 -16.14 -9.50
CA HIS B 186 32.58 -17.40 -9.86
C HIS B 186 32.72 -18.50 -8.81
N TRP B 187 31.76 -19.42 -8.80
CA TRP B 187 31.88 -20.72 -8.15
C TRP B 187 31.08 -21.77 -8.96
N SER B 188 31.66 -22.97 -9.14
CA SER B 188 31.06 -24.09 -9.88
C SER B 188 30.91 -25.36 -9.00
N PRO B 189 29.74 -26.01 -9.01
CA PRO B 189 29.61 -27.24 -8.25
C PRO B 189 30.57 -28.31 -8.77
N GLU B 190 30.86 -28.27 -10.07
CA GLU B 190 31.76 -29.20 -10.71
C GLU B 190 33.22 -28.79 -10.54
N TYR B 191 33.52 -27.53 -10.87
CA TYR B 191 34.89 -27.05 -10.91
C TYR B 191 35.32 -26.19 -9.70
N GLY B 192 34.45 -26.03 -8.70
CA GLY B 192 34.83 -25.29 -7.50
C GLY B 192 35.30 -23.84 -7.72
N TRP B 193 36.52 -23.55 -7.25
CA TRP B 193 37.07 -22.21 -7.30
C TRP B 193 38.14 -22.08 -8.39
N GLU B 194 38.12 -22.98 -9.35
CA GLU B 194 39.17 -23.04 -10.37
C GLU B 194 39.23 -21.81 -11.28
N ASN B 196 39.06 -18.87 -10.14
CA ASN B 196 39.99 -18.15 -9.28
C ASN B 196 40.17 -16.66 -9.62
N PHE B 197 39.06 -15.93 -9.61
CA PHE B 197 39.08 -14.51 -9.91
C PHE B 197 38.59 -13.70 -8.70
N PRO B 198 39.48 -13.38 -7.75
CA PRO B 198 39.10 -12.45 -6.68
C PRO B 198 39.00 -11.04 -7.26
N VAL B 199 37.99 -10.27 -6.81
CA VAL B 199 37.61 -9.01 -7.46
C VAL B 199 38.18 -7.78 -6.74
N HIS B 200 39.17 -7.15 -7.38
CA HIS B 200 39.80 -5.91 -6.89
C HIS B 200 39.40 -4.76 -7.80
N GLY B 201 39.25 -3.58 -7.20
CA GLY B 201 38.84 -2.39 -7.95
C GLY B 201 40.01 -1.55 -8.42
N TYR B 202 39.77 -0.52 -9.22
CA TYR B 202 38.44 -0.14 -9.72
C TYR B 202 38.13 -0.87 -11.04
N ASN B 203 36.89 -1.36 -11.15
CA ASN B 203 36.31 -1.85 -12.39
C ASN B 203 34.77 -1.69 -12.29
N GLU B 204 34.01 -2.44 -13.09
CA GLU B 204 32.55 -2.32 -13.13
C GLU B 204 31.78 -2.94 -11.96
N CYS B 205 32.49 -3.60 -11.04
CA CYS B 205 31.85 -4.49 -10.04
C CYS B 205 31.59 -3.90 -8.64
N LEU B 206 31.67 -2.58 -8.48
CA LEU B 206 31.44 -1.94 -7.15
C LEU B 206 30.13 -2.39 -6.48
N ILE B 207 29.03 -2.41 -7.25
CA ILE B 207 27.70 -2.78 -6.76
C ILE B 207 27.66 -4.16 -6.11
N TYR B 209 30.02 -5.51 -4.23
CA TYR B 209 30.53 -5.35 -2.86
C TYR B 209 29.47 -4.62 -2.02
N ILE B 210 28.80 -3.64 -2.60
CA ILE B 210 27.73 -2.94 -1.86
C ILE B 210 26.58 -3.87 -1.48
N LEU B 211 26.14 -4.68 -2.43
CA LEU B 211 25.02 -5.59 -2.21
C LEU B 211 25.36 -6.70 -1.24
N ALA B 212 26.61 -7.17 -1.29
CA ALA B 212 27.13 -8.14 -0.33
C ALA B 212 27.15 -7.56 1.09
N ALA B 213 27.49 -6.28 1.24
CA ALA B 213 27.38 -5.62 2.54
C ALA B 213 25.92 -5.42 2.95
N ALA B 214 25.06 -5.13 1.97
CA ALA B 214 23.60 -4.92 2.23
C ALA B 214 22.78 -6.16 2.66
N SER B 215 23.22 -7.37 2.29
CA SER B 215 22.39 -8.56 2.53
C SER B 215 21.93 -8.67 3.99
N PRO B 216 20.60 -8.81 4.21
CA PRO B 216 20.11 -8.98 5.56
C PRO B 216 20.18 -10.41 6.05
N THR B 217 20.78 -11.31 5.26
CA THR B 217 20.83 -12.75 5.57
C THR B 217 22.20 -13.40 5.50
N HIS B 218 22.96 -13.03 4.45
CA HIS B 218 24.23 -13.64 4.13
C HIS B 218 25.27 -12.57 3.77
N GLY B 219 25.28 -11.50 4.52
CA GLY B 219 26.11 -10.34 4.25
C GLY B 219 27.50 -10.51 4.82
N VAL B 220 28.40 -9.68 4.33
CA VAL B 220 29.83 -9.80 4.59
C VAL B 220 30.29 -8.65 5.49
N PRO B 221 31.38 -8.86 6.23
CA PRO B 221 31.95 -7.73 6.98
C PRO B 221 32.62 -6.64 6.09
N ALA B 222 32.71 -5.43 6.64
CA ALA B 222 33.28 -4.30 5.92
C ALA B 222 34.70 -4.59 5.43
N ALA B 223 35.44 -5.43 6.16
CA ALA B 223 36.81 -5.85 5.76
C ALA B 223 36.88 -6.46 4.36
N VAL B 224 35.81 -7.11 3.90
CA VAL B 224 35.77 -7.71 2.55
C VAL B 224 35.92 -6.60 1.47
N TYR B 225 35.26 -5.47 1.69
CA TYR B 225 35.34 -4.31 0.84
C TYR B 225 36.67 -3.60 0.94
N HIS B 226 37.09 -3.31 2.16
CA HIS B 226 38.30 -2.50 2.40
C HIS B 226 39.59 -3.21 2.02
N GLU B 227 39.67 -4.52 2.29
CA GLU B 227 40.83 -5.34 1.92
C GLU B 227 40.71 -5.86 0.50
N GLY B 228 39.53 -6.33 0.11
CA GLY B 228 39.32 -7.05 -1.15
C GLY B 228 39.19 -6.14 -2.34
N TRP B 229 38.20 -5.27 -2.29
CA TRP B 229 37.96 -4.29 -3.37
C TRP B 229 38.98 -3.17 -3.40
N ALA B 230 39.18 -2.55 -2.24
CA ALA B 230 39.94 -1.31 -2.16
C ALA B 230 41.41 -1.58 -1.84
N GLN B 231 41.75 -2.85 -1.60
CA GLN B 231 43.10 -3.29 -1.25
C GLN B 231 43.83 -2.33 -0.32
N ASN B 232 43.16 -2.03 0.80
CA ASN B 232 43.70 -1.20 1.89
C ASN B 232 44.09 0.21 1.45
N GLY B 233 43.38 0.75 0.46
CA GLY B 233 43.70 2.06 -0.09
C GLY B 233 44.49 2.08 -1.39
N ALA B 234 45.04 0.93 -1.80
CA ALA B 234 45.71 0.83 -3.13
C ALA B 234 44.81 1.26 -4.33
N ILE B 235 43.48 1.18 -4.15
CA ILE B 235 42.51 1.68 -5.14
C ILE B 235 42.62 3.21 -5.38
N VAL B 236 43.25 3.94 -4.45
CA VAL B 236 43.43 5.39 -4.62
C VAL B 236 44.76 5.59 -5.32
N SER B 237 44.74 6.27 -6.46
CA SER B 237 45.97 6.52 -7.22
C SER B 237 45.83 7.58 -8.27
N PRO B 238 45.82 8.85 -7.84
CA PRO B 238 45.60 9.99 -8.71
C PRO B 238 46.59 10.10 -9.87
N HIS B 239 46.06 10.28 -11.07
CA HIS B 239 46.87 10.44 -12.28
C HIS B 239 46.05 11.15 -13.35
N LYS B 240 46.71 11.53 -14.44
CA LYS B 240 46.05 12.17 -15.55
C LYS B 240 46.01 11.27 -16.78
N VAL B 241 44.86 11.22 -17.46
CA VAL B 241 44.71 10.56 -18.76
C VAL B 241 44.09 11.58 -19.71
N GLU B 242 44.66 11.77 -20.91
CA GLU B 242 44.19 12.80 -21.85
C GLU B 242 44.06 14.17 -21.18
N GLY B 243 44.99 14.48 -20.30
CA GLY B 243 44.99 15.75 -19.57
C GLY B 243 43.97 15.89 -18.44
N ILE B 244 43.24 14.82 -18.12
CA ILE B 244 42.13 14.88 -17.19
C ILE B 244 42.41 13.92 -16.00
N GLU B 245 42.17 14.46 -14.80
CA GLU B 245 42.48 13.80 -13.53
C GLU B 245 41.52 12.68 -13.23
N LEU B 246 42.06 11.50 -12.94
CA LEU B 246 41.31 10.37 -12.44
C LEU B 246 41.93 10.09 -11.05
N HIS B 247 41.07 9.87 -10.07
CA HIS B 247 41.46 9.62 -8.68
C HIS B 247 41.81 8.15 -8.42
N LEU B 248 41.16 7.24 -9.12
CA LEU B 248 41.20 5.83 -8.78
C LEU B 248 42.26 5.05 -9.58
N ARG B 249 42.65 3.93 -9.01
CA ARG B 249 43.48 2.94 -9.68
C ARG B 249 42.54 2.04 -10.48
N TYR B 250 42.64 2.11 -11.81
CA TYR B 250 41.84 1.31 -12.69
C TYR B 250 42.54 -0.03 -12.93
N GLN B 251 41.77 -1.12 -12.92
CA GLN B 251 42.30 -2.47 -13.17
C GLN B 251 42.85 -2.58 -14.58
N GLY B 252 44.07 -3.08 -14.68
CA GLY B 252 44.74 -3.33 -15.96
C GLY B 252 45.24 -2.10 -16.73
N GLY B 253 45.18 -0.91 -16.15
CA GLY B 253 45.55 0.29 -16.92
C GLY B 253 45.33 1.62 -16.25
N GLU B 254 45.42 2.67 -17.04
CA GLU B 254 45.25 4.07 -16.60
C GLU B 254 43.80 4.52 -16.60
N ALA B 255 42.97 3.81 -17.35
CA ALA B 255 41.54 4.09 -17.42
C ALA B 255 40.82 2.79 -17.74
N GLY B 256 39.68 2.85 -18.39
CA GLY B 256 38.97 1.66 -18.78
C GLY B 256 37.83 1.98 -19.74
N PRO B 257 37.17 0.94 -20.25
CA PRO B 257 36.02 1.14 -21.16
C PRO B 257 34.91 1.90 -20.45
N LEU B 258 34.08 2.61 -21.19
CA LEU B 258 33.23 3.60 -20.54
C LEU B 258 32.15 2.94 -19.67
N PHE B 259 31.79 1.66 -19.93
CA PHE B 259 30.74 0.99 -19.14
C PHE B 259 31.09 0.84 -17.64
N TRP B 260 32.36 0.97 -17.28
CA TRP B 260 32.78 0.96 -15.89
C TRP B 260 32.25 2.16 -15.11
N ALA B 261 31.96 3.27 -15.82
CA ALA B 261 31.26 4.46 -15.23
C ALA B 261 29.78 4.23 -14.99
N GLN B 262 29.23 3.13 -15.52
CA GLN B 262 27.80 3.05 -15.77
C GLN B 262 27.05 1.93 -15.04
N TYR B 263 27.52 0.68 -15.14
CA TYR B 263 26.77 -0.48 -14.66
C TYR B 263 26.45 -0.46 -13.16
N SER B 264 27.43 -0.12 -12.33
CA SER B 264 27.20 -0.09 -10.89
C SER B 264 26.53 1.20 -10.42
N PHE B 265 26.14 2.08 -11.35
CA PHE B 265 25.49 3.36 -11.02
C PHE B 265 24.12 3.51 -11.70
N LEU B 266 23.51 2.39 -12.06
CA LEU B 266 22.14 2.34 -12.60
C LEU B 266 21.10 2.47 -11.47
N GLY B 267 21.36 1.79 -10.35
CA GLY B 267 20.54 1.91 -9.12
C GLY B 267 21.26 2.74 -8.07
N LEU B 268 22.52 2.40 -7.80
CA LEU B 268 23.38 3.19 -6.90
C LEU B 268 23.56 4.61 -7.47
N ASP B 269 23.17 5.61 -6.70
CA ASP B 269 23.14 6.97 -7.16
C ASP B 269 24.52 7.59 -6.92
N PRO B 270 25.21 7.99 -8.01
CA PRO B 270 26.54 8.60 -7.87
C PRO B 270 26.50 10.04 -7.42
N VAL B 271 25.37 10.72 -7.60
CA VAL B 271 25.27 12.18 -7.25
C VAL B 271 25.37 12.37 -5.74
N GLY B 272 26.44 13.03 -5.31
CA GLY B 272 26.73 13.27 -3.89
C GLY B 272 27.37 12.12 -3.14
N LEU B 273 27.71 11.06 -3.87
CA LEU B 273 28.18 9.84 -3.23
C LEU B 273 29.67 9.91 -3.06
N LYS B 274 30.12 9.52 -1.86
CA LYS B 274 31.53 9.54 -1.51
C LYS B 274 31.77 8.48 -0.45
N ASP B 275 33.03 8.08 -0.31
CA ASP B 275 33.45 7.20 0.77
C ASP B 275 34.93 7.48 1.06
N GLU B 276 35.61 6.59 1.78
CA GLU B 276 37.04 6.77 2.08
C GLU B 276 37.90 6.93 0.83
N TYR B 277 37.54 6.23 -0.24
CA TYR B 277 38.44 6.07 -1.40
C TYR B 277 38.19 7.03 -2.54
N CYS B 278 37.12 7.81 -2.45
CA CYS B 278 36.78 8.77 -3.48
C CYS B 278 35.84 9.82 -2.92
N PRO B 279 36.20 11.11 -3.01
CA PRO B 279 35.37 12.25 -2.49
C PRO B 279 34.13 12.63 -3.35
N SER B 280 34.09 12.14 -4.58
CA SER B 280 32.93 12.27 -5.44
C SER B 280 33.02 11.19 -6.52
N TYR B 281 32.22 10.13 -6.39
CA TYR B 281 32.06 9.16 -7.46
C TYR B 281 31.49 9.78 -8.71
N PHE B 282 30.59 10.77 -8.56
CA PHE B 282 30.04 11.46 -9.70
C PHE B 282 31.13 12.15 -10.54
N ASN B 283 31.98 12.92 -9.85
CA ASN B 283 33.05 13.63 -10.51
C ASN B 283 34.06 12.66 -11.17
N GLU B 284 34.34 11.54 -10.53
CA GLU B 284 35.25 10.53 -11.09
C GLU B 284 34.69 9.95 -12.36
N ARG B 286 32.26 11.16 -14.33
CA ARG B 286 32.17 12.24 -15.32
CA ARG B 286 32.17 12.23 -15.31
C ARG B 286 33.53 12.41 -15.98
N ASN B 287 34.61 12.42 -15.19
CA ASN B 287 35.94 12.52 -15.77
C ASN B 287 36.36 11.27 -16.57
N LEU B 288 35.99 10.08 -16.13
CA LEU B 288 36.21 8.89 -17.00
C LEU B 288 35.53 9.03 -18.36
N THR B 289 34.31 9.57 -18.35
CA THR B 289 33.55 9.86 -19.55
C THR B 289 34.29 10.87 -20.45
N LEU B 290 34.76 11.97 -19.85
CA LEU B 290 35.45 13.01 -20.59
C LEU B 290 36.83 12.56 -21.12
N VAL B 291 37.48 11.65 -20.43
CA VAL B 291 38.72 11.04 -20.92
C VAL B 291 38.46 10.33 -22.21
N ASN B 292 37.36 9.56 -22.20
CA ASN B 292 36.88 8.82 -23.38
C ASN B 292 36.59 9.77 -24.56
N ARG B 293 35.88 10.84 -24.26
CA ARG B 293 35.53 11.87 -25.24
C ARG B 293 36.74 12.56 -25.82
N GLU B 294 37.65 12.92 -24.93
CA GLU B 294 38.88 13.57 -25.35
C GLU B 294 39.72 12.67 -26.28
N TYR B 295 39.87 11.39 -25.93
CA TYR B 295 40.65 10.49 -26.81
C TYR B 295 40.07 10.51 -28.23
N CYS B 296 38.73 10.41 -28.32
CA CYS B 296 38.03 10.34 -29.59
C CYS B 296 38.14 11.64 -30.38
N ILE B 297 38.12 12.79 -29.70
CA ILE B 297 38.31 14.09 -30.36
C ILE B 297 39.76 14.23 -30.89
N ARG B 298 40.70 13.79 -30.07
CA ARG B 298 42.10 13.80 -30.49
C ARG B 298 42.30 12.88 -31.72
N ASN B 299 41.66 11.71 -31.71
CA ASN B 299 41.56 10.84 -32.88
C ASN B 299 42.93 10.47 -33.44
N PRO B 300 43.80 9.98 -32.58
CA PRO B 300 45.20 9.75 -33.01
C PRO B 300 45.36 8.68 -34.07
N LYS B 301 44.38 7.78 -34.25
CA LYS B 301 44.48 6.73 -35.27
C LYS B 301 43.71 7.08 -36.53
N HIS B 302 43.15 8.29 -36.60
CA HIS B 302 42.63 8.86 -37.82
C HIS B 302 41.45 8.04 -38.33
N TYR B 303 40.52 7.73 -37.43
CA TYR B 303 39.28 7.05 -37.77
C TYR B 303 38.20 8.03 -38.22
N LYS B 304 37.41 7.60 -39.23
CA LYS B 304 36.35 8.42 -39.80
C LYS B 304 35.31 8.67 -38.78
N GLY B 305 34.93 9.94 -38.63
CA GLY B 305 33.69 10.34 -37.97
C GLY B 305 33.83 10.64 -36.50
N TYR B 306 35.01 10.30 -35.94
CA TYR B 306 35.33 10.62 -34.53
C TYR B 306 35.39 12.13 -34.36
N GLY B 307 34.83 12.61 -33.26
CA GLY B 307 34.85 14.04 -32.96
C GLY B 307 33.92 14.38 -31.82
N PRO B 308 33.69 15.70 -31.59
CA PRO B 308 32.79 16.16 -30.53
C PRO B 308 31.41 15.61 -30.58
N ASP B 309 30.89 15.32 -31.78
CA ASP B 309 29.53 14.83 -31.93
C ASP B 309 29.50 13.33 -32.13
N CYS B 310 30.65 12.68 -32.06
CA CYS B 310 30.68 11.25 -32.25
C CYS B 310 31.85 10.58 -31.52
N TRP B 311 31.59 10.08 -30.32
CA TRP B 311 32.61 9.52 -29.48
C TRP B 311 31.96 8.49 -28.61
N GLY B 312 32.78 7.69 -27.94
CA GLY B 312 32.27 6.71 -26.98
C GLY B 312 32.81 5.33 -27.29
N LEU B 313 33.84 4.95 -26.55
CA LEU B 313 34.50 3.64 -26.72
C LEU B 313 34.27 2.78 -25.48
N THR B 314 33.71 1.60 -25.73
CA THR B 314 33.41 0.62 -24.70
C THR B 314 33.35 -0.80 -25.29
N ALA B 315 33.26 -1.79 -24.40
CA ALA B 315 33.18 -3.18 -24.82
C ALA B 315 31.88 -3.41 -25.60
N SER B 316 31.99 -4.06 -26.76
CA SER B 316 30.85 -4.27 -27.64
C SER B 316 31.25 -5.20 -28.77
N TYR B 317 30.29 -5.50 -29.63
CA TYR B 317 30.64 -6.09 -30.92
C TYR B 317 31.69 -5.20 -31.62
N SER B 318 32.52 -5.85 -32.42
CA SER B 318 33.60 -5.16 -33.13
C SER B 318 33.71 -5.74 -34.52
N VAL B 319 34.38 -5.02 -35.43
CA VAL B 319 34.51 -5.46 -36.82
C VAL B 319 35.03 -6.91 -36.89
N ASP B 320 35.98 -7.26 -36.02
CA ASP B 320 36.53 -8.63 -36.02
C ASP B 320 35.87 -9.57 -35.02
N GLY B 321 34.72 -9.19 -34.47
CA GLY B 321 34.01 -10.04 -33.49
C GLY B 321 33.47 -9.28 -32.30
N TYR B 322 34.17 -9.35 -31.17
CA TYR B 322 33.79 -8.64 -29.93
C TYR B 322 35.08 -8.12 -29.27
N ALA B 323 35.07 -6.86 -28.79
CA ALA B 323 36.28 -6.25 -28.23
C ALA B 323 36.00 -5.28 -27.09
N ALA B 324 36.92 -5.22 -26.16
CA ALA B 324 36.81 -4.32 -25.03
C ALA B 324 37.41 -2.97 -25.46
N HIS B 325 36.70 -2.22 -26.29
CA HIS B 325 37.20 -0.92 -26.80
C HIS B 325 37.39 0.06 -25.65
N GLY B 326 38.39 0.93 -25.76
CA GLY B 326 38.60 1.93 -24.72
C GLY B 326 39.51 3.02 -25.24
N PRO B 327 39.65 4.12 -24.47
CA PRO B 327 40.38 5.32 -24.88
C PRO B 327 41.92 5.17 -24.79
N LEU B 328 42.46 4.25 -25.58
CA LEU B 328 43.91 4.02 -25.67
C LEU B 328 44.11 3.44 -27.04
N GLU B 329 45.17 3.83 -27.75
CA GLU B 329 45.33 3.43 -29.16
C GLU B 329 45.23 1.93 -29.34
N ARG B 330 45.90 1.24 -28.43
CA ARG B 330 45.91 -0.21 -28.33
C ARG B 330 44.51 -0.83 -28.35
N ASP B 331 43.54 -0.15 -27.74
CA ASP B 331 42.18 -0.68 -27.59
C ASP B 331 41.13 -0.09 -28.51
N ASP B 332 41.55 0.78 -29.43
CA ASP B 332 40.69 1.50 -30.37
C ASP B 332 40.75 0.76 -31.70
N ARG B 333 39.61 0.18 -32.11
CA ARG B 333 39.53 -0.60 -33.35
CA ARG B 333 39.52 -0.59 -33.34
C ARG B 333 38.74 0.17 -34.40
N GLY B 334 38.48 1.46 -34.17
CA GLY B 334 37.66 2.23 -35.08
C GLY B 334 36.17 2.05 -34.88
N VAL B 335 35.79 1.45 -33.77
CA VAL B 335 34.39 1.16 -33.47
C VAL B 335 33.84 2.08 -32.35
N ILE B 336 32.74 2.78 -32.69
CA ILE B 336 31.97 3.57 -31.75
C ILE B 336 30.78 2.72 -31.30
N SER B 337 30.50 2.73 -30.00
CA SER B 337 29.40 1.98 -29.44
C SER B 337 28.46 3.00 -28.81
N PRO B 338 27.24 3.14 -29.36
CA PRO B 338 26.30 4.16 -28.88
C PRO B 338 26.00 4.14 -27.38
N THR B 339 26.03 2.96 -26.76
CA THR B 339 25.80 2.84 -25.33
C THR B 339 26.78 3.68 -24.49
N ALA B 340 28.01 3.85 -24.99
CA ALA B 340 29.11 4.55 -24.25
C ALA B 340 28.76 6.00 -23.90
N ALA B 341 28.68 6.87 -24.92
CA ALA B 341 28.27 8.28 -24.72
C ALA B 341 26.85 8.41 -24.14
N LEU B 342 25.92 7.60 -24.65
CA LEU B 342 24.49 7.78 -24.32
C LEU B 342 24.22 7.45 -22.86
N SER B 343 24.81 6.37 -22.38
CA SER B 343 24.60 5.93 -20.99
C SER B 343 25.37 6.81 -19.97
N SER B 344 26.17 7.74 -20.49
CA SER B 344 26.83 8.72 -19.65
C SER B 344 26.10 10.05 -19.66
N ILE B 345 24.88 10.07 -20.22
CA ILE B 345 24.04 11.27 -20.24
C ILE B 345 23.87 11.86 -18.85
N VAL B 346 23.87 11.05 -17.79
CA VAL B 346 23.75 11.57 -16.43
C VAL B 346 24.97 12.43 -16.00
N TYR B 347 26.15 12.16 -16.55
CA TYR B 347 27.41 12.83 -16.19
C TYR B 347 27.69 14.00 -17.12
N THR B 348 27.49 13.77 -18.43
CA THR B 348 27.82 14.74 -19.48
C THR B 348 26.61 14.99 -20.38
N PRO B 349 25.50 15.51 -19.80
CA PRO B 349 24.27 15.56 -20.58
C PRO B 349 24.37 16.30 -21.95
N ASP B 350 24.94 17.49 -21.98
CA ASP B 350 25.05 18.25 -23.27
C ASP B 350 25.82 17.46 -24.31
N GLN B 351 26.94 16.87 -23.88
CA GLN B 351 27.86 16.17 -24.77
C GLN B 351 27.22 14.86 -25.27
N SER B 352 26.58 14.14 -24.36
CA SER B 352 25.89 12.90 -24.65
C SER B 352 24.68 13.08 -25.58
N LEU B 353 23.95 14.16 -25.34
CA LEU B 353 22.87 14.56 -26.22
C LEU B 353 23.38 15.00 -27.64
N GLN B 354 24.56 15.62 -27.76
CA GLN B 354 25.14 15.93 -29.08
C GLN B 354 25.35 14.66 -29.83
N VAL B 355 25.92 13.67 -29.15
CA VAL B 355 26.14 12.38 -29.75
C VAL B 355 24.82 11.73 -30.12
N HIS B 357 21.84 13.08 -30.94
CA HIS B 357 21.33 13.76 -32.13
C HIS B 357 22.11 13.33 -33.38
N HIS B 358 23.43 13.29 -33.26
CA HIS B 358 24.27 12.98 -34.39
C HIS B 358 24.04 11.55 -34.89
N LEU B 359 23.97 10.59 -33.98
CA LEU B 359 23.72 9.19 -34.37
C LEU B 359 22.32 8.97 -34.98
N TYR B 360 21.31 9.65 -34.44
CA TYR B 360 19.96 9.55 -34.95
C TYR B 360 19.95 10.10 -36.36
N GLU B 361 20.65 11.22 -36.58
CA GLU B 361 20.79 11.78 -37.91
C GLU B 361 21.50 10.87 -38.92
N GLY B 363 20.64 7.73 -39.29
CA GLY B 363 19.51 7.01 -39.84
C GLY B 363 19.47 5.50 -39.55
N ASP B 364 18.71 4.83 -40.39
CA ASP B 364 18.45 3.41 -40.35
C ASP B 364 19.67 2.54 -40.16
N LYS B 365 20.81 2.97 -40.69
CA LYS B 365 22.00 2.15 -40.58
C LYS B 365 22.49 2.04 -39.12
N VAL B 366 22.13 3.02 -38.29
CA VAL B 366 22.55 3.08 -36.89
C VAL B 366 21.35 2.99 -35.90
N PHE B 367 20.22 3.58 -36.26
CA PHE B 367 19.04 3.65 -35.39
C PHE B 367 17.95 2.69 -35.90
N GLY B 368 17.85 1.53 -35.27
CA GLY B 368 16.95 0.47 -35.71
C GLY B 368 15.66 0.41 -34.92
N PRO B 369 14.88 -0.65 -35.15
CA PRO B 369 13.56 -0.76 -34.50
C PRO B 369 13.57 -0.79 -32.96
N TYR B 370 14.62 -1.36 -32.35
CA TYR B 370 14.71 -1.42 -30.89
C TYR B 370 15.80 -0.49 -30.38
N GLY B 371 16.01 0.62 -31.10
CA GLY B 371 16.94 1.64 -30.65
C GLY B 371 18.23 1.57 -31.45
N PHE B 372 19.28 2.16 -30.88
CA PHE B 372 20.57 2.18 -31.55
C PHE B 372 21.16 0.77 -31.56
N TYR B 373 21.74 0.44 -32.70
CA TYR B 373 22.41 -0.82 -32.83
C TYR B 373 23.70 -0.76 -32.02
N ASP B 374 24.28 -1.92 -31.81
CA ASP B 374 25.33 -2.11 -30.79
C ASP B 374 26.63 -1.31 -30.99
N ALA B 375 27.10 -1.24 -32.23
CA ALA B 375 28.37 -0.62 -32.53
C ALA B 375 28.42 -0.37 -34.03
N PHE B 376 29.27 0.55 -34.47
CA PHE B 376 29.60 0.70 -35.88
C PHE B 376 31.04 1.21 -36.08
N SER B 377 31.56 0.98 -37.28
CA SER B 377 32.77 1.61 -37.77
C SER B 377 32.50 2.34 -39.10
N GLU B 378 32.57 3.67 -39.11
CA GLU B 378 32.49 4.41 -40.36
C GLU B 378 33.69 4.11 -41.26
N THR B 379 34.86 3.92 -40.67
CA THR B 379 36.07 3.58 -41.40
C THR B 379 35.90 2.30 -42.19
N ALA B 380 35.43 1.24 -41.54
CA ALA B 380 35.30 -0.09 -42.20
C ALA B 380 33.95 -0.27 -42.91
N ASP B 381 33.11 0.75 -42.96
CA ASP B 381 31.73 0.64 -43.48
C ASP B 381 31.01 -0.53 -42.83
N TRP B 382 31.08 -0.60 -41.51
CA TRP B 382 30.57 -1.75 -40.75
C TRP B 382 29.44 -1.22 -39.88
N TYR B 383 28.21 -1.63 -40.21
CA TYR B 383 27.00 -1.19 -39.55
C TYR B 383 26.09 -2.43 -39.30
N PRO B 384 26.43 -3.22 -38.26
CA PRO B 384 25.63 -4.41 -37.97
C PRO B 384 24.24 -4.01 -37.42
N LYS B 385 23.21 -4.69 -37.90
CA LYS B 385 21.87 -4.49 -37.37
C LYS B 385 21.66 -5.50 -36.23
N ARG B 386 22.40 -5.30 -35.16
CA ARG B 386 22.47 -6.24 -34.07
C ARG B 386 22.47 -5.56 -32.72
N TYR B 387 21.93 -6.27 -31.72
CA TYR B 387 21.76 -5.72 -30.38
C TYR B 387 22.28 -6.68 -29.35
N LEU B 388 22.68 -6.10 -28.21
CA LEU B 388 23.05 -6.80 -27.00
C LEU B 388 22.31 -6.20 -25.79
N ALA B 389 21.74 -7.05 -24.94
CA ALA B 389 21.04 -6.61 -23.71
C ALA B 389 21.88 -5.67 -22.85
N ILE B 390 23.18 -5.96 -22.69
CA ILE B 390 24.00 -5.23 -21.70
C ILE B 390 24.40 -3.86 -22.19
N ASP B 391 24.29 -3.64 -23.49
CA ASP B 391 24.50 -2.36 -24.07
C ASP B 391 23.19 -1.55 -24.20
N GLN B 392 22.09 -2.21 -24.57
CA GLN B 392 20.78 -1.54 -24.61
C GLN B 392 20.27 -1.04 -23.25
N GLY B 393 20.42 -1.88 -22.22
CA GLY B 393 19.82 -1.63 -20.92
C GLY B 393 20.18 -0.29 -20.32
N PRO B 394 21.48 -0.02 -20.18
CA PRO B 394 21.93 1.25 -19.64
C PRO B 394 21.50 2.53 -20.40
N ILE B 395 21.22 2.43 -21.71
CA ILE B 395 20.76 3.59 -22.48
C ILE B 395 19.41 4.01 -21.96
N ALA B 396 18.49 3.05 -21.87
CA ALA B 396 17.15 3.31 -21.37
C ALA B 396 17.15 3.79 -19.91
N VAL B 397 17.95 3.14 -19.10
CA VAL B 397 17.94 3.38 -17.66
C VAL B 397 18.62 4.68 -17.30
N ILE B 399 19.00 7.34 -19.35
CA ILE B 399 18.12 8.43 -19.83
C ILE B 399 17.01 8.70 -18.82
N GLU B 400 16.41 7.64 -18.27
CA GLU B 400 15.43 7.80 -17.21
C GLU B 400 16.00 8.47 -15.98
N ASN B 401 17.16 8.03 -15.51
CA ASN B 401 17.81 8.65 -14.36
C ASN B 401 18.09 10.15 -14.55
N TYR B 402 18.58 10.54 -15.72
CA TYR B 402 18.72 11.93 -16.08
C TYR B 402 17.39 12.68 -16.06
N ARG B 403 16.34 12.07 -16.62
CA ARG B 403 15.07 12.76 -16.76
C ARG B 403 14.31 12.87 -15.42
N THR B 404 14.28 11.81 -14.62
CA THR B 404 13.48 11.83 -13.37
C THR B 404 14.17 11.25 -12.14
N GLY B 405 15.32 10.62 -12.32
CA GLY B 405 16.01 9.90 -11.24
C GLY B 405 15.29 8.66 -10.74
N LEU B 406 14.34 8.12 -11.51
CA LEU B 406 13.49 7.00 -11.05
C LEU B 406 14.24 5.83 -10.37
N LEU B 407 15.21 5.25 -11.08
CA LEU B 407 15.87 4.04 -10.66
C LEU B 407 16.75 4.30 -9.45
N TRP B 408 17.40 5.45 -9.41
CA TRP B 408 18.17 5.89 -8.24
C TRP B 408 17.26 6.07 -7.00
N LYS B 409 16.13 6.74 -7.17
CA LYS B 409 15.18 6.93 -6.07
C LYS B 409 14.69 5.60 -5.50
N LEU B 410 14.39 4.66 -6.38
CA LEU B 410 13.95 3.32 -5.98
C LEU B 410 15.03 2.54 -5.25
N PHE B 411 16.21 2.46 -5.83
CA PHE B 411 17.25 1.60 -5.28
C PHE B 411 17.79 2.19 -3.98
N SER B 413 16.28 3.90 -1.83
CA SER B 413 15.24 3.85 -0.80
C SER B 413 15.13 2.48 -0.15
N HIS B 414 15.80 1.47 -0.69
CA HIS B 414 15.76 0.17 -0.07
C HIS B 414 16.52 0.16 1.28
N PRO B 415 15.85 -0.28 2.39
CA PRO B 415 16.52 -0.17 3.68
C PRO B 415 17.79 -1.01 3.80
N ASP B 416 17.86 -2.15 3.14
CA ASP B 416 19.09 -2.94 3.17
C ASP B 416 20.23 -2.26 2.45
N VAL B 417 19.95 -1.74 1.25
CA VAL B 417 20.94 -0.96 0.53
C VAL B 417 21.46 0.19 1.41
N GLN B 418 20.57 0.87 2.14
CA GLN B 418 20.99 1.96 3.03
C GLN B 418 21.92 1.42 4.12
N ASN B 419 21.57 0.28 4.70
CA ASN B 419 22.42 -0.38 5.67
C ASN B 419 23.76 -0.77 5.12
N GLY B 420 23.79 -1.38 3.95
CA GLY B 420 25.08 -1.80 3.37
C GLY B 420 25.99 -0.60 3.14
N LEU B 421 25.40 0.50 2.68
CA LEU B 421 26.17 1.70 2.41
C LEU B 421 26.77 2.29 3.68
N LYS B 422 25.98 2.33 4.75
CA LYS B 422 26.44 2.77 6.05
C LYS B 422 27.63 1.93 6.52
N LYS B 423 27.47 0.61 6.47
CA LYS B 423 28.45 -0.37 6.95
C LYS B 423 29.82 -0.21 6.28
N LEU B 424 29.82 0.12 4.98
CA LEU B 424 31.04 0.29 4.21
C LEU B 424 31.62 1.71 4.29
N GLY B 425 30.90 2.63 4.91
CA GLY B 425 31.43 3.98 5.10
C GLY B 425 31.08 5.00 4.02
N PHE B 426 30.11 4.70 3.18
CA PHE B 426 29.62 5.65 2.20
C PHE B 426 28.78 6.75 2.87
N ASN B 427 28.81 7.93 2.25
CA ASN B 427 27.97 9.06 2.63
C ASN B 427 27.42 9.72 1.40
N VAL B 428 26.25 10.31 1.53
CA VAL B 428 25.63 11.08 0.46
C VAL B 428 25.47 12.52 0.97
N LYS B 429 26.11 13.48 0.30
CA LYS B 429 25.89 14.92 0.56
C LYS B 429 25.73 15.59 -0.79
N LYS B 430 24.48 15.81 -1.17
CA LYS B 430 24.14 16.55 -2.37
C LYS B 430 24.14 18.08 -2.04
N LYS C 9 -21.89 -34.91 28.21
CA LYS C 9 -23.15 -35.59 27.80
C LYS C 9 -24.26 -34.55 27.49
N PRO C 10 -25.08 -34.82 26.45
CA PRO C 10 -26.08 -33.81 26.09
C PRO C 10 -27.33 -33.92 26.97
N SER C 11 -27.92 -32.79 27.33
CA SER C 11 -28.98 -32.75 28.34
C SER C 11 -29.82 -31.49 28.21
N SER C 12 -31.10 -31.57 28.52
CA SER C 12 -31.94 -30.36 28.63
C SER C 12 -31.42 -29.40 29.69
N ALA C 13 -30.73 -29.93 30.70
CA ALA C 13 -30.22 -29.09 31.80
C ALA C 13 -28.86 -28.44 31.53
N THR C 14 -28.16 -28.85 30.47
CA THR C 14 -26.87 -28.29 30.04
C THR C 14 -27.10 -26.95 29.28
N SER C 15 -26.21 -25.99 29.48
CA SER C 15 -26.25 -24.70 28.81
C SER C 15 -26.16 -24.78 27.28
N LEU C 16 -26.81 -23.82 26.62
CA LEU C 16 -26.57 -23.56 25.20
C LEU C 16 -25.07 -23.38 24.99
N THR C 17 -24.56 -23.87 23.87
CA THR C 17 -23.20 -23.49 23.48
C THR C 17 -23.17 -21.98 23.20
N ASP C 18 -21.97 -21.42 23.15
CA ASP C 18 -21.80 -19.99 22.87
C ASP C 18 -22.35 -19.66 21.50
N ASP C 19 -22.10 -20.52 20.52
CA ASP C 19 -22.55 -20.29 19.16
C ASP C 19 -24.08 -20.35 19.05
N ALA C 20 -24.70 -21.33 19.70
CA ALA C 20 -26.18 -21.47 19.68
C ALA C 20 -26.85 -20.29 20.41
N LEU C 21 -26.30 -19.89 21.55
CA LEU C 21 -26.76 -18.68 22.25
C LEU C 21 -26.60 -17.45 21.36
N ASP C 23 -26.40 -17.15 18.03
CA ASP C 23 -27.40 -17.36 16.97
CA ASP C 23 -27.35 -17.18 16.93
C ASP C 23 -28.78 -16.95 17.41
N THR C 24 -29.18 -17.50 18.56
CA THR C 24 -30.52 -17.24 19.09
C THR C 24 -30.75 -15.75 19.36
N VAL C 25 -29.77 -15.12 19.97
CA VAL C 25 -29.84 -13.70 20.28
C VAL C 25 -29.83 -12.87 18.98
N GLN C 26 -29.00 -13.24 18.02
CA GLN C 26 -28.98 -12.58 16.69
C GLN C 26 -30.26 -12.68 15.92
N ARG C 27 -30.84 -13.89 15.86
CA ARG C 27 -32.07 -14.08 15.11
C ARG C 27 -33.18 -13.21 15.68
N ARG C 28 -33.33 -13.25 17.00
CA ARG C 28 -34.43 -12.51 17.63
C ARG C 28 -34.19 -11.01 17.55
N THR C 29 -32.94 -10.56 17.76
CA THR C 29 -32.59 -9.14 17.63
C THR C 29 -32.72 -8.63 16.16
N PHE C 30 -32.37 -9.47 15.20
CA PHE C 30 -32.64 -9.17 13.81
C PHE C 30 -34.13 -9.01 13.55
N ASN C 31 -34.94 -9.85 14.21
CA ASN C 31 -36.39 -9.77 14.08
C ASN C 31 -36.97 -8.47 14.60
N TYR C 32 -36.28 -7.78 15.52
CA TYR C 32 -36.73 -6.43 15.93
C TYR C 32 -36.79 -5.53 14.71
N PHE C 33 -35.77 -5.61 13.87
CA PHE C 33 -35.63 -4.74 12.71
C PHE C 33 -36.38 -5.24 11.47
N TRP C 34 -36.59 -6.56 11.39
CA TRP C 34 -37.30 -7.17 10.28
C TRP C 34 -38.80 -7.20 10.49
N ASP C 35 -39.23 -7.81 11.60
CA ASP C 35 -40.67 -7.96 11.88
C ASP C 35 -41.26 -6.69 12.48
N ALA C 36 -40.49 -5.94 13.27
CA ALA C 36 -41.05 -4.77 13.98
C ALA C 36 -40.59 -3.42 13.40
N ALA C 37 -40.17 -3.39 12.15
CA ALA C 37 -39.94 -2.14 11.42
C ALA C 37 -41.27 -1.37 11.24
N GLU C 38 -41.19 -0.05 11.29
CA GLU C 38 -42.38 0.78 11.04
C GLU C 38 -42.83 0.44 9.62
N PRO C 39 -44.10 0.04 9.46
CA PRO C 39 -44.58 -0.50 8.17
C PRO C 39 -44.56 0.45 6.97
N ASN C 40 -44.83 1.74 7.17
CA ASN C 40 -44.88 2.72 6.05
C ASN C 40 -43.49 3.01 5.44
N SER C 41 -42.52 3.32 6.31
CA SER C 41 -41.17 3.67 5.94
C SER C 41 -40.24 2.46 5.77
N GLY C 42 -40.49 1.40 6.54
CA GLY C 42 -39.58 0.23 6.61
C GLY C 42 -38.38 0.43 7.52
N LEU C 43 -38.35 1.57 8.20
CA LEU C 43 -37.23 2.02 9.05
C LEU C 43 -37.39 1.56 10.51
N ALA C 44 -36.33 1.68 11.29
CA ALA C 44 -36.34 1.21 12.69
C ALA C 44 -37.17 2.16 13.57
N ARG C 45 -38.07 1.59 14.38
CA ARG C 45 -38.82 2.36 15.36
C ARG C 45 -37.93 2.81 16.51
N GLU C 46 -38.06 4.07 16.90
CA GLU C 46 -37.35 4.58 18.07
C GLU C 46 -37.56 3.63 19.28
N ARG C 47 -38.81 3.23 19.48
CA ARG C 47 -39.24 2.44 20.65
C ARG C 47 -40.33 1.46 20.23
N TYR C 48 -40.43 0.37 20.97
CA TYR C 48 -41.48 -0.63 20.76
C TYR C 48 -41.76 -1.31 22.10
N HIS C 49 -42.99 -1.08 22.60
CA HIS C 49 -43.42 -1.53 23.92
C HIS C 49 -44.44 -2.67 23.83
N ASP C 51 -46.21 -3.96 26.07
CA ASP C 51 -47.38 -3.58 26.86
C ASP C 51 -48.34 -2.63 26.12
N GLY C 52 -47.87 -1.98 25.04
CA GLY C 52 -48.73 -1.12 24.22
C GLY C 52 -49.00 0.29 24.76
N GLU C 53 -48.40 0.64 25.89
CA GLU C 53 -48.50 1.98 26.46
C GLU C 53 -47.32 2.81 26.01
N TYR C 54 -47.59 4.04 25.57
CA TYR C 54 -46.58 4.95 25.05
C TYR C 54 -46.72 6.33 25.69
N PRO C 55 -46.18 6.51 26.90
CA PRO C 55 -46.33 7.80 27.59
C PRO C 55 -45.56 9.00 27.01
N ALA C 56 -44.51 8.76 26.24
CA ALA C 56 -43.62 9.84 25.81
C ALA C 56 -43.24 9.71 24.34
N GLY C 57 -44.24 9.57 23.47
CA GLY C 57 -44.02 9.36 22.04
C GLY C 57 -44.36 7.92 21.64
N GLY C 58 -44.90 7.76 20.43
CA GLY C 58 -45.45 6.49 19.95
C GLY C 58 -44.49 5.66 19.08
N PRO C 59 -44.95 4.48 18.67
CA PRO C 59 -44.12 3.53 17.93
C PRO C 59 -43.97 3.85 16.45
N GLU C 60 -44.69 4.83 15.97
CA GLU C 60 -44.65 5.23 14.55
C GLU C 60 -43.46 6.13 14.21
N ILE C 61 -42.84 6.67 15.25
CA ILE C 61 -41.64 7.50 15.12
C ILE C 61 -40.45 6.60 14.81
N VAL C 62 -39.70 6.97 13.78
CA VAL C 62 -38.54 6.20 13.31
C VAL C 62 -37.25 7.03 13.54
N THR C 63 -36.15 6.33 13.78
CA THR C 63 -34.90 6.98 14.16
C THR C 63 -33.89 6.81 13.04
N SER C 64 -33.19 7.88 12.65
CA SER C 64 -32.23 7.81 11.56
C SER C 64 -31.01 7.00 11.97
N GLY C 65 -30.40 7.35 13.11
CA GLY C 65 -29.23 6.64 13.63
C GLY C 65 -29.46 5.16 13.88
N GLY C 66 -30.52 4.87 14.61
CA GLY C 66 -30.91 3.51 14.89
C GLY C 66 -31.36 2.74 13.66
N SER C 67 -31.80 3.44 12.61
CA SER C 67 -32.08 2.78 11.36
C SER C 67 -30.79 2.35 10.70
N GLY C 68 -29.74 3.17 10.89
CA GLY C 68 -28.39 2.81 10.43
C GLY C 68 -27.89 1.51 11.05
N PHE C 69 -28.00 1.42 12.37
CA PHE C 69 -27.68 0.17 13.08
C PHE C 69 -28.57 -0.96 12.54
N GLY C 70 -29.86 -0.70 12.39
CA GLY C 70 -30.80 -1.70 11.90
C GLY C 70 -30.48 -2.30 10.55
N ILE C 71 -30.10 -1.43 9.60
CA ILE C 71 -29.68 -1.82 8.24
C ILE C 71 -28.51 -2.78 8.26
N ALA C 73 -27.74 -4.73 10.97
CA ALA C 73 -28.31 -6.00 11.49
C ALA C 73 -28.95 -6.82 10.36
N ILE C 74 -29.67 -6.12 9.49
CA ILE C 74 -30.34 -6.73 8.36
C ILE C 74 -29.37 -7.31 7.33
N LEU C 75 -28.27 -6.60 7.04
CA LEU C 75 -27.14 -7.14 6.24
C LEU C 75 -26.61 -8.45 6.79
N ALA C 76 -26.35 -8.47 8.09
CA ALA C 76 -25.92 -9.69 8.79
C ALA C 76 -26.91 -10.84 8.59
N GLY C 77 -28.21 -10.54 8.68
CA GLY C 77 -29.30 -11.50 8.39
C GLY C 77 -29.33 -12.03 6.96
N ILE C 78 -29.14 -11.13 5.99
CA ILE C 78 -29.06 -11.53 4.59
C ILE C 78 -27.88 -12.49 4.39
N ASP C 79 -26.73 -12.12 4.98
CA ASP C 79 -25.46 -12.85 4.81
C ASP C 79 -25.53 -14.26 5.40
N ARG C 80 -26.36 -14.42 6.45
CA ARG C 80 -26.62 -15.70 7.11
C ARG C 80 -27.82 -16.48 6.58
N GLY C 81 -28.59 -15.90 5.68
CA GLY C 81 -29.77 -16.59 5.16
C GLY C 81 -30.96 -16.54 6.09
N TYR C 82 -31.00 -15.57 7.01
CA TYR C 82 -32.21 -15.33 7.83
C TYR C 82 -33.40 -14.97 6.91
N VAL C 83 -33.15 -14.14 5.90
CA VAL C 83 -34.07 -13.82 4.81
C VAL C 83 -33.35 -14.01 3.46
N SER C 84 -34.10 -14.04 2.37
CA SER C 84 -33.51 -14.24 1.01
C SER C 84 -32.83 -12.95 0.56
N ARG C 85 -31.97 -13.05 -0.45
CA ARG C 85 -31.41 -11.84 -1.04
C ARG C 85 -32.52 -10.95 -1.61
N GLU C 86 -33.51 -11.60 -2.22
CA GLU C 86 -34.64 -10.93 -2.86
C GLU C 86 -35.41 -10.12 -1.84
N GLU C 87 -35.82 -10.80 -0.76
CA GLU C 87 -36.54 -10.16 0.35
C GLU C 87 -35.71 -9.05 0.97
N GLY C 88 -34.41 -9.31 1.10
CA GLY C 88 -33.47 -8.35 1.67
C GLY C 88 -33.37 -7.10 0.86
N LEU C 89 -33.27 -7.25 -0.47
CA LEU C 89 -33.19 -6.12 -1.38
C LEU C 89 -34.47 -5.27 -1.34
N ARG C 90 -35.63 -5.93 -1.35
CA ARG C 90 -36.91 -5.23 -1.28
C ARG C 90 -36.96 -4.33 -0.08
N ARG C 91 -36.46 -4.81 1.06
CA ARG C 91 -36.45 -3.99 2.27
C ARG C 91 -35.53 -2.78 2.10
N GLU C 93 -34.61 -1.34 -0.67
CA GLU C 93 -35.33 -0.43 -1.60
C GLU C 93 -36.42 0.42 -0.92
N LYS C 94 -37.17 -0.20 -0.01
CA LYS C 94 -38.17 0.51 0.75
C LYS C 94 -37.55 1.60 1.60
N ILE C 95 -36.50 1.24 2.34
CA ILE C 95 -35.79 2.17 3.23
C ILE C 95 -35.17 3.31 2.44
N VAL C 96 -34.45 2.99 1.37
CA VAL C 96 -33.84 4.03 0.49
C VAL C 96 -34.90 4.94 -0.14
N GLY C 97 -35.99 4.37 -0.61
CA GLY C 97 -37.16 5.15 -1.10
C GLY C 97 -37.72 6.17 -0.10
N PHE C 98 -37.84 5.75 1.18
CA PHE C 98 -38.25 6.67 2.24
C PHE C 98 -37.25 7.79 2.46
N LEU C 99 -35.96 7.45 2.52
CA LEU C 99 -34.93 8.46 2.78
C LEU C 99 -34.83 9.50 1.63
N GLU C 100 -35.19 9.07 0.41
CA GLU C 100 -35.21 9.98 -0.76
C GLU C 100 -36.34 11.01 -0.70
N LYS C 101 -37.41 10.69 0.02
CA LYS C 101 -38.59 11.55 0.13
C LYS C 101 -38.77 12.28 1.47
N ALA C 102 -38.17 11.74 2.54
CA ALA C 102 -38.29 12.30 3.90
C ALA C 102 -37.56 13.63 4.08
N ASP C 103 -37.98 14.40 5.08
CA ASP C 103 -37.35 15.69 5.41
C ASP C 103 -35.84 15.57 5.62
N ARG C 104 -35.08 16.36 4.86
CA ARG C 104 -33.63 16.46 5.02
C ARG C 104 -33.26 17.92 5.20
N PHE C 105 -32.07 18.16 5.75
CA PHE C 105 -31.64 19.52 6.09
C PHE C 105 -30.15 19.71 5.74
N LYS C 106 -29.90 20.37 4.60
CA LYS C 106 -28.58 20.43 3.96
C LYS C 106 -28.01 19.03 3.74
N GLY C 107 -28.87 18.10 3.29
CA GLY C 107 -28.45 16.72 3.01
C GLY C 107 -28.31 15.83 4.24
N ALA C 108 -28.39 16.43 5.43
CA ALA C 108 -28.39 15.72 6.69
C ALA C 108 -29.81 15.31 7.03
N TYR C 109 -29.92 14.31 7.89
CA TYR C 109 -31.22 13.78 8.28
C TYR C 109 -31.51 14.24 9.72
N PRO C 110 -32.82 14.34 10.08
CA PRO C 110 -33.17 14.66 11.45
C PRO C 110 -32.98 13.40 12.31
N HIS C 111 -32.90 13.59 13.61
CA HIS C 111 -32.91 12.46 14.55
C HIS C 111 -34.16 11.61 14.27
N TRP C 112 -35.33 12.27 14.26
CA TRP C 112 -36.62 11.57 14.16
C TRP C 112 -37.50 12.07 13.05
N TRP C 113 -38.18 11.13 12.39
CA TRP C 113 -39.35 11.42 11.57
C TRP C 113 -40.51 10.60 12.05
N ASN C 114 -41.71 11.06 11.72
CA ASN C 114 -42.90 10.21 11.70
C ASN C 114 -42.82 9.29 10.49
N GLY C 115 -42.71 7.98 10.73
CA GLY C 115 -42.59 7.00 9.64
C GLY C 115 -43.76 6.99 8.66
N GLU C 116 -44.92 7.45 9.12
CA GLU C 116 -46.14 7.48 8.33
C GLU C 116 -46.23 8.70 7.40
N THR C 117 -45.51 9.78 7.72
CA THR C 117 -45.59 11.02 6.95
C THR C 117 -44.27 11.48 6.32
N GLY C 118 -43.13 11.00 6.80
CA GLY C 118 -41.83 11.46 6.29
C GLY C 118 -41.41 12.82 6.83
N HIS C 119 -42.21 13.40 7.74
CA HIS C 119 -41.89 14.72 8.29
C HIS C 119 -41.11 14.59 9.58
N VAL C 120 -40.21 15.55 9.78
CA VAL C 120 -39.41 15.61 10.98
C VAL C 120 -40.30 15.59 12.23
N GLN C 121 -39.88 14.84 13.23
CA GLN C 121 -40.51 14.85 14.53
C GLN C 121 -39.49 15.52 15.47
N PRO C 122 -39.75 16.80 15.83
CA PRO C 122 -38.78 17.48 16.71
C PRO C 122 -38.61 16.79 18.07
N PHE C 123 -37.39 16.80 18.61
CA PHE C 123 -37.24 16.68 20.07
C PHE C 123 -37.05 18.06 20.66
N GLY C 124 -38.10 18.57 21.31
CA GLY C 124 -38.05 19.90 21.87
C GLY C 124 -38.06 20.95 20.77
N GLN C 125 -38.39 22.15 21.18
CA GLN C 125 -38.75 23.21 20.25
C GLN C 125 -37.73 23.45 19.12
N LYS C 126 -36.44 23.52 19.46
CA LYS C 126 -35.39 24.01 18.52
C LYS C 126 -34.64 22.93 17.75
N ASP C 127 -34.79 21.68 18.17
CA ASP C 127 -34.15 20.55 17.48
C ASP C 127 -35.16 19.92 16.51
N ASN C 128 -35.40 20.64 15.42
CA ASN C 128 -36.38 20.27 14.40
C ASN C 128 -35.77 20.29 13.00
N GLY C 129 -34.44 20.13 12.94
CA GLY C 129 -33.73 20.15 11.66
C GLY C 129 -32.76 19.00 11.56
N GLY C 130 -31.59 19.26 10.97
CA GLY C 130 -30.57 18.25 10.80
C GLY C 130 -29.93 17.86 12.11
N ASP C 131 -29.62 16.57 12.25
CA ASP C 131 -28.80 16.05 13.31
C ASP C 131 -27.67 15.27 12.62
N LEU C 132 -26.47 15.84 12.65
CA LEU C 132 -25.32 15.29 11.89
C LEU C 132 -24.72 14.05 12.54
N VAL C 133 -24.92 13.90 13.86
CA VAL C 133 -24.44 12.74 14.59
C VAL C 133 -25.26 11.51 14.21
N GLU C 134 -26.57 11.69 14.19
CA GLU C 134 -27.50 10.67 13.74
C GLU C 134 -27.34 10.34 12.26
N THR C 135 -27.10 11.37 11.45
CA THR C 135 -26.74 11.23 10.02
C THR C 135 -25.48 10.37 9.82
N ALA C 136 -24.45 10.58 10.65
CA ALA C 136 -23.22 9.74 10.63
C ALA C 136 -23.52 8.28 10.91
N PHE C 137 -24.37 8.03 11.91
CA PHE C 137 -24.75 6.67 12.30
C PHE C 137 -25.55 5.99 11.18
N LEU C 138 -26.45 6.72 10.55
CA LEU C 138 -27.18 6.26 9.37
C LEU C 138 -26.28 5.96 8.20
N GLN C 140 -23.01 5.32 8.29
CA GLN C 140 -22.09 4.21 8.58
C GLN C 140 -22.71 2.88 8.12
N GLY C 141 -24.03 2.75 8.33
CA GLY C 141 -24.82 1.61 7.89
C GLY C 141 -25.04 1.57 6.39
N LEU C 142 -25.44 2.71 5.83
CA LEU C 142 -25.74 2.82 4.39
C LEU C 142 -24.48 2.54 3.56
N LEU C 143 -23.33 3.05 3.98
CA LEU C 143 -22.06 2.76 3.27
C LEU C 143 -21.64 1.29 3.28
N ALA C 144 -21.95 0.58 4.38
CA ALA C 144 -21.79 -0.87 4.46
C ALA C 144 -22.68 -1.62 3.46
N VAL C 145 -23.96 -1.25 3.34
CA VAL C 145 -24.87 -1.85 2.33
C VAL C 145 -24.31 -1.62 0.93
N HIS C 146 -23.80 -0.42 0.67
CA HIS C 146 -23.24 -0.06 -0.65
C HIS C 146 -22.13 -1.02 -1.05
N GLN C 147 -21.22 -1.25 -0.12
CA GLN C 147 -20.13 -2.22 -0.31
C GLN C 147 -20.61 -3.66 -0.44
N TYR C 148 -21.63 -4.07 0.31
CA TYR C 148 -22.19 -5.43 0.20
C TYR C 148 -22.77 -5.67 -1.19
N TYR C 149 -23.40 -4.63 -1.74
CA TYR C 149 -24.10 -4.71 -3.02
C TYR C 149 -23.26 -4.25 -4.24
N ALA C 150 -22.10 -3.65 -4.02
CA ALA C 150 -21.28 -3.06 -5.09
C ALA C 150 -21.00 -4.03 -6.25
N GLU C 151 -20.83 -5.31 -5.93
CA GLU C 151 -20.55 -6.34 -6.92
C GLU C 151 -21.64 -7.40 -6.99
N GLY C 152 -22.86 -6.99 -6.62
CA GLY C 152 -24.00 -7.89 -6.60
C GLY C 152 -24.75 -7.94 -7.93
N SER C 153 -26.04 -8.25 -7.87
CA SER C 153 -26.90 -8.25 -9.05
C SER C 153 -27.08 -6.84 -9.59
N ALA C 154 -27.62 -6.72 -10.79
CA ALA C 154 -27.90 -5.42 -11.39
C ALA C 154 -28.83 -4.62 -10.49
N GLU C 155 -29.80 -5.30 -9.87
CA GLU C 155 -30.79 -4.62 -9.02
C GLU C 155 -30.19 -4.16 -7.70
N GLU C 156 -29.29 -4.97 -7.13
CA GLU C 156 -28.54 -4.60 -5.95
C GLU C 156 -27.59 -3.41 -6.23
N LYS C 157 -26.88 -3.49 -7.36
CA LYS C 157 -26.01 -2.39 -7.81
C LYS C 157 -26.79 -1.09 -8.05
N LYS C 158 -28.01 -1.20 -8.57
CA LYS C 158 -28.92 -0.06 -8.72
C LYS C 158 -29.17 0.62 -7.38
N LEU C 159 -29.54 -0.19 -6.38
CA LEU C 159 -29.80 0.31 -5.02
C LEU C 159 -28.53 0.92 -4.42
N ALA C 160 -27.37 0.30 -4.67
CA ALA C 160 -26.07 0.87 -4.23
C ALA C 160 -25.86 2.29 -4.82
N GLY C 161 -26.26 2.46 -6.08
CA GLY C 161 -26.16 3.75 -6.73
C GLY C 161 -27.00 4.83 -6.07
N ARG C 162 -28.20 4.47 -5.66
CA ARG C 162 -29.08 5.40 -4.97
C ARG C 162 -28.51 5.81 -3.60
N ILE C 163 -27.88 4.86 -2.92
CA ILE C 163 -27.18 5.13 -1.66
C ILE C 163 -25.99 6.06 -1.84
N ASP C 164 -25.21 5.81 -2.89
CA ASP C 164 -24.09 6.71 -3.18
C ASP C 164 -24.53 8.17 -3.47
N LYS C 165 -25.67 8.35 -4.14
CA LYS C 165 -26.27 9.67 -4.33
C LYS C 165 -26.66 10.33 -2.99
N LEU C 166 -27.32 9.58 -2.09
CA LEU C 166 -27.64 10.12 -0.75
C LEU C 166 -26.37 10.47 0.05
N TRP C 167 -25.38 9.58 0.01
CA TRP C 167 -24.07 9.82 0.62
C TRP C 167 -23.45 11.13 0.14
N ARG C 168 -23.44 11.35 -1.17
CA ARG C 168 -22.82 12.54 -1.74
C ARG C 168 -23.60 13.83 -1.45
N GLU C 169 -24.92 13.70 -1.27
CA GLU C 169 -25.77 14.83 -0.95
C GLU C 169 -25.63 15.38 0.51
N VAL C 170 -25.00 14.63 1.43
CA VAL C 170 -24.81 15.13 2.81
C VAL C 170 -23.74 16.24 2.86
N ASP C 171 -24.15 17.43 3.32
CA ASP C 171 -23.28 18.61 3.30
C ASP C 171 -22.55 18.78 4.63
N TRP C 172 -21.53 17.98 4.85
CA TRP C 172 -20.86 17.95 6.15
C TRP C 172 -20.23 19.32 6.41
N ASN C 173 -19.67 19.89 5.35
CA ASN C 173 -19.03 21.19 5.41
C ASN C 173 -19.96 22.32 5.89
N TRP C 174 -21.23 22.32 5.45
CA TRP C 174 -22.22 23.27 5.98
C TRP C 174 -22.19 23.36 7.48
N TYR C 175 -22.11 22.20 8.12
CA TYR C 175 -22.23 22.12 9.59
C TYR C 175 -20.99 22.63 10.36
N ARG C 176 -20.03 23.19 9.63
CA ARG C 176 -18.93 23.95 10.26
C ARG C 176 -19.33 25.38 10.67
N HIS C 177 -20.56 25.78 10.41
CA HIS C 177 -21.08 27.05 10.93
C HIS C 177 -20.23 28.21 10.38
N GLY C 178 -20.14 28.30 9.06
CA GLY C 178 -19.31 29.33 8.42
C GLY C 178 -17.83 29.00 8.52
N GLY C 179 -17.48 27.74 8.23
CA GLY C 179 -16.08 27.37 8.03
C GLY C 179 -15.21 27.31 9.26
N GLN C 180 -15.80 27.10 10.44
CA GLN C 180 -15.02 26.91 11.66
C GLN C 180 -14.33 25.55 11.62
N ASN C 181 -13.29 25.38 12.43
CA ASN C 181 -12.60 24.09 12.53
C ASN C 181 -13.21 23.20 13.61
N VAL C 182 -14.49 22.90 13.42
CA VAL C 182 -15.26 22.06 14.33
C VAL C 182 -16.58 21.74 13.59
N LEU C 183 -17.28 20.68 14.03
CA LEU C 183 -18.61 20.34 13.50
C LEU C 183 -19.67 20.58 14.57
N TYR C 184 -20.78 21.20 14.16
CA TYR C 184 -21.94 21.42 15.02
C TYR C 184 -22.94 20.26 14.81
N TRP C 185 -23.54 19.83 15.91
CA TRP C 185 -24.41 18.65 15.96
C TRP C 185 -25.70 18.94 15.18
N HIS C 186 -26.22 20.15 15.31
CA HIS C 186 -27.53 20.49 14.73
C HIS C 186 -27.49 21.71 13.83
N TRP C 187 -28.47 21.77 12.92
CA TRP C 187 -28.85 22.97 12.23
C TRP C 187 -30.35 22.93 11.84
N SER C 188 -31.04 24.05 12.06
CA SER C 188 -32.48 24.20 11.74
C SER C 188 -32.70 25.29 10.68
N PRO C 189 -33.62 25.05 9.73
CA PRO C 189 -34.03 26.16 8.84
C PRO C 189 -34.71 27.31 9.59
N GLU C 190 -35.48 26.97 10.61
CA GLU C 190 -36.20 27.94 11.40
C GLU C 190 -35.25 28.58 12.44
N TYR C 191 -34.55 27.75 13.20
CA TYR C 191 -33.78 28.21 14.37
C TYR C 191 -32.26 28.33 14.17
N GLY C 192 -31.78 28.04 12.96
CA GLY C 192 -30.36 28.22 12.62
C GLY C 192 -29.40 27.40 13.49
N TRP C 193 -28.45 28.09 14.12
CA TRP C 193 -27.44 27.45 14.96
C TRP C 193 -27.74 27.61 16.45
N GLU C 194 -28.99 27.90 16.81
CA GLU C 194 -29.36 28.20 18.21
C GLU C 194 -29.10 27.05 19.20
N ASN C 196 -26.46 25.29 19.13
CA ASN C 196 -25.08 25.66 19.41
C ASN C 196 -24.27 24.60 20.17
N PHE C 197 -24.15 23.44 19.55
CA PHE C 197 -23.45 22.33 20.15
C PHE C 197 -22.26 21.90 19.28
N PRO C 198 -21.10 22.56 19.45
CA PRO C 198 -19.90 22.06 18.73
C PRO C 198 -19.44 20.76 19.37
N VAL C 199 -18.96 19.82 18.55
CA VAL C 199 -18.69 18.47 19.02
C VAL C 199 -17.19 18.22 19.29
N HIS C 200 -16.82 18.16 20.57
CA HIS C 200 -15.46 17.87 21.01
C HIS C 200 -15.44 16.50 21.67
N GLY C 201 -14.33 15.78 21.54
CA GLY C 201 -14.22 14.41 22.05
C GLY C 201 -13.55 14.33 23.40
N TYR C 202 -13.45 13.15 24.01
CA TYR C 202 -14.01 11.89 23.49
C TYR C 202 -15.49 11.70 23.91
N ASN C 203 -16.32 11.29 22.97
CA ASN C 203 -17.68 10.81 23.20
C ASN C 203 -18.07 9.84 22.05
N GLU C 204 -19.36 9.61 21.85
CA GLU C 204 -19.82 8.62 20.84
C GLU C 204 -19.67 9.02 19.38
N CYS C 205 -19.24 10.25 19.11
CA CYS C 205 -19.41 10.87 17.78
C CYS C 205 -18.19 10.79 16.81
N LEU C 206 -17.17 9.99 17.13
CA LEU C 206 -15.96 9.94 16.29
C LEU C 206 -16.27 9.74 14.80
N ILE C 207 -17.22 8.83 14.52
CA ILE C 207 -17.55 8.44 13.14
C ILE C 207 -18.02 9.62 12.29
N TYR C 209 -16.89 12.77 12.47
CA TYR C 209 -15.67 13.42 12.00
C TYR C 209 -14.98 12.61 10.88
N ILE C 210 -14.96 11.31 11.00
CA ILE C 210 -14.37 10.44 9.95
C ILE C 210 -15.13 10.54 8.64
N LEU C 211 -16.47 10.49 8.72
CA LEU C 211 -17.27 10.57 7.50
C LEU C 211 -17.23 11.98 6.90
N ALA C 212 -17.11 13.01 7.75
CA ALA C 212 -16.95 14.38 7.27
C ALA C 212 -15.66 14.54 6.45
N ALA C 213 -14.58 13.91 6.91
CA ALA C 213 -13.31 13.88 6.16
C ALA C 213 -13.39 12.96 4.93
N ALA C 214 -14.17 11.89 5.00
CA ALA C 214 -14.36 10.98 3.88
C ALA C 214 -15.17 11.51 2.68
N SER C 215 -16.08 12.44 2.91
CA SER C 215 -17.00 12.86 1.84
C SER C 215 -16.23 13.31 0.59
N PRO C 216 -16.58 12.78 -0.60
CA PRO C 216 -15.89 13.19 -1.83
C PRO C 216 -16.44 14.49 -2.42
N THR C 217 -17.57 14.97 -1.88
CA THR C 217 -18.31 16.11 -2.44
C THR C 217 -18.45 17.30 -1.49
N HIS C 218 -18.61 17.05 -0.19
CA HIS C 218 -18.76 18.11 0.82
C HIS C 218 -17.89 17.84 2.06
N GLY C 219 -16.67 17.37 1.82
CA GLY C 219 -15.74 16.97 2.86
C GLY C 219 -15.12 18.16 3.58
N VAL C 220 -14.49 17.90 4.72
CA VAL C 220 -13.88 18.95 5.53
C VAL C 220 -12.34 18.80 5.57
N PRO C 221 -11.63 19.90 5.86
CA PRO C 221 -10.19 19.76 6.13
C PRO C 221 -9.88 19.00 7.43
N ALA C 222 -8.70 18.37 7.45
CA ALA C 222 -8.21 17.65 8.62
C ALA C 222 -8.21 18.54 9.89
N ALA C 223 -8.03 19.85 9.71
CA ALA C 223 -8.06 20.81 10.84
C ALA C 223 -9.39 20.81 11.61
N VAL C 224 -10.50 20.44 10.97
CA VAL C 224 -11.79 20.29 11.65
C VAL C 224 -11.72 19.20 12.75
N TYR C 225 -11.06 18.10 12.42
CA TYR C 225 -10.81 17.01 13.35
C TYR C 225 -9.79 17.38 14.43
N HIS C 226 -8.62 17.87 13.99
CA HIS C 226 -7.49 18.12 14.91
C HIS C 226 -7.79 19.24 15.89
N GLU C 227 -8.46 20.28 15.42
CA GLU C 227 -8.83 21.41 16.28
C GLU C 227 -10.19 21.26 16.96
N GLY C 228 -11.16 20.71 16.24
CA GLY C 228 -12.55 20.62 16.73
C GLY C 228 -12.79 19.42 17.63
N TRP C 229 -12.52 18.23 17.13
CA TRP C 229 -12.71 16.98 17.89
C TRP C 229 -11.63 16.74 18.93
N ALA C 230 -10.37 16.84 18.50
CA ALA C 230 -9.21 16.54 19.32
C ALA C 230 -8.72 17.74 20.11
N GLN C 231 -9.26 18.93 19.83
CA GLN C 231 -8.85 20.18 20.51
C GLN C 231 -7.33 20.28 20.72
N ASN C 232 -6.62 20.10 19.61
CA ASN C 232 -5.16 20.21 19.53
C ASN C 232 -4.39 19.34 20.50
N GLY C 233 -4.91 18.15 20.77
CA GLY C 233 -4.25 17.22 21.69
C GLY C 233 -4.84 17.21 23.09
N ALA C 234 -5.75 18.14 23.40
CA ALA C 234 -6.48 18.13 24.67
C ALA C 234 -7.30 16.85 24.88
N ILE C 235 -7.66 16.16 23.79
CA ILE C 235 -8.30 14.82 23.86
C ILE C 235 -7.41 13.72 24.47
N VAL C 236 -6.10 13.97 24.60
CA VAL C 236 -5.20 12.99 25.20
C VAL C 236 -5.00 13.40 26.66
N SER C 237 -5.33 12.49 27.58
CA SER C 237 -5.34 12.78 29.01
C SER C 237 -5.35 11.52 29.89
N PRO C 238 -4.22 10.79 29.93
CA PRO C 238 -4.20 9.49 30.61
C PRO C 238 -4.46 9.55 32.12
N HIS C 239 -5.32 8.66 32.59
CA HIS C 239 -5.73 8.63 33.98
C HIS C 239 -6.33 7.25 34.29
N LYS C 240 -6.56 6.95 35.56
CA LYS C 240 -7.17 5.68 35.94
C LYS C 240 -8.58 5.85 36.48
N VAL C 241 -9.45 4.91 36.10
CA VAL C 241 -10.81 4.80 36.69
C VAL C 241 -10.95 3.31 37.09
N GLU C 242 -11.43 3.05 38.30
CA GLU C 242 -11.56 1.67 38.78
C GLU C 242 -10.26 0.88 38.66
N GLY C 243 -9.14 1.57 38.83
CA GLY C 243 -7.82 0.96 38.68
C GLY C 243 -7.35 0.72 37.25
N ILE C 244 -8.16 1.13 36.28
CA ILE C 244 -7.89 0.81 34.87
C ILE C 244 -7.53 2.09 34.12
N GLU C 245 -6.48 1.99 33.31
CA GLU C 245 -5.89 3.12 32.61
C GLU C 245 -6.71 3.46 31.36
N LEU C 246 -7.08 4.74 31.26
CA LEU C 246 -7.75 5.27 30.09
C LEU C 246 -6.84 6.35 29.52
N HIS C 247 -6.67 6.35 28.21
CA HIS C 247 -5.77 7.31 27.55
C HIS C 247 -6.45 8.64 27.22
N LEU C 248 -7.76 8.60 26.97
CA LEU C 248 -8.46 9.76 26.40
C LEU C 248 -9.11 10.64 27.46
N ARG C 249 -9.38 11.90 27.08
CA ARG C 249 -10.19 12.80 27.88
C ARG C 249 -11.67 12.60 27.49
N TYR C 250 -12.48 12.15 28.46
CA TYR C 250 -13.87 11.84 28.21
C TYR C 250 -14.69 13.11 28.48
N GLN C 251 -15.65 13.43 27.60
CA GLN C 251 -16.50 14.60 27.79
C GLN C 251 -17.36 14.44 29.05
N GLY C 252 -17.36 15.48 29.88
CA GLY C 252 -18.19 15.50 31.09
C GLY C 252 -17.68 14.74 32.30
N GLY C 253 -16.50 14.12 32.20
CA GLY C 253 -15.96 13.29 33.29
C GLY C 253 -14.76 12.40 33.01
N GLU C 254 -14.58 11.44 33.91
CA GLU C 254 -13.42 10.54 33.89
C GLU C 254 -13.64 9.32 32.97
N ALA C 255 -14.89 9.09 32.60
CA ALA C 255 -15.25 8.00 31.70
C ALA C 255 -16.58 8.34 31.05
N GLY C 256 -17.33 7.32 30.63
CA GLY C 256 -18.60 7.57 29.97
C GLY C 256 -19.46 6.32 29.95
N PRO C 257 -20.73 6.46 29.55
CA PRO C 257 -21.62 5.29 29.36
C PRO C 257 -21.04 4.34 28.32
N LEU C 258 -21.30 3.03 28.46
CA LEU C 258 -20.56 2.08 27.64
C LEU C 258 -20.79 2.24 26.13
N PHE C 259 -21.92 2.79 25.71
CA PHE C 259 -22.22 2.94 24.26
C PHE C 259 -21.19 3.80 23.49
N TRP C 260 -20.45 4.64 24.23
CA TRP C 260 -19.35 5.39 23.65
C TRP C 260 -18.22 4.49 23.09
N ALA C 261 -18.11 3.28 23.60
CA ALA C 261 -17.15 2.31 23.09
C ALA C 261 -17.63 1.62 21.81
N GLN C 262 -18.86 1.88 21.39
CA GLN C 262 -19.60 0.96 20.50
C GLN C 262 -20.16 1.59 19.22
N TYR C 263 -20.87 2.71 19.33
CA TYR C 263 -21.61 3.28 18.18
C TYR C 263 -20.71 3.65 17.01
N SER C 264 -19.57 4.27 17.27
CA SER C 264 -18.66 4.64 16.18
C SER C 264 -17.73 3.50 15.76
N PHE C 265 -17.92 2.28 16.29
CA PHE C 265 -17.10 1.13 15.91
C PHE C 265 -17.89 -0.06 15.39
N LEU C 266 -19.11 0.18 14.90
CA LEU C 266 -19.93 -0.85 14.22
C LEU C 266 -19.45 -1.12 12.78
N GLY C 267 -19.06 -0.04 12.09
CA GLY C 267 -18.46 -0.10 10.77
C GLY C 267 -16.96 0.19 10.83
N LEU C 268 -16.57 1.26 11.51
CA LEU C 268 -15.14 1.55 11.75
C LEU C 268 -14.53 0.46 12.61
N ASP C 269 -13.49 -0.20 12.10
CA ASP C 269 -12.89 -1.34 12.76
C ASP C 269 -11.79 -0.85 13.73
N PRO C 270 -12.01 -1.07 15.06
CA PRO C 270 -11.06 -0.65 16.08
C PRO C 270 -9.78 -1.50 16.13
N VAL C 271 -9.86 -2.71 15.60
CA VAL C 271 -8.76 -3.67 15.67
C VAL C 271 -7.60 -3.14 14.83
N GLY C 272 -6.50 -2.84 15.51
CA GLY C 272 -5.33 -2.27 14.86
C GLY C 272 -5.46 -0.80 14.51
N LEU C 273 -6.50 -0.11 14.99
CA LEU C 273 -6.73 1.29 14.63
C LEU C 273 -5.97 2.18 15.58
N LYS C 274 -5.23 3.12 15.02
CA LYS C 274 -4.46 4.09 15.75
C LYS C 274 -4.41 5.42 14.99
N ASP C 275 -4.16 6.50 15.70
CA ASP C 275 -3.88 7.80 15.09
C ASP C 275 -3.04 8.59 16.10
N GLU C 276 -2.88 9.91 15.87
CA GLU C 276 -2.03 10.76 16.73
C GLU C 276 -2.48 10.66 18.18
N TYR C 277 -3.79 10.58 18.39
CA TYR C 277 -4.38 10.79 19.73
C TYR C 277 -4.61 9.52 20.52
N CYS C 278 -4.34 8.37 19.90
CA CYS C 278 -4.52 7.09 20.58
C CYS C 278 -3.77 5.95 19.88
N PRO C 279 -2.80 5.31 20.56
CA PRO C 279 -2.09 4.18 19.95
C PRO C 279 -2.91 2.93 19.68
N SER C 280 -4.09 2.78 20.30
CA SER C 280 -4.94 1.60 20.05
C SER C 280 -6.34 1.91 20.48
N TYR C 281 -7.23 2.22 19.52
CA TYR C 281 -8.63 2.46 19.83
C TYR C 281 -9.29 1.19 20.42
N PHE C 282 -8.79 0.02 20.01
CA PHE C 282 -9.24 -1.23 20.54
C PHE C 282 -8.97 -1.38 22.04
N ASN C 283 -7.72 -1.15 22.45
CA ASN C 283 -7.34 -1.27 23.85
C ASN C 283 -8.05 -0.22 24.70
N GLU C 284 -8.27 0.98 24.15
CA GLU C 284 -8.99 2.04 24.86
C GLU C 284 -10.43 1.63 25.15
N ARG C 286 -11.80 -1.38 25.00
CA ARG C 286 -11.75 -2.56 25.86
CA ARG C 286 -11.76 -2.56 25.86
C ARG C 286 -11.60 -2.17 27.32
N ASN C 287 -10.73 -1.22 27.59
CA ASN C 287 -10.52 -0.75 28.95
C ASN C 287 -11.70 0.08 29.45
N LEU C 288 -12.34 0.87 28.57
CA LEU C 288 -13.64 1.52 28.91
C LEU C 288 -14.72 0.49 29.32
N THR C 289 -14.74 -0.65 28.62
CA THR C 289 -15.64 -1.77 28.96
C THR C 289 -15.28 -2.37 30.33
N LEU C 290 -14.00 -2.59 30.57
CA LEU C 290 -13.53 -3.17 31.78
C LEU C 290 -13.69 -2.21 33.00
N VAL C 291 -13.62 -0.89 32.79
CA VAL C 291 -13.98 0.08 33.83
C VAL C 291 -15.44 -0.09 34.26
N ASN C 292 -16.30 -0.24 33.27
CA ASN C 292 -17.75 -0.47 33.48
C ASN C 292 -17.99 -1.78 34.26
N ARG C 293 -17.35 -2.88 33.82
CA ARG C 293 -17.41 -4.17 34.50
C ARG C 293 -16.90 -4.10 35.95
N GLU C 294 -15.77 -3.42 36.13
CA GLU C 294 -15.16 -3.29 37.43
C GLU C 294 -16.06 -2.52 38.38
N TYR C 295 -16.66 -1.42 37.92
CA TYR C 295 -17.58 -0.65 38.78
C TYR C 295 -18.70 -1.54 39.33
N CYS C 296 -19.27 -2.35 38.44
CA CYS C 296 -20.42 -3.20 38.76
C CYS C 296 -20.05 -4.32 39.72
N ILE C 297 -18.87 -4.89 39.54
CA ILE C 297 -18.34 -5.89 40.45
C ILE C 297 -18.14 -5.26 41.83
N ARG C 298 -17.60 -4.05 41.87
CA ARG C 298 -17.35 -3.35 43.17
C ARG C 298 -18.65 -3.04 43.87
N ASN C 299 -19.65 -2.64 43.07
CA ASN C 299 -21.04 -2.54 43.51
C ASN C 299 -21.20 -1.72 44.78
N PRO C 300 -20.70 -0.46 44.76
CA PRO C 300 -20.74 0.36 45.95
C PRO C 300 -22.11 0.78 46.44
N LYS C 301 -23.14 0.68 45.58
CA LYS C 301 -24.50 1.03 45.97
C LYS C 301 -25.34 -0.22 46.36
N HIS C 302 -24.70 -1.37 46.38
CA HIS C 302 -25.30 -2.57 46.93
C HIS C 302 -26.57 -2.99 46.20
N TYR C 303 -26.54 -2.88 44.88
CA TYR C 303 -27.63 -3.30 44.05
C TYR C 303 -27.65 -4.78 43.85
N LYS C 304 -28.86 -5.33 43.81
CA LYS C 304 -29.07 -6.78 43.69
CA LYS C 304 -29.07 -6.77 43.68
C LYS C 304 -28.62 -7.28 42.31
N GLY C 305 -27.82 -8.33 42.31
CA GLY C 305 -27.46 -9.01 41.10
C GLY C 305 -26.24 -8.50 40.36
N TYR C 306 -25.72 -7.31 40.71
CA TYR C 306 -24.50 -6.79 40.08
C TYR C 306 -23.33 -7.69 40.44
N GLY C 307 -22.45 -7.97 39.47
CA GLY C 307 -21.28 -8.82 39.67
C GLY C 307 -20.65 -9.23 38.34
N PRO C 308 -19.70 -10.18 38.37
CA PRO C 308 -19.00 -10.70 37.17
C PRO C 308 -19.90 -11.23 36.04
N ASP C 309 -21.04 -11.83 36.37
CA ASP C 309 -21.97 -12.35 35.39
C ASP C 309 -23.09 -11.38 35.04
N CYS C 310 -23.11 -10.21 35.65
CA CYS C 310 -24.19 -9.24 35.44
C CYS C 310 -23.71 -7.79 35.64
N TRP C 311 -23.33 -7.16 34.52
CA TRP C 311 -22.76 -5.83 34.54
C TRP C 311 -23.12 -5.17 33.23
N GLY C 312 -22.94 -3.86 33.17
CA GLY C 312 -23.20 -3.13 31.96
C GLY C 312 -24.13 -1.97 32.14
N LEU C 313 -23.51 -0.80 32.36
CA LEU C 313 -24.22 0.44 32.54
C LEU C 313 -24.07 1.36 31.30
N THR C 314 -25.24 1.78 30.80
CA THR C 314 -25.30 2.72 29.68
C THR C 314 -26.64 3.46 29.63
N ALA C 315 -26.73 4.42 28.74
CA ALA C 315 -27.96 5.19 28.59
C ALA C 315 -29.05 4.24 28.08
N SER C 316 -30.22 4.31 28.69
CA SER C 316 -31.31 3.43 28.35
C SER C 316 -32.51 3.88 29.14
N TYR C 317 -33.61 3.18 28.94
CA TYR C 317 -34.75 3.30 29.83
C TYR C 317 -34.29 3.02 31.27
N SER C 318 -34.96 3.67 32.23
CA SER C 318 -34.61 3.59 33.63
C SER C 318 -35.91 3.50 34.45
N VAL C 319 -35.78 3.08 35.72
CA VAL C 319 -36.95 2.94 36.56
C VAL C 319 -37.79 4.23 36.56
N ASP C 320 -37.14 5.38 36.65
CA ASP C 320 -37.87 6.66 36.71
C ASP C 320 -38.00 7.34 35.34
N GLY C 321 -37.79 6.61 34.25
CA GLY C 321 -37.93 7.17 32.89
C GLY C 321 -36.85 6.74 31.90
N TYR C 322 -35.89 7.62 31.68
CA TYR C 322 -34.74 7.36 30.83
C TYR C 322 -33.54 8.04 31.51
N ALA C 323 -32.37 7.37 31.50
CA ALA C 323 -31.18 7.91 32.18
C ALA C 323 -29.90 7.51 31.50
N ALA C 324 -28.92 8.42 31.51
CA ALA C 324 -27.56 8.12 31.02
C ALA C 324 -26.76 7.37 32.07
N HIS C 325 -27.08 6.08 32.28
CA HIS C 325 -26.39 5.26 33.30
C HIS C 325 -24.92 5.15 32.94
N GLY C 326 -24.08 5.04 33.95
CA GLY C 326 -22.66 4.91 33.71
C GLY C 326 -21.94 4.55 34.97
N PRO C 327 -20.65 4.16 34.83
CA PRO C 327 -19.87 3.58 35.91
C PRO C 327 -19.35 4.61 36.91
N LEU C 328 -20.29 5.27 37.57
CA LEU C 328 -20.02 6.26 38.64
C LEU C 328 -21.24 6.24 39.55
N GLU C 329 -21.07 6.28 40.87
CA GLU C 329 -22.22 6.18 41.81
C GLU C 329 -23.34 7.17 41.45
N ARG C 330 -22.95 8.40 41.15
CA ARG C 330 -23.86 9.46 40.72
C ARG C 330 -24.81 9.01 39.58
N ASP C 331 -24.31 8.19 38.66
CA ASP C 331 -25.04 7.81 37.43
C ASP C 331 -25.61 6.39 37.46
N ASP C 332 -25.55 5.73 38.61
CA ASP C 332 -25.97 4.35 38.76
C ASP C 332 -27.35 4.34 39.44
N ARG C 333 -28.38 3.89 38.71
CA ARG C 333 -29.77 3.90 39.21
CA ARG C 333 -29.77 3.91 39.20
C ARG C 333 -30.25 2.49 39.55
N GLY C 334 -29.34 1.53 39.59
CA GLY C 334 -29.69 0.14 39.85
C GLY C 334 -30.14 -0.57 38.58
N VAL C 335 -29.91 0.06 37.42
CA VAL C 335 -30.38 -0.45 36.14
C VAL C 335 -29.25 -0.97 35.28
N ILE C 336 -29.37 -2.24 34.90
CA ILE C 336 -28.47 -2.91 33.96
C ILE C 336 -29.13 -2.91 32.58
N SER C 337 -28.36 -2.59 31.54
CA SER C 337 -28.87 -2.50 30.15
C SER C 337 -28.11 -3.53 29.34
N PRO C 338 -28.79 -4.61 28.88
CA PRO C 338 -28.14 -5.70 28.14
C PRO C 338 -27.26 -5.25 26.99
N THR C 339 -27.65 -4.20 26.29
CA THR C 339 -26.83 -3.69 25.21
C THR C 339 -25.36 -3.37 25.63
N ALA C 340 -25.15 -2.96 26.90
CA ALA C 340 -23.81 -2.50 27.34
C ALA C 340 -22.72 -3.57 27.28
N ALA C 341 -22.89 -4.64 28.03
CA ALA C 341 -21.92 -5.74 28.03
C ALA C 341 -21.92 -6.50 26.70
N LEU C 342 -23.10 -6.72 26.14
CA LEU C 342 -23.23 -7.61 24.98
C LEU C 342 -22.61 -6.97 23.75
N SER C 343 -22.86 -5.67 23.55
CA SER C 343 -22.32 -4.97 22.37
C SER C 343 -20.81 -4.74 22.50
N SER C 344 -20.25 -5.00 23.68
CA SER C 344 -18.80 -5.01 23.88
C SER C 344 -18.19 -6.40 23.73
N ILE C 345 -18.94 -7.36 23.17
CA ILE C 345 -18.45 -8.74 22.92
C ILE C 345 -17.14 -8.77 22.13
N VAL C 346 -16.96 -7.78 21.23
CA VAL C 346 -15.74 -7.68 20.41
C VAL C 346 -14.47 -7.39 21.20
N TYR C 347 -14.63 -6.63 22.30
CA TYR C 347 -13.54 -6.21 23.17
C TYR C 347 -13.31 -7.21 24.29
N THR C 348 -14.38 -7.67 24.92
CA THR C 348 -14.34 -8.55 26.10
C THR C 348 -15.21 -9.81 25.88
N PRO C 349 -14.85 -10.65 24.88
CA PRO C 349 -15.77 -11.75 24.50
C PRO C 349 -16.14 -12.76 25.61
N ASP C 350 -15.19 -13.22 26.40
CA ASP C 350 -15.49 -14.19 27.50
C ASP C 350 -16.45 -13.60 28.52
N GLN C 351 -16.18 -12.34 28.92
CA GLN C 351 -16.99 -11.65 29.91
C GLN C 351 -18.34 -11.27 29.37
N SER C 352 -18.39 -10.84 28.12
CA SER C 352 -19.67 -10.43 27.51
C SER C 352 -20.59 -11.64 27.34
N LEU C 353 -19.96 -12.76 26.97
CA LEU C 353 -20.64 -14.05 26.85
C LEU C 353 -21.15 -14.56 28.19
N GLN C 354 -20.40 -14.35 29.29
CA GLN C 354 -20.88 -14.77 30.63
C GLN C 354 -22.17 -14.03 30.95
N VAL C 355 -22.17 -12.73 30.67
CA VAL C 355 -23.36 -11.91 30.89
C VAL C 355 -24.51 -12.41 30.00
N HIS C 357 -25.16 -15.38 28.72
CA HIS C 357 -25.71 -16.61 29.30
C HIS C 357 -26.58 -16.34 30.55
N HIS C 358 -26.09 -15.46 31.42
CA HIS C 358 -26.73 -15.15 32.69
C HIS C 358 -28.07 -14.43 32.46
N LEU C 359 -28.09 -13.50 31.51
CA LEU C 359 -29.32 -12.79 31.16
C LEU C 359 -30.37 -13.68 30.51
N TYR C 360 -29.92 -14.59 29.65
CA TYR C 360 -30.79 -15.54 29.01
C TYR C 360 -31.40 -16.45 30.05
N GLU C 361 -30.60 -16.93 31.01
CA GLU C 361 -31.06 -17.77 32.11
C GLU C 361 -32.12 -17.10 33.01
N GLY C 363 -34.65 -15.73 31.82
CA GLY C 363 -35.91 -16.10 31.17
C GLY C 363 -36.64 -14.96 30.48
N ASP C 364 -37.94 -15.20 30.27
CA ASP C 364 -38.92 -14.31 29.61
C ASP C 364 -38.96 -12.90 30.13
N LYS C 365 -38.63 -12.70 31.40
CA LYS C 365 -38.70 -11.36 31.99
C LYS C 365 -37.67 -10.40 31.38
N VAL C 366 -36.57 -10.98 30.89
CA VAL C 366 -35.43 -10.23 30.32
C VAL C 366 -35.26 -10.51 28.79
N PHE C 367 -35.58 -11.74 28.36
CA PHE C 367 -35.35 -12.17 26.98
C PHE C 367 -36.68 -12.40 26.29
N GLY C 368 -37.08 -11.39 25.50
CA GLY C 368 -38.36 -11.38 24.81
C GLY C 368 -38.34 -11.87 23.37
N PRO C 369 -39.49 -11.70 22.68
CA PRO C 369 -39.61 -12.16 21.30
C PRO C 369 -38.59 -11.59 20.33
N TYR C 370 -38.21 -10.31 20.52
CA TYR C 370 -37.28 -9.63 19.65
C TYR C 370 -35.94 -9.39 20.36
N GLY C 371 -35.57 -10.30 21.24
CA GLY C 371 -34.25 -10.27 21.93
C GLY C 371 -34.39 -9.66 23.31
N PHE C 372 -33.24 -9.31 23.91
CA PHE C 372 -33.19 -8.77 25.26
C PHE C 372 -33.92 -7.44 25.33
N TYR C 373 -34.75 -7.29 26.35
CA TYR C 373 -35.45 -6.04 26.55
C TYR C 373 -34.43 -4.96 26.98
N ASP C 374 -34.86 -3.70 26.96
CA ASP C 374 -33.93 -2.57 27.06
C ASP C 374 -33.06 -2.48 28.30
N ALA C 375 -33.65 -2.75 29.46
CA ALA C 375 -33.02 -2.49 30.72
C ALA C 375 -33.84 -3.19 31.78
N PHE C 376 -33.21 -3.46 32.94
CA PHE C 376 -33.95 -3.98 34.10
C PHE C 376 -33.21 -3.62 35.39
N SER C 377 -33.98 -3.58 36.48
CA SER C 377 -33.45 -3.44 37.84
C SER C 377 -33.96 -4.60 38.67
N GLU C 378 -33.08 -5.52 39.08
CA GLU C 378 -33.47 -6.58 40.02
C GLU C 378 -33.84 -5.98 41.38
N THR C 379 -33.18 -4.90 41.78
CA THR C 379 -33.44 -4.25 43.06
C THR C 379 -34.88 -3.73 43.14
N ALA C 380 -35.33 -3.07 42.05
CA ALA C 380 -36.66 -2.43 41.96
C ALA C 380 -37.73 -3.37 41.42
N ASP C 381 -37.33 -4.60 41.09
CA ASP C 381 -38.23 -5.59 40.49
C ASP C 381 -38.88 -4.97 39.25
N TRP C 382 -38.03 -4.35 38.42
CA TRP C 382 -38.46 -3.57 37.30
C TRP C 382 -37.97 -4.29 36.03
N TYR C 383 -38.92 -4.83 35.27
CA TYR C 383 -38.61 -5.61 34.09
C TYR C 383 -39.53 -5.20 32.95
N PRO C 384 -39.27 -4.03 32.35
CA PRO C 384 -40.15 -3.58 31.28
C PRO C 384 -39.99 -4.46 30.06
N LYS C 385 -41.09 -4.75 29.37
CA LYS C 385 -41.07 -5.50 28.12
C LYS C 385 -41.06 -4.47 26.99
N ARG C 386 -39.94 -3.75 26.90
CA ARG C 386 -39.80 -2.62 25.99
C ARG C 386 -38.47 -2.64 25.28
N TYR C 387 -38.46 -2.13 24.05
CA TYR C 387 -37.28 -2.13 23.17
C TYR C 387 -36.95 -0.74 22.68
N LEU C 388 -35.67 -0.46 22.43
CA LEU C 388 -35.24 0.76 21.72
C LEU C 388 -34.31 0.34 20.58
N ALA C 389 -34.50 0.94 19.39
CA ALA C 389 -33.65 0.70 18.21
C ALA C 389 -32.15 0.82 18.49
N ILE C 390 -31.76 1.89 19.17
CA ILE C 390 -30.34 2.20 19.36
C ILE C 390 -29.66 1.27 20.34
N ASP C 391 -30.45 0.62 21.18
CA ASP C 391 -29.92 -0.39 22.10
C ASP C 391 -29.93 -1.79 21.47
N GLN C 392 -30.93 -2.08 20.64
CA GLN C 392 -30.99 -3.37 19.94
C GLN C 392 -29.96 -3.53 18.82
N GLY C 393 -29.77 -2.47 18.04
CA GLY C 393 -28.95 -2.51 16.85
C GLY C 393 -27.55 -2.98 17.10
N PRO C 394 -26.88 -2.33 18.03
CA PRO C 394 -25.52 -2.76 18.37
C PRO C 394 -25.33 -4.21 18.87
N ILE C 395 -26.33 -4.78 19.51
CA ILE C 395 -26.24 -6.18 19.95
C ILE C 395 -26.06 -7.08 18.75
N ALA C 396 -26.95 -6.95 17.78
CA ALA C 396 -26.91 -7.79 16.57
C ALA C 396 -25.63 -7.57 15.75
N VAL C 397 -25.24 -6.31 15.60
CA VAL C 397 -24.10 -5.93 14.76
C VAL C 397 -22.76 -6.33 15.36
N ILE C 399 -22.22 -8.68 17.68
CA ILE C 399 -22.12 -10.14 17.68
C ILE C 399 -21.64 -10.61 16.31
N GLU C 400 -22.18 -10.01 15.25
CA GLU C 400 -21.73 -10.38 13.90
C GLU C 400 -20.28 -10.05 13.67
N ASN C 401 -19.88 -8.85 14.12
CA ASN C 401 -18.48 -8.43 13.94
C ASN C 401 -17.50 -9.37 14.69
N TYR C 402 -17.87 -9.77 15.89
CA TYR C 402 -17.12 -10.79 16.61
C TYR C 402 -17.08 -12.15 15.88
N ARG C 403 -18.21 -12.60 15.36
CA ARG C 403 -18.28 -13.90 14.67
C ARG C 403 -17.58 -13.94 13.30
N THR C 404 -17.82 -12.93 12.45
CA THR C 404 -17.29 -12.94 11.07
C THR C 404 -16.58 -11.66 10.62
N GLY C 405 -16.69 -10.58 11.40
CA GLY C 405 -16.14 -9.27 11.02
C GLY C 405 -16.84 -8.61 9.85
N LEU C 406 -18.08 -9.02 9.54
CA LEU C 406 -18.79 -8.59 8.32
C LEU C 406 -18.87 -7.07 8.11
N LEU C 407 -19.44 -6.38 9.09
CA LEU C 407 -19.73 -4.97 8.94
C LEU C 407 -18.42 -4.16 8.88
N TRP C 408 -17.41 -4.60 9.62
CA TRP C 408 -16.09 -3.97 9.56
C TRP C 408 -15.47 -4.15 8.17
N LYS C 409 -15.53 -5.38 7.65
CA LYS C 409 -14.94 -5.67 6.36
C LYS C 409 -15.60 -4.79 5.31
N LEU C 410 -16.93 -4.63 5.40
CA LEU C 410 -17.69 -3.86 4.43
C LEU C 410 -17.42 -2.36 4.48
N PHE C 411 -17.45 -1.77 5.68
CA PHE C 411 -17.21 -0.34 5.84
C PHE C 411 -15.79 0.04 5.56
N SER C 413 -13.76 -1.21 3.54
CA SER C 413 -13.43 -1.35 2.10
C SER C 413 -13.90 -0.19 1.25
N HIS C 414 -14.72 0.70 1.81
CA HIS C 414 -15.27 1.77 1.07
C HIS C 414 -14.20 2.81 0.76
N PRO C 415 -13.96 3.11 -0.54
CA PRO C 415 -12.82 3.95 -0.89
C PRO C 415 -12.84 5.37 -0.33
N ASP C 416 -14.02 5.97 -0.20
CA ASP C 416 -14.12 7.29 0.44
C ASP C 416 -13.73 7.20 1.90
N VAL C 417 -14.18 6.14 2.57
CA VAL C 417 -13.84 5.91 3.95
C VAL C 417 -12.32 5.77 4.12
N GLN C 418 -11.67 4.98 3.26
CA GLN C 418 -10.20 4.85 3.36
CA GLN C 418 -10.20 4.82 3.27
C GLN C 418 -9.50 6.19 3.10
N ASN C 419 -10.04 7.00 2.19
CA ASN C 419 -9.49 8.35 1.95
C ASN C 419 -9.65 9.27 3.14
N GLY C 420 -10.84 9.26 3.75
CA GLY C 420 -11.09 10.04 4.97
C GLY C 420 -10.10 9.72 6.08
N LEU C 421 -9.85 8.43 6.27
CA LEU C 421 -8.98 7.93 7.34
C LEU C 421 -7.54 8.35 7.12
N LYS C 422 -7.07 8.19 5.88
CA LYS C 422 -5.73 8.66 5.48
C LYS C 422 -5.56 10.17 5.76
N LYS C 423 -6.55 10.95 5.35
CA LYS C 423 -6.56 12.41 5.54
C LYS C 423 -6.42 12.85 7.01
N LEU C 424 -7.09 12.13 7.93
CA LEU C 424 -7.05 12.46 9.36
C LEU C 424 -5.87 11.84 10.09
N GLY C 425 -5.10 11.00 9.41
CA GLY C 425 -3.88 10.43 9.99
C GLY C 425 -4.04 9.11 10.72
N PHE C 426 -5.12 8.40 10.43
CA PHE C 426 -5.35 7.10 11.01
C PHE C 426 -4.56 6.04 10.27
N ASN C 427 -4.07 5.05 11.01
CA ASN C 427 -3.40 3.90 10.41
C ASN C 427 -4.00 2.63 10.97
N VAL C 428 -3.88 1.55 10.22
CA VAL C 428 -4.28 0.22 10.67
C VAL C 428 -3.06 -0.71 10.64
N LYS C 429 -2.63 -1.17 11.81
CA LYS C 429 -1.57 -2.17 11.92
C LYS C 429 -2.12 -3.24 12.85
N LYS C 430 -2.67 -4.29 12.26
CA LYS C 430 -3.14 -5.45 13.00
C LYS C 430 -1.94 -6.33 13.35
N LYS D 9 34.55 9.98 24.86
CA LYS D 9 33.79 11.27 25.02
C LYS D 9 32.29 10.98 25.14
N PRO D 10 31.57 11.65 26.08
CA PRO D 10 30.16 11.31 26.25
C PRO D 10 29.24 12.06 25.27
N SER D 11 28.21 11.39 24.77
CA SER D 11 27.39 11.94 23.69
C SER D 11 26.02 11.25 23.66
N SER D 12 25.02 11.94 23.13
CA SER D 12 23.72 11.29 22.84
C SER D 12 23.84 10.17 21.79
N ALA D 13 24.88 10.21 20.94
CA ALA D 13 25.13 9.18 19.90
C ALA D 13 25.87 7.92 20.41
N THR D 14 26.53 8.00 21.57
CA THR D 14 27.26 6.85 22.16
C THR D 14 26.28 5.84 22.77
N SER D 15 26.57 4.55 22.60
CA SER D 15 25.76 3.49 23.19
C SER D 15 25.71 3.60 24.72
N LEU D 16 24.59 3.14 25.30
CA LEU D 16 24.49 2.85 26.73
C LEU D 16 25.62 1.91 27.19
N THR D 17 26.14 2.13 28.39
CA THR D 17 27.04 1.15 29.00
C THR D 17 26.26 -0.16 29.18
N ASP D 18 26.96 -1.29 29.34
CA ASP D 18 26.37 -2.62 29.64
C ASP D 18 25.54 -2.53 30.90
N ASP D 19 26.08 -1.86 31.92
CA ASP D 19 25.41 -1.76 33.21
C ASP D 19 24.17 -0.93 33.14
N ALA D 20 24.20 0.16 32.38
CA ALA D 20 23.04 1.04 32.22
C ALA D 20 21.96 0.38 31.35
N LEU D 21 22.39 -0.37 30.34
CA LEU D 21 21.46 -1.17 29.53
C LEU D 21 20.77 -2.27 30.37
N ASP D 23 20.36 -2.37 33.71
CA ASP D 23 19.41 -1.81 34.70
CA ASP D 23 19.49 -1.64 34.65
C ASP D 23 18.13 -1.37 33.97
N THR D 24 18.23 -0.76 32.79
CA THR D 24 17.05 -0.36 32.02
C THR D 24 16.15 -1.57 31.67
N VAL D 25 16.75 -2.65 31.20
CA VAL D 25 16.03 -3.88 30.86
C VAL D 25 15.43 -4.54 32.11
N GLN D 26 16.22 -4.61 33.19
CA GLN D 26 15.75 -5.10 34.50
C GLN D 26 14.59 -4.31 35.07
N ARG D 27 14.66 -2.98 35.02
CA ARG D 27 13.59 -2.14 35.56
C ARG D 27 12.26 -2.40 34.85
N ARG D 28 12.30 -2.36 33.54
CA ARG D 28 11.12 -2.52 32.76
C ARG D 28 10.57 -3.92 32.83
N THR D 29 11.44 -4.93 32.83
CA THR D 29 11.01 -6.33 32.97
C THR D 29 10.42 -6.66 34.34
N PHE D 30 10.99 -6.06 35.40
CA PHE D 30 10.45 -6.12 36.77
C PHE D 30 9.05 -5.50 36.75
N ASN D 31 8.88 -4.40 36.03
CA ASN D 31 7.60 -3.72 35.95
C ASN D 31 6.50 -4.59 35.33
N TYR D 32 6.86 -5.56 34.49
CA TYR D 32 5.90 -6.53 34.01
C TYR D 32 5.24 -7.21 35.20
N PHE D 33 6.03 -7.69 36.14
CA PHE D 33 5.50 -8.42 37.28
C PHE D 33 5.00 -7.50 38.40
N TRP D 34 5.48 -6.28 38.45
CA TRP D 34 5.05 -5.34 39.48
C TRP D 34 3.78 -4.59 39.06
N ASP D 35 3.84 -3.89 37.94
CA ASP D 35 2.76 -3.06 37.51
C ASP D 35 1.70 -3.86 36.78
N ALA D 36 2.09 -4.88 36.03
CA ALA D 36 1.13 -5.61 35.22
C ALA D 36 0.79 -7.01 35.83
N ALA D 37 0.98 -7.17 37.14
CA ALA D 37 0.43 -8.31 37.91
C ALA D 37 -1.11 -8.31 37.83
N GLU D 38 -1.71 -9.50 37.77
CA GLU D 38 -3.17 -9.58 37.82
C GLU D 38 -3.59 -9.01 39.19
N PRO D 39 -4.50 -8.00 39.19
CA PRO D 39 -4.85 -7.28 40.42
C PRO D 39 -5.49 -8.07 41.59
N ASN D 40 -6.33 -9.07 41.34
CA ASN D 40 -6.98 -9.77 42.43
CA ASN D 40 -6.97 -9.82 42.44
C ASN D 40 -6.00 -10.71 43.16
N SER D 41 -5.24 -11.50 42.39
CA SER D 41 -4.34 -12.51 42.91
C SER D 41 -2.96 -11.94 43.27
N GLY D 42 -2.51 -10.93 42.53
CA GLY D 42 -1.14 -10.42 42.65
C GLY D 42 -0.13 -11.25 41.89
N LEU D 43 -0.60 -12.29 41.15
CA LEU D 43 0.26 -13.24 40.47
C LEU D 43 0.59 -12.81 39.04
N ALA D 44 1.53 -13.51 38.40
CA ALA D 44 1.95 -13.15 37.04
C ALA D 44 0.92 -13.59 36.02
N ARG D 45 0.56 -12.70 35.12
CA ARG D 45 -0.37 -13.03 34.04
C ARG D 45 0.36 -13.90 33.03
N GLU D 46 -0.32 -14.93 32.56
CA GLU D 46 0.21 -15.78 31.48
C GLU D 46 0.61 -14.96 30.25
N ARG D 47 -0.23 -14.00 29.88
CA ARG D 47 0.00 -13.19 28.71
C ARG D 47 -0.54 -11.78 28.95
N TYR D 48 0.03 -10.81 28.24
CA TYR D 48 -0.41 -9.42 28.33
C TYR D 48 -0.12 -8.79 26.96
N HIS D 49 -1.17 -8.35 26.30
CA HIS D 49 -1.14 -7.79 24.95
C HIS D 49 -1.44 -6.28 24.97
N ASP D 51 -1.97 -4.40 22.52
CA ASP D 51 -3.06 -4.20 21.55
C ASP D 51 -4.46 -4.50 22.08
N GLY D 52 -4.54 -5.21 23.21
CA GLY D 52 -5.82 -5.51 23.85
C GLY D 52 -6.62 -6.71 23.34
N GLU D 53 -6.13 -7.36 22.29
CA GLU D 53 -6.87 -8.45 21.64
CA GLU D 53 -6.84 -8.45 21.62
C GLU D 53 -6.32 -9.78 22.14
N TYR D 54 -7.23 -10.64 22.59
CA TYR D 54 -6.86 -11.92 23.21
C TYR D 54 -7.70 -13.01 22.52
N PRO D 55 -7.21 -13.55 21.40
CA PRO D 55 -7.91 -14.63 20.68
C PRO D 55 -7.86 -16.02 21.32
N ALA D 56 -6.96 -16.27 22.26
CA ALA D 56 -6.77 -17.61 22.79
C ALA D 56 -6.62 -17.64 24.31
N GLY D 57 -7.51 -16.96 25.02
CA GLY D 57 -7.42 -16.82 26.47
C GLY D 57 -6.97 -15.42 26.90
N GLY D 58 -7.53 -14.95 27.99
CA GLY D 58 -7.39 -13.55 28.40
C GLY D 58 -6.23 -13.32 29.34
N PRO D 59 -6.01 -12.05 29.70
CA PRO D 59 -4.94 -11.64 30.62
C PRO D 59 -5.24 -11.87 32.11
N GLU D 60 -6.45 -12.28 32.47
CA GLU D 60 -6.84 -12.55 33.86
C GLU D 60 -6.37 -13.92 34.34
N ILE D 61 -5.99 -14.76 33.37
CA ILE D 61 -5.38 -16.03 33.65
C ILE D 61 -3.94 -15.86 34.17
N VAL D 62 -3.65 -16.47 35.31
CA VAL D 62 -2.36 -16.40 35.96
C VAL D 62 -1.67 -17.78 35.91
N THR D 63 -0.34 -17.76 35.91
CA THR D 63 0.47 -18.97 35.68
C THR D 63 1.26 -19.25 36.95
N SER D 64 1.25 -20.49 37.41
CA SER D 64 2.02 -20.87 38.60
C SER D 64 3.56 -20.79 38.38
N GLY D 65 4.06 -21.45 37.33
CA GLY D 65 5.48 -21.42 37.05
C GLY D 65 6.00 -20.00 36.71
N GLY D 66 5.24 -19.28 35.87
CA GLY D 66 5.58 -17.90 35.51
C GLY D 66 5.59 -16.98 36.72
N SER D 67 4.72 -17.26 37.70
CA SER D 67 4.66 -16.50 38.94
C SER D 67 5.90 -16.80 39.78
N GLY D 68 6.33 -18.05 39.75
CA GLY D 68 7.64 -18.44 40.36
C GLY D 68 8.80 -17.62 39.82
N PHE D 69 8.89 -17.49 38.50
CA PHE D 69 9.89 -16.62 37.90
C PHE D 69 9.68 -15.19 38.34
N GLY D 70 8.44 -14.74 38.33
CA GLY D 70 8.13 -13.38 38.71
C GLY D 70 8.45 -12.95 40.11
N ILE D 71 8.20 -13.82 41.08
CA ILE D 71 8.56 -13.51 42.47
C ILE D 71 10.06 -13.41 42.65
N ALA D 73 12.02 -12.29 40.12
CA ALA D 73 12.23 -10.93 39.56
C ALA D 73 11.88 -9.86 40.62
N ILE D 74 10.80 -10.04 41.38
CA ILE D 74 10.42 -9.05 42.40
C ILE D 74 11.44 -9.01 43.54
N LEU D 75 11.94 -10.18 43.94
CA LEU D 75 13.06 -10.27 44.91
C LEU D 75 14.25 -9.42 44.52
N ALA D 76 14.64 -9.51 43.24
CA ALA D 76 15.72 -8.67 42.69
C ALA D 76 15.41 -7.19 42.82
N GLY D 77 14.17 -6.82 42.53
CA GLY D 77 13.77 -5.43 42.63
C GLY D 77 13.75 -4.88 44.04
N ILE D 78 13.32 -5.70 44.99
CA ILE D 78 13.37 -5.34 46.43
C ILE D 78 14.85 -5.10 46.83
N ASP D 79 15.71 -6.03 46.40
CA ASP D 79 17.14 -6.03 46.74
C ASP D 79 17.83 -4.76 46.23
N ARG D 80 17.38 -4.27 45.08
CA ARG D 80 17.97 -3.09 44.43
C ARG D 80 17.25 -1.80 44.79
N GLY D 81 16.17 -1.89 45.56
CA GLY D 81 15.41 -0.72 45.95
C GLY D 81 14.49 -0.17 44.88
N TYR D 82 14.14 -1.00 43.91
CA TYR D 82 13.10 -0.63 42.95
C TYR D 82 11.77 -0.29 43.61
N VAL D 83 11.44 -1.08 44.64
CA VAL D 83 10.28 -0.85 45.54
C VAL D 83 10.78 -1.01 46.97
N SER D 84 10.04 -0.48 47.95
CA SER D 84 10.47 -0.53 49.34
C SER D 84 10.36 -1.95 49.85
N ARG D 85 11.00 -2.22 50.97
CA ARG D 85 10.84 -3.50 51.67
C ARG D 85 9.40 -3.73 52.05
N GLU D 86 8.75 -2.67 52.50
CA GLU D 86 7.40 -2.68 52.99
CA GLU D 86 7.39 -2.74 52.98
C GLU D 86 6.43 -3.04 51.84
N GLU D 87 6.61 -2.38 50.69
CA GLU D 87 5.79 -2.62 49.49
C GLU D 87 6.04 -4.01 48.98
N GLY D 88 7.30 -4.42 49.03
CA GLY D 88 7.72 -5.76 48.61
C GLY D 88 7.08 -6.84 49.45
N LEU D 89 7.07 -6.66 50.77
CA LEU D 89 6.43 -7.61 51.67
C LEU D 89 4.92 -7.70 51.42
N ARG D 90 4.25 -6.57 51.21
CA ARG D 90 2.79 -6.60 50.95
C ARG D 90 2.46 -7.40 49.69
N ARG D 91 3.29 -7.28 48.67
CA ARG D 91 3.08 -8.04 47.46
C ARG D 91 3.22 -9.55 47.73
N GLU D 93 2.86 -11.12 50.62
CA GLU D 93 1.69 -11.52 51.43
C GLU D 93 0.43 -11.71 50.57
N LYS D 94 0.28 -10.87 49.54
CA LYS D 94 -0.86 -10.99 48.62
C LYS D 94 -0.75 -12.29 47.81
N ILE D 95 0.45 -12.56 47.30
CA ILE D 95 0.68 -13.76 46.47
C ILE D 95 0.46 -15.06 47.31
N VAL D 96 1.10 -15.10 48.45
CA VAL D 96 0.99 -16.23 49.37
C VAL D 96 -0.44 -16.45 49.84
N GLY D 97 -1.17 -15.40 50.16
CA GLY D 97 -2.59 -15.58 50.44
C GLY D 97 -3.38 -16.23 49.31
N PHE D 98 -3.10 -15.80 48.09
CA PHE D 98 -3.77 -16.37 46.96
C PHE D 98 -3.47 -17.88 46.85
N LEU D 99 -2.21 -18.25 47.04
CA LEU D 99 -1.79 -19.63 46.92
C LEU D 99 -2.40 -20.51 48.02
N GLU D 100 -2.66 -19.89 49.18
CA GLU D 100 -3.30 -20.56 50.31
C GLU D 100 -4.76 -20.88 50.07
N LYS D 101 -5.43 -20.12 49.21
CA LYS D 101 -6.86 -20.33 48.93
C LYS D 101 -7.15 -20.94 47.53
N ALA D 102 -6.27 -20.71 46.54
CA ALA D 102 -6.50 -21.17 45.17
C ALA D 102 -6.46 -22.72 45.05
N ASP D 103 -7.11 -23.25 44.01
CA ASP D 103 -7.15 -24.70 43.76
C ASP D 103 -5.77 -25.31 43.82
N ARG D 104 -5.64 -26.41 44.57
CA ARG D 104 -4.44 -27.26 44.62
C ARG D 104 -4.83 -28.72 44.52
N PHE D 105 -3.85 -29.55 44.14
CA PHE D 105 -4.12 -30.95 43.82
C PHE D 105 -3.03 -31.83 44.39
N LYS D 106 -3.31 -32.41 45.55
CA LYS D 106 -2.28 -33.09 46.38
C LYS D 106 -1.12 -32.18 46.72
N GLY D 107 -1.44 -30.92 47.04
CA GLY D 107 -0.44 -29.92 47.38
C GLY D 107 0.28 -29.28 46.21
N ALA D 108 0.10 -29.85 45.01
CA ALA D 108 0.65 -29.30 43.78
C ALA D 108 -0.35 -28.30 43.21
N TYR D 109 0.15 -27.45 42.33
CA TYR D 109 -0.63 -26.38 41.78
C TYR D 109 -0.93 -26.67 40.33
N PRO D 110 -2.04 -26.13 39.82
CA PRO D 110 -2.28 -26.23 38.39
C PRO D 110 -1.32 -25.35 37.56
N HIS D 111 -1.22 -25.60 36.26
CA HIS D 111 -0.51 -24.69 35.36
C HIS D 111 -1.13 -23.27 35.50
N TRP D 112 -2.47 -23.22 35.40
CA TRP D 112 -3.20 -21.96 35.33
C TRP D 112 -4.39 -21.94 36.26
N TRP D 113 -4.66 -20.76 36.81
CA TRP D 113 -5.93 -20.38 37.42
C TRP D 113 -6.47 -19.12 36.75
N ASN D 114 -7.74 -18.85 36.97
CA ASN D 114 -8.30 -17.52 36.74
C ASN D 114 -7.96 -16.73 37.99
N GLY D 115 -7.16 -15.67 37.83
CA GLY D 115 -6.72 -14.84 38.96
C GLY D 115 -7.85 -14.24 39.76
N GLU D 116 -8.99 -14.07 39.10
CA GLU D 116 -10.15 -13.44 39.72
C GLU D 116 -10.96 -14.38 40.58
N THR D 117 -10.79 -15.70 40.40
CA THR D 117 -11.59 -16.69 41.12
C THR D 117 -10.79 -17.66 41.99
N GLY D 118 -9.50 -17.83 41.66
CA GLY D 118 -8.69 -18.85 42.33
C GLY D 118 -8.99 -20.25 41.86
N HIS D 119 -9.79 -20.39 40.81
CA HIS D 119 -10.11 -21.70 40.26
C HIS D 119 -9.26 -22.07 39.08
N VAL D 120 -8.97 -23.38 38.97
CA VAL D 120 -8.13 -23.91 37.92
C VAL D 120 -8.70 -23.51 36.57
N GLN D 121 -7.82 -23.14 35.64
CA GLN D 121 -8.17 -22.92 34.26
C GLN D 121 -7.52 -24.07 33.50
N PRO D 122 -8.35 -25.00 32.98
CA PRO D 122 -7.76 -26.13 32.26
C PRO D 122 -7.04 -25.70 30.98
N PHE D 123 -5.96 -26.41 30.63
CA PHE D 123 -5.59 -26.50 29.21
C PHE D 123 -6.10 -27.78 28.65
N GLY D 124 -7.14 -27.67 27.83
CA GLY D 124 -7.73 -28.84 27.26
C GLY D 124 -8.34 -29.72 28.33
N GLN D 125 -9.17 -30.64 27.86
CA GLN D 125 -10.14 -31.35 28.68
C GLN D 125 -9.54 -31.98 29.94
N LYS D 126 -8.43 -32.71 29.81
CA LYS D 126 -7.95 -33.57 30.91
C LYS D 126 -6.84 -32.94 31.79
N ASP D 127 -6.29 -31.81 31.38
CA ASP D 127 -5.30 -31.12 32.17
C ASP D 127 -6.00 -30.05 33.01
N ASN D 128 -6.69 -30.52 34.05
CA ASN D 128 -7.48 -29.68 34.94
C ASN D 128 -7.12 -29.91 36.42
N GLY D 129 -5.93 -30.44 36.69
CA GLY D 129 -5.46 -30.72 38.04
C GLY D 129 -4.07 -30.15 38.28
N GLY D 130 -3.25 -30.92 38.99
CA GLY D 130 -1.91 -30.54 39.35
C GLY D 130 -0.99 -30.61 38.16
N ASP D 131 -0.06 -29.66 38.07
CA ASP D 131 1.04 -29.70 37.14
C ASP D 131 2.33 -29.61 37.97
N LEU D 132 3.02 -30.74 38.12
CA LEU D 132 4.17 -30.81 39.03
C LEU D 132 5.39 -30.03 38.52
N VAL D 133 5.48 -29.82 37.20
CA VAL D 133 6.61 -29.11 36.59
C VAL D 133 6.44 -27.63 36.91
N GLU D 134 5.24 -27.13 36.70
CA GLU D 134 4.88 -25.76 37.06
C GLU D 134 5.02 -25.53 38.56
N THR D 135 4.57 -26.49 39.37
CA THR D 135 4.76 -26.46 40.83
C THR D 135 6.22 -26.32 41.21
N ALA D 136 7.09 -27.07 40.53
CA ALA D 136 8.52 -26.97 40.73
C ALA D 136 9.05 -25.55 40.47
N PHE D 137 8.62 -24.93 39.38
CA PHE D 137 9.06 -23.58 39.05
C PHE D 137 8.52 -22.57 40.04
N LEU D 138 7.26 -22.72 40.46
CA LEU D 138 6.71 -21.88 41.55
C LEU D 138 7.55 -22.02 42.83
N GLN D 140 10.69 -23.12 43.28
CA GLN D 140 12.06 -22.62 43.11
C GLN D 140 12.05 -21.13 43.47
N GLY D 141 11.02 -20.41 43.05
CA GLY D 141 10.88 -19.02 43.43
C GLY D 141 10.55 -18.80 44.89
N LEU D 142 9.54 -19.53 45.37
CA LEU D 142 9.08 -19.38 46.77
C LEU D 142 10.18 -19.74 47.78
N LEU D 143 10.96 -20.77 47.50
CA LEU D 143 12.05 -21.09 48.41
C LEU D 143 13.16 -20.01 48.46
N ALA D 144 13.40 -19.29 47.35
CA ALA D 144 14.35 -18.16 47.36
C ALA D 144 13.83 -17.02 48.23
N VAL D 145 12.52 -16.73 48.15
CA VAL D 145 11.90 -15.72 49.01
C VAL D 145 12.00 -16.13 50.48
N HIS D 146 11.76 -17.41 50.76
CA HIS D 146 11.91 -17.93 52.12
C HIS D 146 13.29 -17.64 52.69
N GLN D 147 14.31 -17.86 51.90
CA GLN D 147 15.66 -17.60 52.34
C GLN D 147 15.98 -16.09 52.46
N TYR D 148 15.43 -15.27 51.57
CA TYR D 148 15.63 -13.80 51.60
C TYR D 148 15.02 -13.22 52.90
N TYR D 149 13.96 -13.85 53.39
CA TYR D 149 13.18 -13.38 54.54
C TYR D 149 13.48 -14.08 55.89
N ALA D 150 14.23 -15.17 55.86
CA ALA D 150 14.49 -16.04 57.03
C ALA D 150 15.12 -15.33 58.21
N GLU D 151 15.93 -14.32 57.94
CA GLU D 151 16.55 -13.52 58.99
C GLU D 151 16.08 -12.05 58.89
N GLY D 152 14.88 -11.84 58.35
CA GLY D 152 14.33 -10.50 58.13
C GLY D 152 13.56 -10.00 59.35
N SER D 153 12.62 -9.10 59.12
CA SER D 153 11.76 -8.56 60.17
C SER D 153 10.79 -9.63 60.70
N ALA D 154 10.12 -9.35 61.83
CA ALA D 154 9.09 -10.26 62.37
C ALA D 154 8.06 -10.60 61.30
N GLU D 155 7.62 -9.57 60.56
CA GLU D 155 6.59 -9.73 59.53
C GLU D 155 7.08 -10.51 58.31
N GLU D 156 8.33 -10.30 57.94
CA GLU D 156 8.97 -11.04 56.84
C GLU D 156 9.13 -12.49 57.22
N LYS D 157 9.58 -12.74 58.45
CA LYS D 157 9.72 -14.09 59.01
C LYS D 157 8.39 -14.86 59.07
N LYS D 158 7.30 -14.15 59.31
CA LYS D 158 5.94 -14.74 59.32
C LYS D 158 5.56 -15.24 57.92
N LEU D 159 5.80 -14.38 56.92
CA LEU D 159 5.55 -14.74 55.53
C LEU D 159 6.37 -15.92 55.10
N ALA D 160 7.62 -15.97 55.53
CA ALA D 160 8.49 -17.13 55.25
C ALA D 160 7.96 -18.41 55.91
N GLY D 161 7.41 -18.33 57.12
CA GLY D 161 6.72 -19.46 57.73
C GLY D 161 5.53 -20.00 56.89
N ARG D 162 4.75 -19.09 56.34
CA ARG D 162 3.65 -19.49 55.49
C ARG D 162 4.11 -20.17 54.18
N ILE D 163 5.18 -19.67 53.57
CA ILE D 163 5.77 -20.32 52.40
C ILE D 163 6.28 -21.70 52.75
N ASP D 164 6.91 -21.81 53.91
CA ASP D 164 7.43 -23.12 54.33
C ASP D 164 6.31 -24.16 54.48
N LYS D 165 5.18 -23.74 55.01
CA LYS D 165 4.00 -24.59 55.12
C LYS D 165 3.49 -25.03 53.73
N LEU D 166 3.39 -24.08 52.79
CA LEU D 166 3.08 -24.45 51.40
C LEU D 166 4.07 -25.47 50.81
N TRP D 167 5.35 -25.25 51.05
CA TRP D 167 6.43 -26.17 50.62
C TRP D 167 6.17 -27.59 51.14
N ARG D 168 5.91 -27.64 52.44
CA ARG D 168 5.69 -28.90 53.16
C ARG D 168 4.50 -29.66 52.66
N GLU D 169 3.50 -28.92 52.19
CA GLU D 169 2.26 -29.51 51.71
C GLU D 169 2.31 -30.16 50.31
N VAL D 170 3.33 -29.86 49.51
CA VAL D 170 3.43 -30.44 48.15
C VAL D 170 3.79 -31.92 48.26
N ASP D 171 2.91 -32.78 47.73
CA ASP D 171 3.07 -34.22 47.85
C ASP D 171 3.74 -34.76 46.60
N TRP D 172 5.04 -34.55 46.51
CA TRP D 172 5.81 -34.97 45.34
C TRP D 172 5.65 -36.46 45.11
N ASN D 173 5.72 -37.20 46.20
CA ASN D 173 5.66 -38.64 46.21
C ASN D 173 4.34 -39.19 45.64
N TRP D 174 3.22 -38.52 45.87
CA TRP D 174 1.96 -38.87 45.20
C TRP D 174 2.12 -39.04 43.70
N TYR D 175 2.90 -38.13 43.09
CA TYR D 175 3.06 -38.04 41.63
C TYR D 175 3.96 -39.12 41.04
N ARG D 176 4.37 -40.07 41.87
CA ARG D 176 4.98 -41.30 41.38
C ARG D 176 3.97 -42.33 40.84
N HIS D 177 2.68 -42.07 40.99
CA HIS D 177 1.63 -42.94 40.41
C HIS D 177 1.76 -44.37 40.97
N GLY D 178 1.60 -44.49 42.28
CA GLY D 178 1.70 -45.76 42.98
C GLY D 178 3.12 -46.25 43.19
N GLY D 179 4.04 -45.34 43.55
CA GLY D 179 5.39 -45.74 43.97
C GLY D 179 6.36 -46.16 42.86
N GLN D 180 6.08 -45.72 41.63
CA GLN D 180 7.00 -45.95 40.51
C GLN D 180 8.23 -45.09 40.68
N ASN D 181 9.34 -45.50 40.07
CA ASN D 181 10.60 -44.74 40.16
C ASN D 181 10.70 -43.71 39.03
N VAL D 182 9.73 -42.79 39.04
CA VAL D 182 9.61 -41.74 38.04
C VAL D 182 8.58 -40.75 38.58
N LEU D 183 8.57 -39.54 38.01
CA LEU D 183 7.52 -38.53 38.31
C LEU D 183 6.65 -38.26 37.10
N TYR D 184 5.34 -38.20 37.32
CA TYR D 184 4.39 -37.86 36.28
C TYR D 184 4.11 -36.37 36.38
N TRP D 185 3.95 -35.76 35.21
CA TRP D 185 3.78 -34.33 35.05
C TRP D 185 2.44 -33.88 35.66
N HIS D 186 1.39 -34.66 35.41
CA HIS D 186 0.01 -34.29 35.74
C HIS D 186 -0.70 -35.31 36.68
N TRP D 187 -1.69 -34.80 37.42
CA TRP D 187 -2.72 -35.60 38.07
C TRP D 187 -4.03 -34.83 38.20
N SER D 188 -5.14 -35.50 37.91
CA SER D 188 -6.47 -34.88 37.95
C SER D 188 -7.36 -35.64 38.91
N PRO D 189 -8.11 -34.93 39.78
CA PRO D 189 -9.11 -35.62 40.61
C PRO D 189 -10.20 -36.28 39.76
N GLU D 190 -10.48 -35.68 38.59
CA GLU D 190 -11.48 -36.16 37.67
C GLU D 190 -10.92 -37.23 36.74
N TYR D 191 -9.78 -36.94 36.13
CA TYR D 191 -9.22 -37.79 35.07
C TYR D 191 -8.03 -38.67 35.49
N GLY D 192 -7.64 -38.61 36.78
CA GLY D 192 -6.56 -39.41 37.33
C GLY D 192 -5.24 -39.24 36.59
N TRP D 193 -4.71 -40.36 36.08
CA TRP D 193 -3.42 -40.40 35.43
C TRP D 193 -3.54 -40.50 33.92
N GLU D 194 -4.71 -40.15 33.37
CA GLU D 194 -4.94 -40.25 31.93
C GLU D 194 -4.00 -39.39 31.05
N ASN D 196 -0.87 -39.20 31.54
CA ASN D 196 0.14 -40.24 31.43
C ASN D 196 1.46 -39.76 30.82
N PHE D 197 2.08 -38.79 31.48
CA PHE D 197 3.30 -38.19 30.97
C PHE D 197 4.42 -38.32 32.01
N PRO D 198 5.09 -39.49 32.06
CA PRO D 198 6.28 -39.67 32.91
C PRO D 198 7.47 -38.86 32.34
N VAL D 199 8.19 -38.18 33.25
CA VAL D 199 9.15 -37.15 32.85
C VAL D 199 10.57 -37.72 32.81
N HIS D 200 11.09 -37.93 31.58
CA HIS D 200 12.47 -38.38 31.34
C HIS D 200 13.28 -37.19 30.79
N GLY D 201 14.59 -37.16 31.08
CA GLY D 201 15.46 -36.07 30.61
C GLY D 201 16.18 -36.40 29.32
N TYR D 202 16.96 -35.47 28.78
CA TYR D 202 17.02 -34.07 29.25
C TYR D 202 15.90 -33.17 28.65
N ASN D 203 15.32 -32.35 29.51
CA ASN D 203 14.48 -31.24 29.08
C ASN D 203 14.49 -30.18 30.18
N GLU D 204 13.49 -29.29 30.22
CA GLU D 204 13.49 -28.17 31.17
C GLU D 204 13.18 -28.55 32.63
N CYS D 205 12.86 -29.83 32.90
CA CYS D 205 12.24 -30.24 34.17
C CYS D 205 13.14 -30.77 35.32
N LEU D 206 14.46 -30.59 35.23
CA LEU D 206 15.40 -31.09 36.25
C LEU D 206 15.08 -30.65 37.68
N ILE D 207 14.76 -29.36 37.84
CA ILE D 207 14.46 -28.78 39.14
C ILE D 207 13.31 -29.51 39.85
N TYR D 209 12.69 -32.83 39.80
CA TYR D 209 13.32 -33.98 40.42
C TYR D 209 14.14 -33.56 41.65
N ILE D 210 14.87 -32.46 41.52
CA ILE D 210 15.65 -31.96 42.63
C ILE D 210 14.80 -31.62 43.85
N LEU D 211 13.69 -30.93 43.61
CA LEU D 211 12.79 -30.47 44.67
C LEU D 211 12.02 -31.64 45.25
N ALA D 212 11.68 -32.62 44.41
CA ALA D 212 11.07 -33.87 44.90
C ALA D 212 11.98 -34.60 45.89
N ALA D 213 13.28 -34.65 45.60
CA ALA D 213 14.29 -35.25 46.49
C ALA D 213 14.48 -34.42 47.76
N ALA D 214 14.42 -33.09 47.63
CA ALA D 214 14.59 -32.14 48.74
C ALA D 214 13.44 -32.10 49.76
N SER D 215 12.23 -32.50 49.37
CA SER D 215 11.08 -32.33 50.27
C SER D 215 11.32 -33.03 51.62
N PRO D 216 11.19 -32.29 52.74
CA PRO D 216 11.36 -32.90 54.05
C PRO D 216 10.09 -33.58 54.60
N THR D 217 9.01 -33.59 53.82
CA THR D 217 7.73 -34.15 54.23
C THR D 217 7.20 -35.23 53.24
N HIS D 218 7.35 -34.96 51.94
CA HIS D 218 6.85 -35.86 50.91
C HIS D 218 7.88 -36.17 49.82
N GLY D 219 9.12 -36.32 50.25
CA GLY D 219 10.23 -36.51 49.34
C GLY D 219 10.27 -37.89 48.75
N VAL D 220 11.04 -38.04 47.68
CA VAL D 220 11.15 -39.30 46.94
C VAL D 220 12.56 -39.88 47.16
N PRO D 221 12.71 -41.20 46.94
CA PRO D 221 14.03 -41.85 46.92
C PRO D 221 14.86 -41.48 45.68
N ALA D 222 16.20 -41.56 45.78
CA ALA D 222 17.09 -41.19 44.67
C ALA D 222 16.81 -42.04 43.41
N ALA D 223 16.34 -43.26 43.61
CA ALA D 223 15.87 -44.13 42.54
C ALA D 223 14.96 -43.46 41.51
N VAL D 224 14.05 -42.60 41.97
CA VAL D 224 13.11 -41.83 41.10
C VAL D 224 13.89 -40.95 40.09
N TYR D 225 14.99 -40.36 40.52
CA TYR D 225 15.87 -39.58 39.67
C TYR D 225 16.72 -40.49 38.76
N HIS D 226 17.40 -41.46 39.35
CA HIS D 226 18.36 -42.29 38.59
C HIS D 226 17.67 -43.13 37.52
N GLU D 227 16.50 -43.67 37.86
CA GLU D 227 15.74 -44.51 36.93
C GLU D 227 14.75 -43.73 36.06
N GLY D 228 14.05 -42.77 36.64
CA GLY D 228 12.98 -42.02 35.96
C GLY D 228 13.49 -40.90 35.07
N TRP D 229 14.24 -39.96 35.66
CA TRP D 229 14.81 -38.83 34.92
C TRP D 229 15.95 -39.29 34.02
N ALA D 230 16.94 -39.97 34.62
CA ALA D 230 18.20 -40.26 33.95
C ALA D 230 18.17 -41.59 33.17
N GLN D 231 17.14 -42.38 33.39
CA GLN D 231 16.93 -43.69 32.71
C GLN D 231 18.20 -44.54 32.74
N ASN D 232 18.71 -44.70 33.96
CA ASN D 232 19.88 -45.54 34.25
C ASN D 232 21.15 -45.17 33.51
N GLY D 233 21.28 -43.89 33.16
CA GLY D 233 22.41 -43.42 32.36
C GLY D 233 22.13 -43.20 30.89
N ALA D 234 20.93 -43.54 30.41
CA ALA D 234 20.55 -43.28 29.01
C ALA D 234 20.45 -41.75 28.69
N ILE D 235 20.37 -40.92 29.74
CA ILE D 235 20.42 -39.47 29.58
C ILE D 235 21.83 -39.00 29.17
N VAL D 236 22.84 -39.87 29.26
CA VAL D 236 24.19 -39.54 28.80
C VAL D 236 24.36 -40.05 27.36
N SER D 237 24.68 -39.13 26.46
CA SER D 237 24.76 -39.43 25.04
C SER D 237 25.50 -38.35 24.25
N PRO D 238 26.84 -38.30 24.40
CA PRO D 238 27.64 -37.27 23.76
C PRO D 238 27.50 -37.26 22.24
N HIS D 239 27.24 -36.09 21.66
CA HIS D 239 27.10 -35.91 20.23
C HIS D 239 27.39 -34.44 19.88
N LYS D 240 27.47 -34.14 18.57
CA LYS D 240 27.70 -32.78 18.10
C LYS D 240 26.49 -32.21 17.39
N VAL D 241 26.20 -30.93 17.65
CA VAL D 241 25.18 -30.18 16.91
C VAL D 241 25.82 -28.84 16.49
N GLU D 242 25.73 -28.50 15.20
CA GLU D 242 26.39 -27.28 14.68
C GLU D 242 27.90 -27.23 15.02
N GLY D 243 28.52 -28.41 15.06
CA GLY D 243 29.93 -28.54 15.40
C GLY D 243 30.27 -28.46 16.87
N ILE D 244 29.27 -28.39 17.73
CA ILE D 244 29.46 -28.16 19.16
C ILE D 244 28.99 -29.38 19.93
N GLU D 245 29.79 -29.76 20.92
CA GLU D 245 29.55 -30.95 21.72
C GLU D 245 28.43 -30.74 22.75
N LEU D 246 27.48 -31.67 22.78
CA LEU D 246 26.54 -31.78 23.86
C LEU D 246 26.65 -33.17 24.50
N HIS D 247 26.69 -33.20 25.82
CA HIS D 247 26.86 -34.42 26.62
C HIS D 247 25.57 -35.22 26.81
N LEU D 248 24.44 -34.52 26.91
CA LEU D 248 23.18 -35.15 27.28
C LEU D 248 22.32 -35.62 26.10
N ARG D 249 21.48 -36.60 26.39
CA ARG D 249 20.43 -37.05 25.49
C ARG D 249 19.21 -36.11 25.64
N TYR D 250 18.91 -35.36 24.58
CA TYR D 250 17.80 -34.39 24.57
C TYR D 250 16.50 -35.07 24.14
N GLN D 251 15.42 -34.79 24.87
CA GLN D 251 14.12 -35.40 24.59
C GLN D 251 13.64 -34.93 23.25
N GLY D 252 13.30 -35.88 22.39
CA GLY D 252 12.75 -35.57 21.06
C GLY D 252 13.70 -35.14 19.95
N GLY D 253 15.01 -35.20 20.17
CA GLY D 253 15.98 -34.74 19.16
C GLY D 253 17.41 -34.58 19.68
N GLU D 254 18.25 -33.91 18.90
CA GLU D 254 19.70 -33.74 19.20
C GLU D 254 19.96 -32.50 20.06
N ALA D 255 18.95 -31.66 20.21
CA ALA D 255 19.08 -30.49 21.05
C ALA D 255 17.65 -30.07 21.47
N GLY D 256 17.48 -28.80 21.80
CA GLY D 256 16.18 -28.31 22.22
C GLY D 256 16.09 -26.80 22.11
N PRO D 257 14.89 -26.26 22.34
CA PRO D 257 14.74 -24.81 22.49
C PRO D 257 15.59 -24.25 23.64
N LEU D 258 16.00 -22.99 23.55
CA LEU D 258 17.03 -22.51 24.49
C LEU D 258 16.54 -22.43 25.95
N PHE D 259 15.22 -22.37 26.19
CA PHE D 259 14.74 -22.27 27.57
C PHE D 259 15.10 -23.48 28.42
N TRP D 260 15.40 -24.60 27.77
CA TRP D 260 15.79 -25.80 28.49
C TRP D 260 17.09 -25.58 29.27
N ALA D 261 17.92 -24.63 28.81
CA ALA D 261 19.19 -24.26 29.44
C ALA D 261 18.98 -23.35 30.66
N GLN D 262 17.74 -22.94 30.89
CA GLN D 262 17.47 -21.72 31.70
C GLN D 262 16.50 -21.88 32.88
N TYR D 263 15.36 -22.55 32.67
CA TYR D 263 14.28 -22.60 33.69
C TYR D 263 14.69 -23.28 34.98
N SER D 264 15.34 -24.43 34.86
CA SER D 264 15.81 -25.19 36.03
C SER D 264 17.09 -24.59 36.64
N PHE D 265 17.58 -23.48 36.08
CA PHE D 265 18.83 -22.87 36.52
C PHE D 265 18.69 -21.40 36.99
N LEU D 266 17.47 -20.99 37.29
CA LEU D 266 17.19 -19.68 37.89
C LEU D 266 17.56 -19.62 39.38
N GLY D 267 17.30 -20.72 40.09
CA GLY D 267 17.67 -20.88 41.50
C GLY D 267 18.85 -21.86 41.69
N LEU D 268 18.73 -23.02 41.06
CA LEU D 268 19.80 -24.01 41.01
C LEU D 268 21.01 -23.47 40.25
N ASP D 269 22.12 -23.32 40.97
CA ASP D 269 23.34 -22.72 40.40
C ASP D 269 24.07 -23.74 39.52
N PRO D 270 24.21 -23.46 38.19
CA PRO D 270 24.96 -24.37 37.32
C PRO D 270 26.49 -24.26 37.46
N VAL D 271 26.96 -23.14 38.00
CA VAL D 271 28.40 -22.91 38.09
C VAL D 271 29.04 -23.90 39.07
N GLY D 272 29.89 -24.75 38.52
CA GLY D 272 30.54 -25.79 39.29
C GLY D 272 29.65 -26.96 39.61
N LEU D 273 28.47 -27.03 39.02
CA LEU D 273 27.51 -28.11 39.33
C LEU D 273 27.85 -29.38 38.53
N LYS D 274 27.87 -30.53 39.20
CA LYS D 274 28.08 -31.79 38.52
C LYS D 274 27.37 -32.88 39.28
N ASP D 275 27.10 -33.99 38.59
CA ASP D 275 26.62 -35.23 39.23
C ASP D 275 27.01 -36.38 38.31
N GLU D 276 26.45 -37.59 38.55
CA GLU D 276 26.87 -38.77 37.78
C GLU D 276 26.70 -38.60 36.26
N TYR D 277 25.71 -37.82 35.82
CA TYR D 277 25.34 -37.75 34.40
C TYR D 277 25.93 -36.58 33.61
N CYS D 278 26.60 -35.66 34.29
CA CYS D 278 27.19 -34.47 33.67
C CYS D 278 28.29 -33.88 34.54
N PRO D 279 29.53 -33.80 34.01
CA PRO D 279 30.66 -33.17 34.75
C PRO D 279 30.60 -31.64 34.93
N SER D 280 29.79 -30.97 34.12
CA SER D 280 29.48 -29.54 34.34
C SER D 280 28.17 -29.12 33.66
N TYR D 281 27.13 -28.92 34.46
CA TYR D 281 25.86 -28.39 33.94
C TYR D 281 26.06 -27.03 33.26
N PHE D 282 26.98 -26.22 33.77
CA PHE D 282 27.33 -24.93 33.15
C PHE D 282 27.83 -25.09 31.73
N ASN D 283 28.84 -25.95 31.54
CA ASN D 283 29.45 -26.14 30.22
C ASN D 283 28.44 -26.72 29.24
N GLU D 284 27.53 -27.55 29.74
CA GLU D 284 26.47 -28.14 28.89
C GLU D 284 25.49 -27.06 28.42
N ARG D 286 25.95 -23.83 28.44
CA ARG D 286 26.74 -22.92 27.60
C ARG D 286 26.84 -23.40 26.15
N ASN D 287 27.18 -24.67 26.00
CA ASN D 287 27.25 -25.27 24.68
C ASN D 287 25.89 -25.30 23.97
N LEU D 288 24.81 -25.59 24.69
CA LEU D 288 23.44 -25.51 24.13
C LEU D 288 23.12 -24.11 23.62
N THR D 289 23.52 -23.12 24.40
CA THR D 289 23.37 -21.71 23.99
C THR D 289 24.14 -21.42 22.70
N LEU D 290 25.38 -21.86 22.65
CA LEU D 290 26.26 -21.65 21.51
C LEU D 290 25.84 -22.42 20.25
N VAL D 291 25.24 -23.60 20.42
CA VAL D 291 24.57 -24.34 19.33
C VAL D 291 23.47 -23.47 18.73
N ASN D 292 22.67 -22.86 19.61
CA ASN D 292 21.55 -22.00 19.18
C ASN D 292 22.08 -20.79 18.38
N ARG D 293 23.08 -20.13 18.95
CA ARG D 293 23.78 -19.03 18.26
C ARG D 293 24.40 -19.43 16.93
N GLU D 294 25.00 -20.60 16.86
CA GLU D 294 25.68 -21.05 15.64
C GLU D 294 24.68 -21.37 14.54
N TYR D 295 23.57 -21.99 14.88
CA TYR D 295 22.52 -22.21 13.87
C TYR D 295 22.08 -20.87 13.23
N CYS D 296 21.84 -19.86 14.07
CA CYS D 296 21.33 -18.57 13.61
C CYS D 296 22.31 -17.88 12.72
N ILE D 297 23.59 -17.91 13.09
CA ILE D 297 24.64 -17.31 12.30
C ILE D 297 24.73 -17.99 10.94
N ARG D 298 24.67 -19.33 10.91
CA ARG D 298 24.64 -20.06 9.66
C ARG D 298 23.43 -19.69 8.79
N ASN D 299 22.26 -19.56 9.42
CA ASN D 299 21.02 -19.04 8.78
C ASN D 299 20.63 -19.81 7.51
N PRO D 300 20.51 -21.14 7.62
CA PRO D 300 20.25 -21.94 6.43
C PRO D 300 18.92 -21.68 5.78
N LYS D 301 17.98 -21.05 6.49
CA LYS D 301 16.67 -20.74 5.91
C LYS D 301 16.56 -19.28 5.46
N HIS D 302 17.65 -18.52 5.53
CA HIS D 302 17.74 -17.22 4.88
C HIS D 302 16.77 -16.22 5.48
N TYR D 303 16.74 -16.13 6.79
CA TYR D 303 15.89 -15.20 7.47
C TYR D 303 16.59 -13.87 7.75
N LYS D 304 15.84 -12.78 7.56
CA LYS D 304 16.34 -11.44 7.73
C LYS D 304 16.79 -11.20 9.15
N GLY D 305 17.99 -10.68 9.27
CA GLY D 305 18.47 -10.16 10.53
C GLY D 305 19.21 -11.13 11.40
N TYR D 306 19.15 -12.43 11.08
CA TYR D 306 19.89 -13.46 11.83
C TYR D 306 21.38 -13.23 11.68
N GLY D 307 22.13 -13.39 12.78
CA GLY D 307 23.59 -13.22 12.73
C GLY D 307 24.18 -13.14 14.13
N PRO D 308 25.46 -12.81 14.23
CA PRO D 308 26.10 -12.74 15.55
C PRO D 308 25.44 -11.78 16.55
N ASP D 309 24.80 -10.70 16.10
CA ASP D 309 24.18 -9.75 17.00
C ASP D 309 22.67 -9.96 17.10
N CYS D 310 22.17 -11.02 16.47
CA CYS D 310 20.75 -11.33 16.53
C CYS D 310 20.48 -12.81 16.36
N TRP D 311 20.30 -13.48 17.49
CA TRP D 311 20.07 -14.90 17.53
C TRP D 311 19.27 -15.26 18.78
N GLY D 312 18.79 -16.49 18.86
CA GLY D 312 18.06 -16.93 20.05
C GLY D 312 16.69 -17.50 19.71
N LEU D 313 16.66 -18.82 19.52
CA LEU D 313 15.45 -19.55 19.17
C LEU D 313 14.95 -20.35 20.39
N THR D 314 13.69 -20.12 20.75
CA THR D 314 13.04 -20.86 21.84
C THR D 314 11.50 -20.83 21.63
N ALA D 315 10.77 -21.55 22.49
CA ALA D 315 9.31 -21.54 22.49
C ALA D 315 8.80 -20.15 22.85
N SER D 316 7.88 -19.66 22.05
CA SER D 316 7.35 -18.32 22.19
C SER D 316 6.16 -18.21 21.23
N TYR D 317 5.51 -17.06 21.30
CA TYR D 317 4.61 -16.64 20.26
C TYR D 317 5.32 -16.64 18.92
N SER D 318 4.60 -17.02 17.88
CA SER D 318 5.14 -17.17 16.54
C SER D 318 4.19 -16.48 15.55
N VAL D 319 4.69 -16.25 14.33
CA VAL D 319 3.86 -15.57 13.30
C VAL D 319 2.50 -16.25 13.15
N ASP D 320 2.49 -17.56 13.15
CA ASP D 320 1.26 -18.31 12.94
C ASP D 320 0.59 -18.75 14.25
N GLY D 321 1.00 -18.21 15.40
CA GLY D 321 0.42 -18.61 16.71
C GLY D 321 1.41 -18.73 17.85
N TYR D 322 1.77 -19.95 18.19
CA TYR D 322 2.77 -20.24 19.22
C TYR D 322 3.56 -21.45 18.73
N ALA D 323 4.89 -21.43 18.89
CA ALA D 323 5.68 -22.56 18.42
C ALA D 323 6.92 -22.77 19.28
N ALA D 324 7.34 -24.03 19.39
CA ALA D 324 8.59 -24.39 20.06
C ALA D 324 9.78 -24.24 19.08
N HIS D 325 10.15 -22.99 18.80
CA HIS D 325 11.30 -22.69 17.95
C HIS D 325 12.61 -23.23 18.56
N GLY D 326 13.49 -23.73 17.71
CA GLY D 326 14.76 -24.26 18.16
C GLY D 326 15.74 -24.28 17.01
N PRO D 327 16.99 -24.62 17.29
CA PRO D 327 18.08 -24.58 16.29
C PRO D 327 18.13 -25.78 15.35
N LEU D 328 17.04 -25.94 14.59
CA LEU D 328 16.90 -26.97 13.57
C LEU D 328 15.99 -26.39 12.49
N GLU D 329 16.30 -26.62 11.21
CA GLU D 329 15.50 -26.03 10.14
C GLU D 329 14.01 -26.25 10.34
N ARG D 330 13.68 -27.50 10.63
CA ARG D 330 12.33 -27.96 10.93
C ARG D 330 11.59 -27.05 11.93
N ASP D 331 12.29 -26.55 12.95
CA ASP D 331 11.70 -25.78 14.04
C ASP D 331 11.98 -24.28 13.99
N ASP D 332 12.53 -23.80 12.89
CA ASP D 332 12.85 -22.38 12.68
C ASP D 332 11.78 -21.76 11.79
N ARG D 333 11.02 -20.83 12.36
CA ARG D 333 9.88 -20.18 11.66
CA ARG D 333 9.89 -20.19 11.65
C ARG D 333 10.20 -18.74 11.32
N GLY D 334 11.47 -18.37 11.43
CA GLY D 334 11.93 -17.01 11.17
C GLY D 334 11.74 -16.06 12.33
N VAL D 335 11.48 -16.63 13.52
CA VAL D 335 11.12 -15.88 14.73
C VAL D 335 12.24 -15.91 15.77
N ILE D 336 12.69 -14.70 16.19
CA ILE D 336 13.67 -14.53 17.27
C ILE D 336 12.87 -14.13 18.52
N SER D 337 13.24 -14.76 19.64
CA SER D 337 12.60 -14.52 20.93
C SER D 337 13.69 -13.98 21.84
N PRO D 338 13.61 -12.67 22.20
CA PRO D 338 14.60 -12.05 23.08
C PRO D 338 15.01 -12.83 24.35
N THR D 339 14.06 -13.51 24.99
CA THR D 339 14.38 -14.24 26.19
C THR D 339 15.45 -15.33 25.97
N ALA D 340 15.57 -15.88 24.76
CA ALA D 340 16.55 -16.93 24.48
C ALA D 340 18.02 -16.49 24.77
N ALA D 341 18.53 -15.54 24.00
CA ALA D 341 19.90 -15.05 24.16
C ALA D 341 20.08 -14.33 25.48
N LEU D 342 19.10 -13.52 25.86
CA LEU D 342 19.25 -12.66 26.99
C LEU D 342 19.28 -13.46 28.30
N SER D 343 18.45 -14.48 28.42
CA SER D 343 18.41 -15.30 29.63
C SER D 343 19.62 -16.24 29.72
N SER D 344 20.40 -16.34 28.63
CA SER D 344 21.69 -17.10 28.64
C SER D 344 22.88 -16.19 28.93
N ILE D 345 22.61 -14.95 29.38
CA ILE D 345 23.66 -14.00 29.77
C ILE D 345 24.68 -14.62 30.75
N VAL D 346 24.20 -15.48 31.65
CA VAL D 346 25.08 -16.14 32.60
C VAL D 346 26.10 -17.12 31.94
N TYR D 347 25.72 -17.68 30.79
CA TYR D 347 26.57 -18.64 30.05
C TYR D 347 27.51 -17.93 29.06
N THR D 348 26.96 -16.98 28.31
CA THR D 348 27.61 -16.36 27.17
C THR D 348 27.47 -14.85 27.28
N PRO D 349 27.99 -14.25 28.37
CA PRO D 349 27.70 -12.85 28.66
C PRO D 349 28.00 -11.84 27.52
N ASP D 350 29.15 -11.95 26.90
CA ASP D 350 29.53 -11.02 25.84
C ASP D 350 28.59 -11.10 24.64
N GLN D 351 28.25 -12.32 24.24
CA GLN D 351 27.38 -12.55 23.12
C GLN D 351 25.96 -12.13 23.42
N SER D 352 25.50 -12.39 24.65
CA SER D 352 24.17 -12.08 25.08
C SER D 352 24.00 -10.55 25.22
N LEU D 353 25.05 -9.89 25.71
CA LEU D 353 25.05 -8.45 25.78
C LEU D 353 25.10 -7.81 24.38
N GLN D 354 25.74 -8.46 23.41
CA GLN D 354 25.72 -7.98 22.01
C GLN D 354 24.30 -7.98 21.44
N VAL D 355 23.59 -9.09 21.64
CA VAL D 355 22.18 -9.19 21.22
C VAL D 355 21.33 -8.14 21.93
N HIS D 357 22.07 -5.19 23.23
CA HIS D 357 22.30 -3.87 22.59
C HIS D 357 21.62 -3.73 21.25
N HIS D 358 21.73 -4.79 20.45
CA HIS D 358 21.20 -4.82 19.10
C HIS D 358 19.66 -4.70 19.12
N LEU D 359 19.02 -5.49 20.00
CA LEU D 359 17.55 -5.48 20.12
C LEU D 359 17.06 -4.11 20.61
N TYR D 360 17.75 -3.55 21.59
CA TYR D 360 17.40 -2.22 22.13
C TYR D 360 17.47 -1.15 21.01
N GLU D 361 18.51 -1.25 20.20
CA GLU D 361 18.68 -0.32 19.08
C GLU D 361 17.57 -0.43 18.00
N GLY D 363 14.50 -0.31 18.80
CA GLY D 363 13.53 0.67 19.29
C GLY D 363 12.24 0.06 19.78
N ASP D 364 11.22 0.92 19.80
CA ASP D 364 9.82 0.66 20.24
C ASP D 364 9.16 -0.58 19.72
N LYS D 365 9.50 -0.97 18.50
CA LYS D 365 8.88 -2.14 17.88
C LYS D 365 9.26 -3.45 18.60
N VAL D 366 10.40 -3.48 19.30
CA VAL D 366 10.91 -4.65 20.06
CA VAL D 366 10.81 -4.67 20.10
C VAL D 366 11.01 -4.39 21.58
N PHE D 367 11.36 -3.16 21.98
CA PHE D 367 11.53 -2.82 23.40
C PHE D 367 10.38 -1.95 23.87
N GLY D 368 9.44 -2.58 24.57
CA GLY D 368 8.23 -1.91 25.02
C GLY D 368 8.31 -1.44 26.46
N PRO D 369 7.19 -0.96 27.00
CA PRO D 369 7.15 -0.42 28.37
C PRO D 369 7.48 -1.42 29.50
N TYR D 370 7.25 -2.72 29.27
CA TYR D 370 7.64 -3.76 30.22
C TYR D 370 8.80 -4.64 29.70
N GLY D 371 9.68 -4.04 28.94
CA GLY D 371 10.83 -4.73 28.42
C GLY D 371 10.62 -5.23 27.02
N PHE D 372 11.47 -6.14 26.60
CA PHE D 372 11.39 -6.66 25.24
C PHE D 372 10.12 -7.46 25.08
N TYR D 373 9.51 -7.33 23.90
CA TYR D 373 8.32 -8.08 23.56
C TYR D 373 8.68 -9.50 23.30
N ASP D 374 7.65 -10.35 23.26
CA ASP D 374 7.90 -11.76 23.31
C ASP D 374 8.77 -12.34 22.21
N ALA D 375 8.51 -11.90 20.98
CA ALA D 375 9.04 -12.53 19.77
C ALA D 375 8.84 -11.57 18.60
N PHE D 376 9.71 -11.70 17.60
CA PHE D 376 9.56 -10.97 16.35
C PHE D 376 10.14 -11.68 15.16
N SER D 377 9.62 -11.37 13.98
CA SER D 377 10.15 -11.87 12.70
C SER D 377 10.42 -10.69 11.77
N GLU D 378 11.69 -10.40 11.52
CA GLU D 378 12.04 -9.35 10.57
C GLU D 378 11.61 -9.73 9.16
N THR D 379 11.63 -11.01 8.85
CA THR D 379 11.24 -11.52 7.54
C THR D 379 9.76 -11.29 7.25
N ALA D 380 8.92 -11.53 8.24
CA ALA D 380 7.48 -11.41 8.07
C ALA D 380 6.97 -10.02 8.47
N ASP D 381 7.87 -9.11 8.90
CA ASP D 381 7.50 -7.77 9.40
C ASP D 381 6.47 -7.93 10.53
N TRP D 382 6.75 -8.86 11.44
CA TRP D 382 5.81 -9.25 12.51
C TRP D 382 6.41 -8.86 13.84
N TYR D 383 5.84 -7.83 14.47
CA TYR D 383 6.39 -7.23 15.70
C TYR D 383 5.24 -7.04 16.71
N PRO D 384 4.78 -8.14 17.32
CA PRO D 384 3.64 -8.00 18.23
C PRO D 384 4.09 -7.29 19.50
N LYS D 385 3.24 -6.40 19.99
CA LYS D 385 3.47 -5.74 21.24
C LYS D 385 2.84 -6.58 22.36
N ARG D 386 3.40 -7.74 22.61
CA ARG D 386 2.82 -8.73 23.50
C ARG D 386 3.90 -9.35 24.35
N TYR D 387 3.51 -9.78 25.56
CA TYR D 387 4.39 -10.36 26.55
C TYR D 387 3.82 -11.68 27.10
N LEU D 388 4.72 -12.57 27.54
CA LEU D 388 4.39 -13.78 28.29
C LEU D 388 5.24 -13.86 29.55
N ALA D 389 4.61 -14.13 30.69
CA ALA D 389 5.32 -14.22 31.98
C ALA D 389 6.53 -15.14 31.91
N ILE D 390 6.40 -16.30 31.25
CA ILE D 390 7.47 -17.29 31.30
C ILE D 390 8.68 -16.91 30.43
N ASP D 391 8.48 -15.96 29.49
CA ASP D 391 9.59 -15.42 28.70
C ASP D 391 10.22 -14.17 29.40
N GLN D 392 9.41 -13.33 30.03
CA GLN D 392 9.89 -12.16 30.78
C GLN D 392 10.69 -12.49 32.05
N GLY D 393 10.24 -13.49 32.79
CA GLY D 393 10.81 -13.78 34.07
C GLY D 393 12.28 -14.14 34.02
N PRO D 394 12.65 -15.12 33.18
CA PRO D 394 14.08 -15.44 33.07
C PRO D 394 14.99 -14.30 32.60
N ILE D 395 14.48 -13.31 31.89
CA ILE D 395 15.34 -12.16 31.50
C ILE D 395 15.77 -11.44 32.77
N ALA D 396 14.80 -11.09 33.62
CA ALA D 396 15.11 -10.31 34.82
C ALA D 396 16.05 -11.07 35.78
N VAL D 397 15.73 -12.34 35.97
CA VAL D 397 16.35 -13.23 36.93
C VAL D 397 17.75 -13.55 36.55
N ILE D 399 19.69 -11.88 34.30
CA ILE D 399 20.52 -10.67 34.37
C ILE D 399 20.97 -10.44 35.84
N GLU D 400 20.05 -10.57 36.78
CA GLU D 400 20.40 -10.43 38.20
C GLU D 400 21.43 -11.45 38.64
N ASN D 401 21.25 -12.70 38.23
CA ASN D 401 22.22 -13.74 38.57
C ASN D 401 23.62 -13.44 38.02
N TYR D 402 23.70 -12.99 36.77
CA TYR D 402 24.98 -12.55 36.20
C TYR D 402 25.57 -11.37 36.97
N ARG D 403 24.75 -10.41 37.37
CA ARG D 403 25.23 -9.22 38.06
C ARG D 403 25.65 -9.48 39.53
N THR D 404 24.88 -10.27 40.28
CA THR D 404 25.11 -10.43 41.74
C THR D 404 24.99 -11.85 42.30
N GLY D 405 24.49 -12.78 41.49
CA GLY D 405 24.21 -14.13 41.92
C GLY D 405 23.08 -14.25 42.94
N LEU D 406 22.25 -13.20 43.09
CA LEU D 406 21.22 -13.10 44.16
C LEU D 406 20.35 -14.34 44.31
N LEU D 407 19.73 -14.78 43.22
CA LEU D 407 18.76 -15.94 43.28
C LEU D 407 19.46 -17.28 43.53
N TRP D 408 20.62 -17.45 42.92
CA TRP D 408 21.45 -18.63 43.13
C TRP D 408 21.88 -18.76 44.58
N LYS D 409 22.39 -17.65 45.10
CA LYS D 409 22.77 -17.56 46.49
C LYS D 409 21.61 -17.90 47.45
N LEU D 410 20.42 -17.37 47.15
CA LEU D 410 19.27 -17.62 48.02
C LEU D 410 18.81 -19.08 48.00
N PHE D 411 18.62 -19.62 46.81
CA PHE D 411 18.08 -21.00 46.61
C PHE D 411 19.03 -22.05 47.08
N SER D 413 21.22 -21.86 49.35
CA SER D 413 21.31 -21.80 50.81
C SER D 413 20.14 -22.46 51.57
N HIS D 414 19.08 -22.85 50.87
CA HIS D 414 17.98 -23.54 51.51
C HIS D 414 18.46 -24.92 51.92
N PRO D 415 18.28 -25.26 53.21
CA PRO D 415 18.74 -26.52 53.76
C PRO D 415 18.14 -27.79 53.16
N ASP D 416 16.86 -27.75 52.80
CA ASP D 416 16.21 -28.89 52.15
C ASP D 416 16.76 -29.07 50.76
N VAL D 417 16.98 -27.98 50.05
CA VAL D 417 17.58 -28.00 48.71
C VAL D 417 18.97 -28.64 48.75
N GLN D 418 19.80 -28.25 49.73
CA GLN D 418 21.10 -28.88 49.86
CA GLN D 418 21.10 -28.86 49.95
C GLN D 418 20.98 -30.36 50.18
N ASN D 419 20.04 -30.74 51.05
CA ASN D 419 19.85 -32.14 51.39
C ASN D 419 19.39 -32.97 50.18
N GLY D 420 18.50 -32.40 49.37
CA GLY D 420 18.05 -33.10 48.16
C GLY D 420 19.14 -33.24 47.11
N LEU D 421 20.01 -32.23 46.97
CA LEU D 421 21.12 -32.30 46.02
C LEU D 421 22.13 -33.42 46.43
N LYS D 422 22.45 -33.47 47.72
CA LYS D 422 23.26 -34.52 48.30
C LYS D 422 22.68 -35.91 48.05
N LYS D 423 21.39 -36.08 48.32
CA LYS D 423 20.70 -37.37 48.10
C LYS D 423 20.84 -37.90 46.66
N LEU D 424 20.76 -36.99 45.68
CA LEU D 424 20.84 -37.33 44.27
C LEU D 424 22.26 -37.46 43.71
N GLY D 425 23.26 -37.07 44.50
CA GLY D 425 24.67 -37.20 44.12
C GLY D 425 25.23 -35.98 43.38
N PHE D 426 24.58 -34.83 43.52
CA PHE D 426 25.18 -33.60 43.05
C PHE D 426 26.36 -33.18 43.93
N ASN D 427 27.32 -32.50 43.30
CA ASN D 427 28.40 -31.82 44.00
C ASN D 427 28.60 -30.47 43.35
N VAL D 428 29.14 -29.53 44.12
CA VAL D 428 29.54 -28.23 43.62
C VAL D 428 31.02 -28.04 43.91
N LYS D 429 31.81 -27.87 42.84
CA LYS D 429 33.23 -27.55 42.94
C LYS D 429 33.52 -26.41 41.98
N LYS D 430 33.46 -25.18 42.50
CA LYS D 430 33.73 -24.00 41.70
C LYS D 430 35.25 -23.84 41.50
#